data_2B34
#
_entry.id   2B34
#
_cell.length_a   89.545
_cell.length_b   113.973
_cell.length_c   151.322
_cell.angle_alpha   90.00
_cell.angle_beta   90.00
_cell.angle_gamma   90.00
#
_symmetry.space_group_name_H-M   'P 21 21 21'
#
loop_
_entity.id
_entity.type
_entity.pdbx_description
1 polymer 'MAR1 Ribonuclease'
2 water water
#
_entity_poly.entity_id   1
_entity_poly.type   'polypeptide(L)'
_entity_poly.pdbx_seq_one_letter_code
;MAARKLIARINPTNSALFVCDLQEKFASNIKYFPEIITTSRRLIDAARILSIPTIVTEQYPKGLGHTVPTLKEGLAENTP
IFDKTKFSMCIPPTEDTLKKVQNVILVGIEAHVCVLQTTYDLLERGLNVHVVVDAVSSRSHTDRHFAFKQMEQAGAILTT
SEATILGLVGGSDHPKFKEVQKLILTSAPDTGLVPLSKL
;
_entity_poly.pdbx_strand_id   A,B,C,D,E,F,G,H
#
# COMPACT_ATOMS: atom_id res chain seq x y z
N ALA A 8 3.81 7.19 -25.65
CA ALA A 8 5.10 7.40 -26.38
C ALA A 8 4.89 7.20 -27.88
N ARG A 9 4.74 8.32 -28.60
CA ARG A 9 4.44 8.28 -30.03
C ARG A 9 5.60 8.81 -30.87
N ILE A 10 6.38 7.89 -31.41
CA ILE A 10 7.53 8.22 -32.24
C ILE A 10 7.13 8.79 -33.58
N ASN A 11 7.83 9.86 -33.97
CA ASN A 11 7.82 10.35 -35.34
C ASN A 11 9.23 10.81 -35.69
N PRO A 12 9.52 11.07 -36.98
CA PRO A 12 10.87 11.48 -37.39
C PRO A 12 11.42 12.75 -36.71
N THR A 13 10.53 13.57 -36.14
CA THR A 13 10.96 14.85 -35.54
C THR A 13 11.23 14.81 -34.04
N ASN A 14 10.83 13.73 -33.37
CA ASN A 14 11.04 13.62 -31.92
C ASN A 14 11.94 12.45 -31.50
N SER A 15 12.59 11.82 -32.48
CA SER A 15 13.30 10.56 -32.27
C SER A 15 14.78 10.58 -32.68
N ALA A 16 15.56 9.71 -32.05
CA ALA A 16 16.94 9.46 -32.46
C ALA A 16 17.20 7.96 -32.52
N LEU A 17 18.04 7.56 -33.47
CA LEU A 17 18.48 6.16 -33.55
C LEU A 17 19.83 5.99 -32.88
N PHE A 18 19.87 5.11 -31.88
CA PHE A 18 21.11 4.77 -31.20
C PHE A 18 21.57 3.39 -31.66
N VAL A 19 22.77 3.32 -32.23
CA VAL A 19 23.38 2.06 -32.66
C VAL A 19 24.52 1.74 -31.71
N CYS A 20 24.34 0.76 -30.84
CA CYS A 20 25.39 0.51 -29.85
C CYS A 20 26.25 -0.73 -30.08
N ASP A 21 27.54 -0.45 -30.30
CA ASP A 21 28.60 -1.42 -30.18
C ASP A 21 28.49 -2.62 -31.13
N LEU A 22 27.90 -2.40 -32.30
CA LEU A 22 27.81 -3.44 -33.33
C LEU A 22 29.11 -3.53 -34.11
N GLN A 23 30.13 -4.10 -33.47
CA GLN A 23 31.49 -4.10 -33.98
C GLN A 23 31.97 -5.45 -34.44
N GLU A 24 33.04 -5.42 -35.23
CA GLU A 24 33.60 -6.57 -35.93
C GLU A 24 33.93 -7.78 -35.07
N LYS A 25 34.63 -7.58 -33.96
CA LYS A 25 35.08 -8.68 -33.10
C LYS A 25 33.97 -9.42 -32.36
N PHE A 26 32.74 -8.92 -32.45
CA PHE A 26 31.59 -9.56 -31.83
C PHE A 26 30.94 -10.61 -32.74
N ALA A 27 31.31 -10.60 -34.01
CA ALA A 27 30.63 -11.39 -35.05
C ALA A 27 30.38 -12.85 -34.69
N SER A 28 31.36 -13.49 -34.05
CA SER A 28 31.29 -14.91 -33.79
C SER A 28 30.82 -15.21 -32.35
N ASN A 29 30.53 -14.17 -31.58
CA ASN A 29 30.15 -14.34 -30.18
C ASN A 29 28.77 -13.79 -29.84
N ILE A 30 27.93 -13.59 -30.84
CA ILE A 30 26.58 -13.04 -30.61
C ILE A 30 25.55 -13.90 -31.32
N LYS A 31 24.54 -14.36 -30.58
CA LYS A 31 23.44 -15.13 -31.18
C LYS A 31 22.75 -14.28 -32.24
N TYR A 32 22.56 -14.86 -33.42
CA TYR A 32 21.94 -14.20 -34.58
C TYR A 32 22.63 -12.91 -34.99
N PHE A 33 23.96 -12.90 -34.97
CA PHE A 33 24.71 -11.71 -35.36
C PHE A 33 24.39 -11.24 -36.80
N PRO A 34 24.46 -12.15 -37.79
CA PRO A 34 24.13 -11.75 -39.16
C PRO A 34 22.72 -11.17 -39.33
N GLU A 35 21.75 -11.76 -38.65
CA GLU A 35 20.34 -11.31 -38.72
C GLU A 35 20.19 -9.90 -38.16
N ILE A 36 20.80 -9.68 -37.01
CA ILE A 36 20.77 -8.42 -36.28
C ILE A 36 21.44 -7.28 -37.07
N ILE A 37 22.50 -7.61 -37.80
CA ILE A 37 23.16 -6.66 -38.70
C ILE A 37 22.23 -6.27 -39.84
N THR A 38 21.65 -7.26 -40.51
CA THR A 38 20.68 -7.01 -41.57
C THR A 38 19.54 -6.11 -41.08
N THR A 39 19.00 -6.42 -39.92
CA THR A 39 17.87 -5.68 -39.37
C THR A 39 18.28 -4.30 -38.84
N SER A 40 19.44 -4.21 -38.20
CA SER A 40 19.99 -2.91 -37.79
C SER A 40 20.23 -2.01 -39.00
N ARG A 41 20.67 -2.60 -40.12
CA ARG A 41 20.85 -1.83 -41.37
C ARG A 41 19.53 -1.24 -41.88
N ARG A 42 18.42 -1.96 -41.68
CA ARG A 42 17.08 -1.46 -42.05
C ARG A 42 16.71 -0.20 -41.29
N LEU A 43 17.00 -0.16 -39.99
CA LEU A 43 16.72 1.00 -39.17
C LEU A 43 17.62 2.18 -39.50
N ILE A 44 18.90 1.90 -39.73
CA ILE A 44 19.86 2.90 -40.18
C ILE A 44 19.42 3.55 -41.51
N ASP A 45 18.99 2.73 -42.46
CA ASP A 45 18.46 3.21 -43.74
C ASP A 45 17.20 4.04 -43.54
N ALA A 46 16.30 3.55 -42.68
CA ALA A 46 15.06 4.26 -42.36
C ALA A 46 15.35 5.61 -41.72
N ALA A 47 16.33 5.67 -40.81
CA ALA A 47 16.71 6.92 -40.17
C ALA A 47 17.29 7.95 -41.16
N ARG A 48 18.12 7.47 -42.10
CA ARG A 48 18.67 8.32 -43.15
C ARG A 48 17.57 8.88 -44.05
N ILE A 49 16.65 8.02 -44.45
CA ILE A 49 15.51 8.37 -45.30
C ILE A 49 14.63 9.43 -44.63
N LEU A 50 14.35 9.23 -43.34
CA LEU A 50 13.43 10.09 -42.59
C LEU A 50 14.12 11.26 -41.88
N SER A 51 15.42 11.41 -42.10
CA SER A 51 16.22 12.49 -41.49
C SER A 51 16.18 12.43 -39.96
N ILE A 52 16.22 11.22 -39.41
CA ILE A 52 16.26 10.99 -37.97
C ILE A 52 17.71 10.95 -37.52
N PRO A 53 18.08 11.79 -36.52
CA PRO A 53 19.43 11.82 -35.98
C PRO A 53 19.89 10.44 -35.55
N THR A 54 21.08 10.04 -36.00
CA THR A 54 21.66 8.74 -35.66
C THR A 54 22.93 8.95 -34.85
N ILE A 55 23.10 8.13 -33.81
CA ILE A 55 24.29 8.13 -32.96
C ILE A 55 24.83 6.70 -32.90
N VAL A 56 26.15 6.56 -33.11
CA VAL A 56 26.81 5.26 -33.05
C VAL A 56 27.88 5.29 -31.97
N THR A 57 27.90 4.26 -31.12
CA THR A 57 29.01 4.07 -30.18
C THR A 57 29.81 2.82 -30.52
N GLU A 58 31.10 2.85 -30.19
CA GLU A 58 31.96 1.69 -30.28
C GLU A 58 32.67 1.47 -28.95
N GLN A 59 32.53 0.27 -28.40
CA GLN A 59 33.18 -0.11 -27.14
C GLN A 59 34.62 -0.51 -27.40
N TYR A 60 35.54 0.15 -26.70
CA TYR A 60 36.98 -0.14 -26.79
C TYR A 60 37.41 -0.63 -28.18
N PRO A 61 37.26 0.22 -29.22
CA PRO A 61 37.56 -0.22 -30.59
C PRO A 61 39.00 -0.69 -30.85
N LYS A 62 39.91 -0.43 -29.91
CA LYS A 62 41.29 -0.92 -30.00
C LYS A 62 41.33 -2.45 -29.90
N GLY A 63 40.48 -3.02 -29.05
CA GLY A 63 40.42 -4.46 -28.87
C GLY A 63 39.26 -5.11 -29.62
N LEU A 64 38.18 -4.36 -29.82
CA LEU A 64 36.94 -4.92 -30.35
C LEU A 64 36.69 -4.54 -31.82
N GLY A 65 37.56 -3.71 -32.37
CA GLY A 65 37.42 -3.25 -33.75
C GLY A 65 36.30 -2.23 -33.89
N HIS A 66 35.94 -1.94 -35.14
CA HIS A 66 34.99 -0.87 -35.43
C HIS A 66 33.61 -1.38 -35.89
N THR A 67 32.65 -0.48 -35.96
CA THR A 67 31.31 -0.78 -36.48
C THR A 67 31.38 -1.55 -37.80
N VAL A 68 30.62 -2.64 -37.89
CA VAL A 68 30.51 -3.49 -39.08
C VAL A 68 30.29 -2.63 -40.35
N PRO A 69 31.17 -2.82 -41.36
CA PRO A 69 31.15 -2.05 -42.61
C PRO A 69 29.77 -1.77 -43.21
N THR A 70 28.94 -2.80 -43.36
CA THR A 70 27.61 -2.66 -43.94
C THR A 70 26.75 -1.61 -43.24
N LEU A 71 26.87 -1.53 -41.91
CA LEU A 71 26.11 -0.56 -41.13
C LEU A 71 26.60 0.86 -41.38
N LYS A 72 27.91 1.03 -41.46
CA LYS A 72 28.53 2.32 -41.76
C LYS A 72 28.16 2.83 -43.14
N GLU A 73 28.02 1.91 -44.09
CA GLU A 73 27.63 2.23 -45.48
C GLU A 73 26.28 2.94 -45.55
N GLY A 74 25.38 2.59 -44.65
CA GLY A 74 24.03 3.16 -44.64
C GLY A 74 23.85 4.41 -43.81
N LEU A 75 24.81 4.71 -42.95
CA LEU A 75 24.70 5.84 -42.01
C LEU A 75 24.44 7.16 -42.72
N ALA A 76 23.54 7.95 -42.15
CA ALA A 76 23.28 9.31 -42.61
C ALA A 76 24.56 10.13 -42.62
N GLU A 77 24.61 11.12 -43.49
CA GLU A 77 25.84 11.84 -43.84
C GLU A 77 26.73 12.39 -42.72
N ASN A 78 26.14 12.98 -41.70
CA ASN A 78 26.93 13.60 -40.62
C ASN A 78 26.82 12.87 -39.29
N THR A 79 26.80 11.53 -39.35
CA THR A 79 26.57 10.70 -38.18
C THR A 79 27.79 10.60 -37.26
N PRO A 80 27.66 11.03 -35.99
CA PRO A 80 28.73 10.90 -35.01
C PRO A 80 28.97 9.44 -34.63
N ILE A 81 30.23 9.08 -34.43
CA ILE A 81 30.62 7.79 -33.92
C ILE A 81 31.58 8.01 -32.75
N PHE A 82 31.14 7.65 -31.56
CA PHE A 82 31.93 7.88 -30.34
C PHE A 82 32.48 6.57 -29.77
N ASP A 83 33.71 6.61 -29.30
CA ASP A 83 34.27 5.48 -28.57
C ASP A 83 34.01 5.62 -27.07
N LYS A 84 34.00 4.50 -26.36
CA LYS A 84 33.73 4.48 -24.93
C LYS A 84 34.24 3.20 -24.27
N THR A 85 34.41 3.26 -22.96
CA THR A 85 34.71 2.09 -22.14
C THR A 85 33.55 1.80 -21.19
N LYS A 86 32.81 2.85 -20.84
CA LYS A 86 31.55 2.72 -20.10
C LYS A 86 30.56 1.93 -20.95
N PHE A 87 29.75 1.09 -20.33
CA PHE A 87 28.83 0.23 -21.08
C PHE A 87 27.66 1.03 -21.66
N SER A 88 27.20 2.04 -20.95
CA SER A 88 26.12 2.89 -21.43
C SER A 88 26.54 3.84 -22.54
N MET A 89 25.67 4.01 -23.53
CA MET A 89 25.86 4.97 -24.62
C MET A 89 25.70 6.41 -24.16
N CYS A 90 25.11 6.60 -22.97
CA CYS A 90 24.86 7.93 -22.45
C CYS A 90 26.14 8.54 -21.88
N ILE A 91 26.95 9.04 -22.79
CA ILE A 91 28.21 9.73 -22.49
C ILE A 91 28.05 11.21 -22.84
N PRO A 92 28.87 12.10 -22.24
CA PRO A 92 28.77 13.54 -22.51
C PRO A 92 28.50 13.97 -23.97
N PRO A 93 29.24 13.41 -24.96
CA PRO A 93 28.97 13.76 -26.38
C PRO A 93 27.56 13.50 -26.90
N THR A 94 26.77 12.69 -26.21
CA THR A 94 25.41 12.36 -26.66
C THR A 94 24.34 13.24 -26.01
N GLU A 95 24.75 14.08 -25.05
CA GLU A 95 23.81 14.89 -24.28
C GLU A 95 23.00 15.88 -25.11
N ASP A 96 23.67 16.63 -25.99
CA ASP A 96 23.00 17.61 -26.86
C ASP A 96 21.97 16.99 -27.79
N THR A 97 22.27 15.80 -28.32
CA THR A 97 21.32 15.02 -29.13
C THR A 97 20.08 14.66 -28.31
N LEU A 98 20.31 14.20 -27.09
CA LEU A 98 19.23 13.72 -26.21
C LEU A 98 18.31 14.84 -25.70
N LYS A 99 18.83 16.06 -25.61
CA LYS A 99 18.03 17.21 -25.21
C LYS A 99 17.09 17.68 -26.32
N LYS A 100 17.34 17.23 -27.54
CA LYS A 100 16.52 17.59 -28.70
C LYS A 100 15.41 16.59 -28.99
N VAL A 101 15.48 15.40 -28.39
CA VAL A 101 14.51 14.34 -28.65
C VAL A 101 13.75 13.86 -27.41
N GLN A 102 12.62 13.18 -27.65
CA GLN A 102 11.82 12.59 -26.57
C GLN A 102 11.86 11.06 -26.65
N ASN A 103 12.29 10.54 -27.80
CA ASN A 103 12.32 9.11 -28.06
C ASN A 103 13.67 8.62 -28.59
N VAL A 104 14.15 7.49 -28.06
CA VAL A 104 15.32 6.83 -28.60
C VAL A 104 14.97 5.42 -29.09
N ILE A 105 15.29 5.16 -30.35
CA ILE A 105 15.18 3.84 -30.94
C ILE A 105 16.54 3.19 -30.78
N LEU A 106 16.57 2.01 -30.17
CA LEU A 106 17.82 1.37 -29.79
C LEU A 106 18.05 0.02 -30.46
N VAL A 107 19.18 -0.09 -31.15
CA VAL A 107 19.64 -1.35 -31.73
C VAL A 107 21.05 -1.65 -31.22
N GLY A 108 21.48 -2.90 -31.31
CA GLY A 108 22.84 -3.23 -30.95
C GLY A 108 23.01 -4.31 -29.91
N ILE A 109 24.20 -4.42 -29.36
CA ILE A 109 24.59 -5.63 -28.65
C ILE A 109 25.16 -5.54 -27.27
N GLU A 110 25.26 -6.72 -26.65
CA GLU A 110 25.11 -6.91 -25.22
C GLU A 110 23.77 -6.31 -24.82
N ALA A 111 22.71 -7.03 -25.19
CA ALA A 111 21.34 -6.70 -24.80
C ALA A 111 21.24 -6.50 -23.30
N HIS A 112 21.98 -7.31 -22.55
CA HIS A 112 21.95 -7.30 -21.09
C HIS A 112 23.07 -6.46 -20.48
N VAL A 113 23.85 -5.79 -21.33
CA VAL A 113 24.94 -4.92 -20.87
C VAL A 113 24.80 -3.50 -21.44
N CYS A 114 25.41 -3.20 -22.60
CA CYS A 114 25.31 -1.86 -23.23
C CYS A 114 23.87 -1.43 -23.41
N VAL A 115 23.06 -2.30 -24.02
CA VAL A 115 21.69 -1.96 -24.40
C VAL A 115 20.85 -1.73 -23.15
N LEU A 116 21.00 -2.61 -22.16
CA LEU A 116 20.28 -2.49 -20.89
C LEU A 116 20.71 -1.25 -20.11
N GLN A 117 22.03 -1.08 -19.95
CA GLN A 117 22.56 0.09 -19.23
C GLN A 117 22.22 1.40 -19.92
N THR A 118 22.31 1.42 -21.25
CA THR A 118 21.88 2.58 -22.04
C THR A 118 20.41 2.86 -21.79
N THR A 119 19.58 1.81 -21.90
CA THR A 119 18.13 1.87 -21.66
C THR A 119 17.80 2.51 -20.32
N TYR A 120 18.43 2.03 -19.24
CA TYR A 120 18.23 2.58 -17.89
C TYR A 120 18.61 4.05 -17.80
N ASP A 121 19.79 4.39 -18.33
CA ASP A 121 20.27 5.77 -18.37
C ASP A 121 19.33 6.69 -19.13
N LEU A 122 18.84 6.22 -20.28
CA LEU A 122 17.89 6.97 -21.10
C LEU A 122 16.57 7.20 -20.37
N LEU A 123 16.04 6.15 -19.75
CA LEU A 123 14.79 6.23 -19.00
C LEU A 123 14.91 7.18 -17.80
N GLU A 124 16.07 7.20 -17.15
CA GLU A 124 16.37 8.13 -16.06
C GLU A 124 16.28 9.59 -16.50
N ARG A 125 16.68 9.86 -17.74
CA ARG A 125 16.63 11.20 -18.33
C ARG A 125 15.22 11.59 -18.81
N GLY A 126 14.24 10.70 -18.62
CA GLY A 126 12.86 10.97 -19.01
C GLY A 126 12.56 10.73 -20.48
N LEU A 127 13.47 10.04 -21.16
CA LEU A 127 13.28 9.69 -22.57
C LEU A 127 12.50 8.38 -22.69
N ASN A 128 11.72 8.26 -23.76
CA ASN A 128 11.11 6.97 -24.09
C ASN A 128 12.09 6.13 -24.89
N VAL A 129 12.21 4.86 -24.53
CA VAL A 129 13.15 3.94 -25.20
C VAL A 129 12.39 2.86 -25.96
N HIS A 130 12.63 2.81 -27.27
CA HIS A 130 12.06 1.80 -28.14
C HIS A 130 13.14 0.79 -28.52
N VAL A 131 13.09 -0.37 -27.86
CA VAL A 131 14.07 -1.44 -28.05
C VAL A 131 13.62 -2.32 -29.20
N VAL A 132 14.43 -2.34 -30.26
CA VAL A 132 14.14 -3.13 -31.45
C VAL A 132 14.67 -4.55 -31.23
N VAL A 133 13.77 -5.44 -30.79
CA VAL A 133 14.16 -6.77 -30.32
C VAL A 133 14.78 -7.67 -31.40
N ASP A 134 14.40 -7.46 -32.65
CA ASP A 134 14.98 -8.22 -33.76
C ASP A 134 16.30 -7.63 -34.29
N ALA A 135 16.80 -6.63 -33.59
CA ALA A 135 18.07 -5.98 -33.90
C ALA A 135 18.94 -5.89 -32.65
N VAL A 136 18.52 -6.60 -31.60
CA VAL A 136 19.21 -6.61 -30.30
C VAL A 136 19.45 -8.06 -29.85
N SER A 137 20.68 -8.38 -29.45
CA SER A 137 21.03 -9.74 -29.04
C SER A 137 22.21 -9.81 -28.05
N SER A 138 22.50 -11.03 -27.58
CA SER A 138 23.60 -11.28 -26.64
C SER A 138 24.36 -12.54 -27.05
N ARG A 139 25.45 -12.84 -26.35
CA ARG A 139 26.18 -14.09 -26.52
C ARG A 139 25.33 -15.28 -26.09
N SER A 140 24.60 -15.12 -24.99
CA SER A 140 23.71 -16.15 -24.46
C SER A 140 22.23 -15.80 -24.71
N HIS A 141 21.45 -16.81 -25.09
CA HIS A 141 19.99 -16.68 -25.26
C HIS A 141 19.30 -16.24 -23.97
N THR A 142 19.72 -16.79 -22.84
CA THR A 142 19.14 -16.48 -21.53
C THR A 142 19.37 -15.01 -21.16
N ASP A 143 20.59 -14.54 -21.39
CA ASP A 143 20.93 -13.13 -21.16
C ASP A 143 20.06 -12.18 -21.96
N ARG A 144 19.88 -12.49 -23.25
CA ARG A 144 19.03 -11.70 -24.16
C ARG A 144 17.56 -11.72 -23.73
N HIS A 145 17.07 -12.92 -23.42
CA HIS A 145 15.68 -13.12 -23.01
C HIS A 145 15.32 -12.23 -21.83
N PHE A 146 16.14 -12.29 -20.78
CA PHE A 146 15.87 -11.53 -19.58
C PHE A 146 16.27 -10.07 -19.68
N ALA A 147 17.15 -9.75 -20.62
CA ALA A 147 17.47 -8.36 -20.93
C ALA A 147 16.19 -7.64 -21.30
N PHE A 148 15.41 -8.24 -22.19
CA PHE A 148 14.14 -7.67 -22.66
C PHE A 148 13.15 -7.52 -21.50
N LYS A 149 13.11 -8.52 -20.62
CA LYS A 149 12.27 -8.49 -19.42
C LYS A 149 12.62 -7.33 -18.49
N GLN A 150 13.92 -7.15 -18.22
CA GLN A 150 14.39 -6.05 -17.39
C GLN A 150 14.11 -4.70 -18.01
N MET A 151 14.28 -4.63 -19.33
CA MET A 151 14.00 -3.40 -20.08
C MET A 151 12.54 -2.99 -19.95
N GLU A 152 11.63 -3.95 -20.15
CA GLU A 152 10.20 -3.65 -20.07
C GLU A 152 9.71 -3.40 -18.63
N GLN A 153 10.35 -4.05 -17.65
CA GLN A 153 10.08 -3.77 -16.23
C GLN A 153 10.36 -2.30 -15.91
N ALA A 154 11.43 -1.77 -16.50
CA ALA A 154 11.83 -0.37 -16.30
C ALA A 154 11.00 0.63 -17.09
N GLY A 155 10.23 0.15 -18.08
CA GLY A 155 9.36 1.01 -18.88
C GLY A 155 9.77 1.20 -20.33
N ALA A 156 10.75 0.41 -20.78
CA ALA A 156 11.16 0.43 -22.18
C ALA A 156 10.16 -0.31 -23.03
N ILE A 157 9.95 0.16 -24.25
CA ILE A 157 9.03 -0.50 -25.16
C ILE A 157 9.78 -1.54 -25.99
N LEU A 158 9.28 -2.77 -25.97
CA LEU A 158 9.84 -3.86 -26.75
C LEU A 158 9.13 -3.93 -28.09
N THR A 159 9.78 -3.38 -29.11
CA THR A 159 9.19 -3.26 -30.44
C THR A 159 9.99 -4.04 -31.46
N THR A 160 9.50 -4.07 -32.70
CA THR A 160 10.21 -4.72 -33.80
C THR A 160 10.52 -3.73 -34.91
N SER A 161 11.46 -4.10 -35.78
CA SER A 161 11.92 -3.22 -36.85
C SER A 161 10.78 -2.73 -37.76
N GLU A 162 9.94 -3.66 -38.22
CA GLU A 162 8.83 -3.29 -39.10
C GLU A 162 7.78 -2.44 -38.39
N ALA A 163 7.47 -2.80 -37.14
CA ALA A 163 6.58 -1.99 -36.30
C ALA A 163 7.10 -0.55 -36.18
N THR A 164 8.41 -0.42 -35.98
CA THR A 164 9.04 0.90 -35.81
C THR A 164 9.05 1.73 -37.11
N ILE A 165 9.46 1.12 -38.22
CA ILE A 165 9.57 1.83 -39.51
C ILE A 165 8.21 2.38 -39.93
N LEU A 166 7.20 1.53 -39.88
CA LEU A 166 5.84 1.90 -40.27
C LEU A 166 5.16 2.79 -39.25
N GLY A 167 5.55 2.65 -37.98
CA GLY A 167 5.07 3.52 -36.91
C GLY A 167 5.55 4.96 -37.09
N LEU A 168 6.77 5.11 -37.59
CA LEU A 168 7.35 6.43 -37.85
C LEU A 168 6.61 7.21 -38.93
N VAL A 169 6.11 6.51 -39.96
CA VAL A 169 5.44 7.19 -41.09
C VAL A 169 3.92 7.41 -40.90
N GLY A 170 3.29 6.55 -40.09
CA GLY A 170 1.90 6.75 -39.70
C GLY A 170 0.84 6.34 -40.70
N GLY A 171 1.23 6.30 -41.98
CA GLY A 171 0.30 5.94 -43.05
C GLY A 171 0.98 5.75 -44.39
N SER A 172 0.22 5.28 -45.38
CA SER A 172 0.73 5.01 -46.72
C SER A 172 0.83 6.27 -47.59
N ASP A 173 0.28 7.38 -47.11
CA ASP A 173 0.34 8.66 -47.80
C ASP A 173 1.50 9.56 -47.35
N HIS A 174 2.33 9.05 -46.45
CA HIS A 174 3.55 9.77 -46.03
C HIS A 174 4.46 9.94 -47.26
N PRO A 175 5.02 11.15 -47.44
CA PRO A 175 5.86 11.43 -48.63
C PRO A 175 7.03 10.45 -48.81
N LYS A 176 7.46 9.82 -47.73
CA LYS A 176 8.58 8.89 -47.74
C LYS A 176 8.18 7.43 -47.52
N PHE A 177 6.88 7.13 -47.63
CA PHE A 177 6.38 5.77 -47.38
C PHE A 177 6.92 4.73 -48.36
N LYS A 178 6.86 5.04 -49.65
CA LYS A 178 7.33 4.11 -50.69
C LYS A 178 8.83 3.81 -50.55
N GLU A 179 9.60 4.79 -50.09
CA GLU A 179 11.03 4.58 -49.84
C GLU A 179 11.28 3.63 -48.67
N VAL A 180 10.63 3.88 -47.54
CA VAL A 180 10.80 3.00 -46.37
C VAL A 180 10.17 1.62 -46.58
N GLN A 181 9.16 1.55 -47.47
CA GLN A 181 8.48 0.29 -47.79
C GLN A 181 9.42 -0.73 -48.43
N LYS A 182 10.38 -0.23 -49.23
CA LYS A 182 11.41 -1.07 -49.85
C LYS A 182 12.20 -1.85 -48.81
N LEU A 183 12.48 -1.20 -47.68
CA LEU A 183 13.27 -1.79 -46.59
C LEU A 183 12.54 -2.94 -45.88
N ILE A 184 11.22 -2.95 -45.98
CA ILE A 184 10.39 -3.93 -45.27
C ILE A 184 9.60 -4.87 -46.21
N LEU A 185 10.03 -4.95 -47.47
CA LEU A 185 9.36 -5.80 -48.46
C LEU A 185 9.35 -7.27 -48.04
N THR A 186 10.48 -7.73 -47.52
CA THR A 186 10.55 -9.04 -46.89
C THR A 186 10.58 -8.85 -45.38
N SER A 187 10.03 -9.82 -44.64
CA SER A 187 10.06 -9.79 -43.18
C SER A 187 11.50 -9.85 -42.67
N ALA A 188 11.78 -9.10 -41.62
CA ALA A 188 13.08 -9.14 -40.96
C ALA A 188 13.43 -10.59 -40.61
N PRO A 189 14.72 -10.96 -40.75
CA PRO A 189 15.12 -12.33 -40.42
C PRO A 189 14.74 -12.72 -38.99
N ASP A 190 14.23 -13.95 -38.85
CA ASP A 190 13.84 -14.51 -37.55
C ASP A 190 15.02 -14.66 -36.62
N THR A 191 14.81 -14.31 -35.35
CA THR A 191 15.82 -14.51 -34.31
C THR A 191 15.31 -15.33 -33.11
N GLY A 192 14.40 -16.26 -33.40
CA GLY A 192 13.90 -17.23 -32.42
C GLY A 192 13.17 -16.69 -31.21
N LEU A 193 12.57 -15.51 -31.36
CA LEU A 193 11.91 -14.81 -30.24
C LEU A 193 10.52 -15.34 -29.89
N VAL A 194 9.89 -16.06 -30.82
CA VAL A 194 8.53 -16.54 -30.64
C VAL A 194 8.55 -18.01 -30.20
N PRO A 195 7.90 -18.32 -29.05
CA PRO A 195 7.82 -19.70 -28.57
C PRO A 195 7.14 -20.65 -29.55
N LEU A 196 7.79 -21.79 -29.81
CA LEU A 196 7.21 -22.87 -30.58
C LEU A 196 5.90 -23.34 -29.93
N SER A 197 4.88 -23.56 -30.74
CA SER A 197 3.59 -24.02 -30.26
C SER A 197 3.24 -25.42 -30.75
N LYS A 198 3.86 -25.84 -31.86
CA LYS A 198 3.58 -27.12 -32.50
C LYS A 198 4.80 -27.66 -33.25
N LEU A 199 5.17 -28.91 -32.97
CA LEU A 199 6.26 -29.56 -33.68
C LEU A 199 5.78 -30.11 -35.01
N ALA B 8 -11.43 -2.54 -16.20
CA ALA B 8 -12.40 -2.29 -17.30
C ALA B 8 -13.35 -3.48 -17.42
N ARG B 9 -14.64 -3.22 -17.22
CA ARG B 9 -15.66 -4.28 -17.29
C ARG B 9 -16.59 -4.09 -18.47
N ILE B 10 -16.38 -4.87 -19.52
CA ILE B 10 -17.16 -4.76 -20.76
C ILE B 10 -18.60 -5.27 -20.65
N ASN B 11 -19.52 -4.55 -21.26
CA ASN B 11 -20.91 -4.98 -21.41
C ASN B 11 -21.48 -4.47 -22.74
N PRO B 12 -22.66 -4.98 -23.16
CA PRO B 12 -23.24 -4.56 -24.44
C PRO B 12 -23.53 -3.06 -24.61
N THR B 13 -23.60 -2.31 -23.52
CA THR B 13 -23.96 -0.88 -23.61
C THR B 13 -22.79 0.09 -23.47
N ASN B 14 -21.60 -0.43 -23.15
CA ASN B 14 -20.44 0.43 -22.94
C ASN B 14 -19.26 0.13 -23.89
N SER B 15 -19.51 -0.69 -24.90
CA SER B 15 -18.47 -1.17 -25.79
C SER B 15 -18.81 -1.00 -27.26
N ALA B 16 -17.75 -0.95 -28.08
CA ALA B 16 -17.87 -1.00 -29.53
C ALA B 16 -16.87 -2.02 -30.08
N LEU B 17 -17.21 -2.60 -31.23
CA LEU B 17 -16.32 -3.50 -31.92
C LEU B 17 -15.65 -2.80 -33.10
N PHE B 18 -14.32 -2.85 -33.12
CA PHE B 18 -13.53 -2.27 -34.20
C PHE B 18 -12.90 -3.39 -35.01
N VAL B 19 -13.20 -3.40 -36.30
CA VAL B 19 -12.70 -4.43 -37.22
C VAL B 19 -11.61 -3.86 -38.12
N CYS B 20 -10.37 -4.27 -37.87
CA CYS B 20 -9.22 -3.67 -38.53
C CYS B 20 -8.76 -4.37 -39.81
N ASP B 21 -9.13 -3.80 -40.95
CA ASP B 21 -8.49 -4.09 -42.25
C ASP B 21 -8.38 -5.56 -42.64
N LEU B 22 -9.43 -6.34 -42.35
CA LEU B 22 -9.41 -7.76 -42.70
C LEU B 22 -9.75 -7.96 -44.18
N GLN B 23 -8.78 -7.68 -45.03
CA GLN B 23 -8.99 -7.60 -46.48
C GLN B 23 -8.45 -8.79 -47.25
N GLU B 24 -9.00 -8.98 -48.44
CA GLU B 24 -8.77 -10.16 -49.28
C GLU B 24 -7.31 -10.42 -49.63
N LYS B 25 -6.56 -9.37 -49.94
CA LYS B 25 -5.18 -9.54 -50.43
C LYS B 25 -4.16 -9.84 -49.34
N PHE B 26 -4.60 -9.74 -48.08
CA PHE B 26 -3.77 -10.14 -46.94
C PHE B 26 -3.73 -11.66 -46.76
N ALA B 27 -4.69 -12.35 -47.39
CA ALA B 27 -4.88 -13.80 -47.23
C ALA B 27 -3.61 -14.64 -47.35
N SER B 28 -2.75 -14.28 -48.30
CA SER B 28 -1.53 -15.04 -48.56
C SER B 28 -0.38 -14.66 -47.61
N ASN B 29 -0.47 -13.49 -46.99
CA ASN B 29 0.64 -12.94 -46.20
C ASN B 29 0.28 -12.60 -44.74
N ILE B 30 -0.58 -13.41 -44.12
CA ILE B 30 -0.91 -13.27 -42.72
C ILE B 30 -0.90 -14.65 -42.09
N LYS B 31 -0.18 -14.79 -40.97
CA LYS B 31 -0.15 -16.05 -40.24
C LYS B 31 -1.53 -16.33 -39.64
N TYR B 32 -2.04 -17.55 -39.88
CA TYR B 32 -3.35 -17.99 -39.40
C TYR B 32 -4.53 -17.15 -39.91
N PHE B 33 -4.43 -16.69 -41.17
CA PHE B 33 -5.48 -15.86 -41.76
C PHE B 33 -6.89 -16.49 -41.71
N PRO B 34 -7.03 -17.76 -42.18
CA PRO B 34 -8.37 -18.38 -42.15
C PRO B 34 -8.93 -18.49 -40.72
N GLU B 35 -8.05 -18.78 -39.77
CA GLU B 35 -8.43 -18.90 -38.35
C GLU B 35 -8.89 -17.56 -37.76
N ILE B 36 -8.16 -16.50 -38.10
CA ILE B 36 -8.46 -15.14 -37.68
C ILE B 36 -9.78 -14.61 -38.26
N ILE B 37 -10.10 -15.00 -39.49
CA ILE B 37 -11.37 -14.65 -40.11
C ILE B 37 -12.53 -15.35 -39.39
N THR B 38 -12.39 -16.66 -39.16
CA THR B 38 -13.39 -17.44 -38.43
C THR B 38 -13.70 -16.81 -37.06
N THR B 39 -12.65 -16.46 -36.32
CA THR B 39 -12.81 -15.93 -34.98
C THR B 39 -13.31 -14.49 -34.96
N SER B 40 -12.84 -13.68 -35.92
CA SER B 40 -13.34 -12.32 -36.08
C SER B 40 -14.84 -12.30 -36.40
N ARG B 41 -15.29 -13.26 -37.21
CA ARG B 41 -16.71 -13.44 -37.51
C ARG B 41 -17.54 -13.73 -36.24
N ARG B 42 -16.96 -14.48 -35.31
CA ARG B 42 -17.59 -14.76 -34.01
C ARG B 42 -17.88 -13.48 -33.24
N LEU B 43 -16.93 -12.55 -33.26
CA LEU B 43 -17.12 -11.27 -32.58
C LEU B 43 -18.06 -10.33 -33.34
N ILE B 44 -18.01 -10.38 -34.67
CA ILE B 44 -18.99 -9.72 -35.54
C ILE B 44 -20.41 -10.21 -35.17
N ASP B 45 -20.57 -11.52 -35.08
CA ASP B 45 -21.85 -12.14 -34.72
C ASP B 45 -22.33 -11.73 -33.34
N ALA B 46 -21.44 -11.82 -32.34
CA ALA B 46 -21.76 -11.42 -30.96
C ALA B 46 -22.19 -9.96 -30.88
N ALA B 47 -21.45 -9.08 -31.56
CA ALA B 47 -21.77 -7.65 -31.59
C ALA B 47 -23.15 -7.39 -32.22
N ARG B 48 -23.46 -8.10 -33.31
CA ARG B 48 -24.76 -7.97 -33.96
C ARG B 48 -25.89 -8.41 -33.01
N ILE B 49 -25.73 -9.61 -32.46
CA ILE B 49 -26.68 -10.18 -31.49
C ILE B 49 -26.90 -9.27 -30.27
N LEU B 50 -25.83 -8.64 -29.80
CA LEU B 50 -25.90 -7.86 -28.56
C LEU B 50 -26.11 -6.36 -28.78
N SER B 51 -26.33 -5.96 -30.03
CA SER B 51 -26.50 -4.55 -30.43
C SER B 51 -25.31 -3.69 -30.04
N ILE B 52 -24.11 -4.22 -30.27
CA ILE B 52 -22.87 -3.49 -30.02
C ILE B 52 -22.43 -2.82 -31.33
N PRO B 53 -22.24 -1.48 -31.29
CA PRO B 53 -21.87 -0.73 -32.48
C PRO B 53 -20.56 -1.24 -33.07
N THR B 54 -20.55 -1.46 -34.38
CA THR B 54 -19.39 -2.01 -35.07
C THR B 54 -18.87 -1.01 -36.10
N ILE B 55 -17.55 -0.82 -36.08
CA ILE B 55 -16.85 0.04 -37.02
C ILE B 55 -15.83 -0.81 -37.77
N VAL B 56 -15.89 -0.74 -39.09
CA VAL B 56 -14.99 -1.50 -39.95
C VAL B 56 -14.18 -0.51 -40.80
N THR B 57 -12.89 -0.79 -40.93
CA THR B 57 -12.03 0.01 -41.79
C THR B 57 -11.39 -0.81 -42.91
N GLU B 58 -11.00 -0.11 -43.98
CA GLU B 58 -10.29 -0.71 -45.09
C GLU B 58 -9.10 0.17 -45.46
N GLN B 59 -7.92 -0.43 -45.47
CA GLN B 59 -6.71 0.28 -45.82
C GLN B 59 -6.43 0.06 -47.31
N TYR B 60 -6.37 1.15 -48.08
CA TYR B 60 -5.98 1.09 -49.49
C TYR B 60 -6.70 -0.06 -50.23
N PRO B 61 -8.06 -0.03 -50.25
CA PRO B 61 -8.83 -1.14 -50.81
C PRO B 61 -8.56 -1.44 -52.30
N LYS B 62 -8.22 -0.41 -53.07
CA LYS B 62 -7.84 -0.60 -54.48
C LYS B 62 -6.63 -1.52 -54.62
N GLY B 63 -5.66 -1.40 -53.72
CA GLY B 63 -4.46 -2.23 -53.76
C GLY B 63 -4.43 -3.44 -52.82
N LEU B 64 -5.38 -3.50 -51.90
CA LEU B 64 -5.41 -4.59 -50.91
C LEU B 64 -6.74 -5.35 -50.86
N GLY B 65 -7.67 -4.97 -51.72
CA GLY B 65 -8.99 -5.60 -51.77
C GLY B 65 -9.91 -5.12 -50.66
N HIS B 66 -11.15 -5.61 -50.68
CA HIS B 66 -12.14 -5.25 -49.67
C HIS B 66 -12.17 -6.25 -48.53
N THR B 67 -12.85 -5.88 -47.45
CA THR B 67 -13.15 -6.77 -46.33
C THR B 67 -13.68 -8.12 -46.84
N VAL B 68 -13.06 -9.20 -46.35
CA VAL B 68 -13.47 -10.58 -46.65
C VAL B 68 -14.99 -10.75 -46.55
N PRO B 69 -15.63 -11.33 -47.60
CA PRO B 69 -17.10 -11.47 -47.67
C PRO B 69 -17.75 -12.11 -46.44
N THR B 70 -17.13 -13.15 -45.89
CA THR B 70 -17.63 -13.81 -44.66
C THR B 70 -17.94 -12.80 -43.55
N LEU B 71 -17.03 -11.85 -43.34
CA LEU B 71 -17.17 -10.85 -42.29
C LEU B 71 -18.28 -9.84 -42.58
N LYS B 72 -18.39 -9.41 -43.83
CA LYS B 72 -19.45 -8.47 -44.25
C LYS B 72 -20.83 -9.07 -44.04
N GLU B 73 -20.98 -10.36 -44.29
CA GLU B 73 -22.25 -11.08 -44.15
C GLU B 73 -22.76 -11.12 -42.71
N GLY B 74 -21.87 -10.92 -41.75
CA GLY B 74 -22.22 -10.96 -40.33
C GLY B 74 -22.58 -9.60 -39.76
N LEU B 75 -22.27 -8.54 -40.51
CA LEU B 75 -22.55 -7.18 -40.09
C LEU B 75 -24.03 -6.84 -40.17
N ALA B 76 -24.51 -6.01 -39.24
CA ALA B 76 -25.88 -5.51 -39.29
C ALA B 76 -26.12 -4.68 -40.55
N GLU B 77 -27.39 -4.54 -40.91
CA GLU B 77 -27.82 -3.78 -42.10
C GLU B 77 -27.15 -2.40 -42.23
N ASN B 78 -27.01 -1.71 -41.10
CA ASN B 78 -26.40 -0.38 -41.09
C ASN B 78 -24.88 -0.44 -41.30
N THR B 79 -24.15 -0.61 -40.18
CA THR B 79 -22.67 -0.74 -40.14
C THR B 79 -21.89 -0.12 -41.30
N PRO B 80 -21.17 0.98 -41.03
CA PRO B 80 -20.34 1.65 -42.02
C PRO B 80 -19.00 0.94 -42.25
N ILE B 81 -18.50 1.04 -43.48
CA ILE B 81 -17.14 0.60 -43.81
C ILE B 81 -16.34 1.81 -44.34
N PHE B 82 -15.35 2.23 -43.56
CA PHE B 82 -14.54 3.40 -43.89
C PHE B 82 -13.20 3.01 -44.48
N ASP B 83 -12.86 3.61 -45.61
CA ASP B 83 -11.51 3.43 -46.14
C ASP B 83 -10.59 4.50 -45.56
N LYS B 84 -9.30 4.20 -45.53
CA LYS B 84 -8.29 5.09 -44.97
C LYS B 84 -6.92 4.82 -45.59
N THR B 85 -5.97 5.73 -45.38
CA THR B 85 -4.57 5.50 -45.71
C THR B 85 -3.73 5.50 -44.44
N LYS B 86 -4.23 6.20 -43.42
CA LYS B 86 -3.61 6.20 -42.09
C LYS B 86 -3.77 4.84 -41.44
N PHE B 87 -2.75 4.41 -40.70
CA PHE B 87 -2.76 3.06 -40.10
C PHE B 87 -3.80 2.91 -38.99
N SER B 88 -3.91 3.94 -38.15
CA SER B 88 -4.88 3.95 -37.05
C SER B 88 -6.33 4.04 -37.55
N MET B 89 -7.21 3.26 -36.93
CA MET B 89 -8.64 3.28 -37.25
C MET B 89 -9.33 4.53 -36.71
N CYS B 90 -8.60 5.32 -35.92
CA CYS B 90 -9.14 6.56 -35.36
C CYS B 90 -9.08 7.71 -36.38
N ILE B 91 -10.03 7.71 -37.29
CA ILE B 91 -10.22 8.79 -38.26
C ILE B 91 -11.52 9.54 -37.94
N PRO B 92 -11.68 10.78 -38.46
CA PRO B 92 -12.88 11.60 -38.16
C PRO B 92 -14.25 10.87 -38.15
N PRO B 93 -14.56 10.03 -39.16
CA PRO B 93 -15.84 9.30 -39.15
C PRO B 93 -16.09 8.38 -37.94
N THR B 94 -15.04 8.00 -37.22
CA THR B 94 -15.19 7.10 -36.07
C THR B 94 -15.32 7.84 -34.73
N GLU B 95 -15.11 9.16 -34.76
CA GLU B 95 -15.03 9.97 -33.53
C GLU B 95 -16.31 9.98 -32.69
N ASP B 96 -17.47 9.92 -33.35
CA ASP B 96 -18.76 10.04 -32.65
C ASP B 96 -19.15 8.75 -31.91
N THR B 97 -18.84 7.60 -32.49
CA THR B 97 -19.08 6.31 -31.84
C THR B 97 -18.23 6.18 -30.58
N LEU B 98 -16.98 6.65 -30.67
CA LEU B 98 -16.04 6.58 -29.55
C LEU B 98 -16.46 7.41 -28.35
N LYS B 99 -17.18 8.50 -28.61
CA LYS B 99 -17.67 9.41 -27.55
C LYS B 99 -18.76 8.78 -26.67
N LYS B 100 -19.45 7.77 -27.21
CA LYS B 100 -20.59 7.15 -26.53
C LYS B 100 -20.24 5.84 -25.81
N VAL B 101 -19.01 5.37 -25.98
CA VAL B 101 -18.55 4.12 -25.36
C VAL B 101 -17.26 4.31 -24.55
N GLN B 102 -16.99 3.38 -23.64
CA GLN B 102 -15.79 3.41 -22.80
C GLN B 102 -14.80 2.32 -23.16
N ASN B 103 -15.26 1.33 -23.93
CA ASN B 103 -14.45 0.16 -24.28
C ASN B 103 -14.47 -0.11 -25.78
N VAL B 104 -13.32 -0.50 -26.31
CA VAL B 104 -13.22 -0.94 -27.70
C VAL B 104 -12.67 -2.36 -27.76
N ILE B 105 -13.45 -3.26 -28.35
CA ILE B 105 -13.00 -4.61 -28.63
C ILE B 105 -12.36 -4.59 -30.01
N LEU B 106 -11.13 -5.10 -30.10
CA LEU B 106 -10.33 -4.96 -31.31
C LEU B 106 -9.94 -6.29 -31.94
N VAL B 107 -10.32 -6.46 -33.20
CA VAL B 107 -9.86 -7.57 -34.03
C VAL B 107 -9.24 -7.02 -35.31
N GLY B 108 -8.47 -7.85 -36.01
CA GLY B 108 -7.97 -7.46 -37.32
C GLY B 108 -6.48 -7.60 -37.48
N ILE B 109 -5.96 -7.01 -38.55
CA ILE B 109 -4.61 -7.34 -38.97
C ILE B 109 -3.67 -6.18 -39.14
N GLU B 110 -2.39 -6.53 -39.19
CA GLU B 110 -1.28 -5.68 -38.84
C GLU B 110 -1.41 -5.41 -37.35
N ALA B 111 -1.21 -6.47 -36.56
CA ALA B 111 -1.17 -6.39 -35.10
C ALA B 111 -0.20 -5.29 -34.67
N HIS B 112 0.98 -5.27 -35.30
CA HIS B 112 2.07 -4.35 -34.99
C HIS B 112 1.98 -3.00 -35.73
N VAL B 113 0.98 -2.87 -36.61
CA VAL B 113 0.83 -1.64 -37.41
C VAL B 113 -0.54 -1.02 -37.16
N CYS B 114 -1.53 -1.42 -37.95
CA CYS B 114 -2.86 -0.83 -37.84
C CYS B 114 -3.53 -1.11 -36.51
N VAL B 115 -3.42 -2.34 -36.01
CA VAL B 115 -4.01 -2.69 -34.72
C VAL B 115 -3.32 -1.95 -33.56
N LEU B 116 -1.98 -1.90 -33.58
CA LEU B 116 -1.19 -1.25 -32.53
C LEU B 116 -1.40 0.26 -32.47
N GLN B 117 -1.36 0.92 -33.63
CA GLN B 117 -1.54 2.37 -33.71
C GLN B 117 -2.95 2.77 -33.32
N THR B 118 -3.93 1.99 -33.77
CA THR B 118 -5.32 2.17 -33.32
C THR B 118 -5.37 2.06 -31.80
N THR B 119 -4.68 1.07 -31.25
CA THR B 119 -4.66 0.85 -29.79
C THR B 119 -4.09 2.07 -29.05
N TYR B 120 -2.94 2.58 -29.51
CA TYR B 120 -2.33 3.77 -28.91
C TYR B 120 -3.26 5.00 -28.96
N ASP B 121 -3.85 5.23 -30.13
CA ASP B 121 -4.77 6.35 -30.34
C ASP B 121 -5.97 6.30 -29.42
N LEU B 122 -6.55 5.11 -29.28
CA LEU B 122 -7.73 4.89 -28.43
C LEU B 122 -7.43 5.12 -26.96
N LEU B 123 -6.30 4.61 -26.49
CA LEU B 123 -5.90 4.77 -25.09
C LEU B 123 -5.66 6.24 -24.74
N GLU B 124 -5.14 7.00 -25.71
CA GLU B 124 -4.97 8.45 -25.59
C GLU B 124 -6.30 9.17 -25.41
N ARG B 125 -7.31 8.70 -26.13
CA ARG B 125 -8.66 9.23 -26.04
C ARG B 125 -9.34 8.85 -24.72
N GLY B 126 -8.66 8.03 -23.93
CA GLY B 126 -9.16 7.60 -22.62
C GLY B 126 -10.03 6.36 -22.66
N LEU B 127 -10.01 5.65 -23.80
CA LEU B 127 -10.77 4.41 -23.96
C LEU B 127 -10.00 3.20 -23.45
N ASN B 128 -10.73 2.21 -22.95
CA ASN B 128 -10.14 0.93 -22.63
C ASN B 128 -10.15 0.06 -23.90
N VAL B 129 -9.03 -0.60 -24.16
CA VAL B 129 -8.90 -1.43 -25.37
C VAL B 129 -8.73 -2.89 -24.98
N HIS B 130 -9.56 -3.74 -25.57
CA HIS B 130 -9.51 -5.16 -25.32
C HIS B 130 -9.15 -5.84 -26.63
N VAL B 131 -7.94 -6.35 -26.70
CA VAL B 131 -7.42 -6.94 -27.94
C VAL B 131 -7.73 -8.42 -27.96
N VAL B 132 -8.42 -8.87 -29.02
CA VAL B 132 -8.80 -10.26 -29.16
C VAL B 132 -7.66 -10.98 -29.87
N VAL B 133 -6.75 -11.54 -29.07
CA VAL B 133 -5.49 -12.08 -29.60
C VAL B 133 -5.69 -13.19 -30.64
N ASP B 134 -6.71 -14.02 -30.45
CA ASP B 134 -7.01 -15.11 -31.38
C ASP B 134 -7.77 -14.64 -32.64
N ALA B 135 -7.91 -13.33 -32.78
CA ALA B 135 -8.49 -12.71 -33.97
C ALA B 135 -7.60 -11.56 -34.50
N VAL B 136 -6.34 -11.56 -34.06
CA VAL B 136 -5.37 -10.54 -34.44
C VAL B 136 -4.05 -11.20 -34.85
N SER B 137 -3.50 -10.80 -35.99
CA SER B 137 -2.26 -11.40 -36.49
C SER B 137 -1.43 -10.44 -37.34
N SER B 138 -0.26 -10.93 -37.76
CA SER B 138 0.67 -10.20 -38.62
C SER B 138 1.23 -11.14 -39.68
N ARG B 139 1.95 -10.57 -40.65
CA ARG B 139 2.71 -11.38 -41.63
C ARG B 139 3.78 -12.21 -40.93
N SER B 140 4.38 -11.63 -39.88
CA SER B 140 5.47 -12.26 -39.17
C SER B 140 5.04 -12.64 -37.74
N HIS B 141 5.48 -13.81 -37.28
CA HIS B 141 5.18 -14.28 -35.92
C HIS B 141 5.79 -13.34 -34.88
N THR B 142 7.00 -12.85 -35.14
CA THR B 142 7.70 -11.96 -34.23
C THR B 142 6.97 -10.62 -34.06
N ASP B 143 6.56 -10.03 -35.18
CA ASP B 143 5.82 -8.76 -35.17
C ASP B 143 4.53 -8.89 -34.38
N ARG B 144 3.81 -9.98 -34.61
CA ARG B 144 2.56 -10.29 -33.90
C ARG B 144 2.80 -10.47 -32.40
N HIS B 145 3.81 -11.25 -32.07
CA HIS B 145 4.16 -11.56 -30.68
C HIS B 145 4.47 -10.29 -29.85
N PHE B 146 5.30 -9.41 -30.40
CA PHE B 146 5.71 -8.20 -29.68
C PHE B 146 4.72 -7.05 -29.80
N ALA B 147 3.85 -7.11 -30.81
CA ALA B 147 2.68 -6.24 -30.88
C ALA B 147 1.81 -6.38 -29.64
N PHE B 148 1.48 -7.62 -29.28
CA PHE B 148 0.74 -7.92 -28.06
C PHE B 148 1.44 -7.38 -26.81
N LYS B 149 2.76 -7.59 -26.73
CA LYS B 149 3.55 -7.09 -25.61
C LYS B 149 3.54 -5.56 -25.51
N GLN B 150 3.65 -4.89 -26.66
CA GLN B 150 3.55 -3.43 -26.74
C GLN B 150 2.18 -2.93 -26.31
N MET B 151 1.14 -3.58 -26.82
CA MET B 151 -0.25 -3.27 -26.46
C MET B 151 -0.45 -3.43 -24.96
N GLU B 152 -0.02 -4.59 -24.44
CA GLU B 152 -0.03 -4.87 -23.00
C GLU B 152 0.66 -3.77 -22.19
N GLN B 153 1.86 -3.36 -22.63
CA GLN B 153 2.66 -2.31 -21.97
C GLN B 153 1.93 -0.97 -21.86
N ALA B 154 1.20 -0.60 -22.92
CA ALA B 154 0.44 0.65 -22.96
C ALA B 154 -0.86 0.58 -22.15
N GLY B 155 -1.22 -0.61 -21.68
CA GLY B 155 -2.41 -0.78 -20.84
C GLY B 155 -3.61 -1.45 -21.50
N ALA B 156 -3.43 -1.92 -22.73
CA ALA B 156 -4.47 -2.68 -23.40
C ALA B 156 -4.56 -4.10 -22.82
N ILE B 157 -5.79 -4.61 -22.73
CA ILE B 157 -6.05 -5.95 -22.20
C ILE B 157 -5.93 -6.98 -23.31
N LEU B 158 -5.13 -8.02 -23.07
CA LEU B 158 -5.00 -9.11 -24.04
C LEU B 158 -5.98 -10.22 -23.71
N THR B 159 -7.06 -10.30 -24.47
CA THR B 159 -8.14 -11.25 -24.18
C THR B 159 -8.34 -12.24 -25.34
N THR B 160 -9.29 -13.15 -25.19
CA THR B 160 -9.62 -14.10 -26.27
C THR B 160 -11.09 -14.03 -26.63
N SER B 161 -11.45 -14.63 -27.76
CA SER B 161 -12.82 -14.61 -28.27
C SER B 161 -13.87 -15.11 -27.28
N GLU B 162 -13.66 -16.28 -26.67
CA GLU B 162 -14.65 -16.84 -25.74
C GLU B 162 -14.73 -16.05 -24.45
N ALA B 163 -13.58 -15.58 -23.96
CA ALA B 163 -13.52 -14.75 -22.75
C ALA B 163 -14.33 -13.47 -22.94
N THR B 164 -14.20 -12.84 -24.11
CA THR B 164 -14.89 -11.61 -24.45
C THR B 164 -16.39 -11.83 -24.60
N ILE B 165 -16.78 -12.84 -25.38
CA ILE B 165 -18.18 -13.11 -25.67
C ILE B 165 -18.96 -13.46 -24.40
N LEU B 166 -18.39 -14.35 -23.57
CA LEU B 166 -19.03 -14.70 -22.30
C LEU B 166 -18.92 -13.60 -21.26
N GLY B 167 -17.83 -12.82 -21.31
CA GLY B 167 -17.64 -11.69 -20.42
C GLY B 167 -18.71 -10.63 -20.60
N LEU B 168 -19.17 -10.46 -21.84
CA LEU B 168 -20.21 -9.48 -22.14
C LEU B 168 -21.57 -9.80 -21.52
N VAL B 169 -21.88 -11.08 -21.37
CA VAL B 169 -23.19 -11.47 -20.83
C VAL B 169 -23.19 -11.77 -19.32
N GLY B 170 -22.05 -12.24 -18.79
CA GLY B 170 -21.84 -12.32 -17.35
C GLY B 170 -22.50 -13.47 -16.60
N GLY B 171 -23.41 -14.18 -17.25
CA GLY B 171 -24.08 -15.33 -16.66
C GLY B 171 -25.03 -16.03 -17.62
N SER B 172 -25.44 -17.24 -17.26
CA SER B 172 -26.30 -18.05 -18.13
C SER B 172 -27.79 -17.65 -18.05
N ASP B 173 -28.13 -16.76 -17.13
CA ASP B 173 -29.49 -16.21 -17.05
C ASP B 173 -29.72 -15.02 -17.98
N HIS B 174 -28.63 -14.47 -18.54
CA HIS B 174 -28.73 -13.36 -19.47
C HIS B 174 -29.65 -13.73 -20.64
N PRO B 175 -30.57 -12.80 -21.03
CA PRO B 175 -31.52 -13.07 -22.12
C PRO B 175 -30.86 -13.50 -23.43
N LYS B 176 -29.66 -13.00 -23.70
CA LYS B 176 -28.94 -13.34 -24.91
C LYS B 176 -27.94 -14.48 -24.75
N PHE B 177 -27.84 -15.07 -23.56
CA PHE B 177 -26.82 -16.09 -23.29
C PHE B 177 -26.82 -17.23 -24.32
N LYS B 178 -27.97 -17.87 -24.52
CA LYS B 178 -28.05 -19.04 -25.39
C LYS B 178 -27.70 -18.68 -26.84
N GLU B 179 -28.03 -17.47 -27.25
CA GLU B 179 -27.76 -16.97 -28.61
C GLU B 179 -26.26 -16.78 -28.87
N VAL B 180 -25.54 -16.21 -27.91
CA VAL B 180 -24.09 -16.04 -28.05
C VAL B 180 -23.32 -17.32 -27.71
N GLN B 181 -23.93 -18.19 -26.90
CA GLN B 181 -23.33 -19.49 -26.55
C GLN B 181 -23.13 -20.33 -27.81
N LYS B 182 -24.09 -20.23 -28.74
CA LYS B 182 -24.02 -20.88 -30.05
C LYS B 182 -22.71 -20.60 -30.77
N LEU B 183 -22.21 -19.38 -30.63
CA LEU B 183 -21.01 -18.94 -31.34
C LEU B 183 -19.74 -19.59 -30.79
N ILE B 184 -19.81 -20.11 -29.57
CA ILE B 184 -18.64 -20.64 -28.87
C ILE B 184 -18.79 -22.11 -28.45
N LEU B 185 -19.76 -22.81 -29.06
CA LEU B 185 -19.97 -24.24 -28.84
C LEU B 185 -18.68 -25.02 -29.12
N THR B 186 -18.00 -24.65 -30.20
CA THR B 186 -16.68 -25.19 -30.50
C THR B 186 -15.62 -24.17 -30.11
N SER B 187 -14.50 -24.64 -29.59
CA SER B 187 -13.38 -23.77 -29.26
C SER B 187 -12.93 -23.01 -30.50
N ALA B 188 -12.43 -21.79 -30.31
CA ALA B 188 -11.90 -21.00 -31.42
C ALA B 188 -10.65 -21.68 -31.99
N PRO B 189 -10.42 -21.56 -33.31
CA PRO B 189 -9.25 -22.16 -33.94
C PRO B 189 -7.94 -21.77 -33.27
N ASP B 190 -6.99 -22.71 -33.24
CA ASP B 190 -5.70 -22.52 -32.59
C ASP B 190 -4.77 -21.68 -33.47
N THR B 191 -4.31 -20.53 -32.96
CA THR B 191 -3.39 -19.67 -33.71
C THR B 191 -1.96 -19.66 -33.15
N GLY B 192 -1.57 -20.80 -32.58
CA GLY B 192 -0.18 -21.04 -32.12
C GLY B 192 0.32 -20.12 -31.03
N LEU B 193 -0.60 -19.61 -30.21
CA LEU B 193 -0.26 -18.63 -29.17
C LEU B 193 0.24 -19.22 -27.85
N VAL B 194 0.13 -20.53 -27.68
CA VAL B 194 0.54 -21.18 -26.44
C VAL B 194 1.87 -21.92 -26.65
N PRO B 195 2.86 -21.66 -25.78
CA PRO B 195 4.11 -22.40 -25.92
C PRO B 195 3.91 -23.89 -25.70
N LEU B 196 4.53 -24.72 -26.56
CA LEU B 196 4.56 -26.17 -26.36
C LEU B 196 5.33 -26.44 -25.07
N SER B 197 4.83 -27.37 -24.25
CA SER B 197 5.36 -27.57 -22.91
C SER B 197 6.26 -28.79 -22.71
N LYS B 198 7.23 -28.64 -21.81
CA LYS B 198 8.18 -29.69 -21.47
C LYS B 198 7.63 -30.73 -20.51
N LEU B 199 7.91 -32.00 -20.81
CA LEU B 199 7.43 -33.13 -20.01
C LEU B 199 8.21 -33.27 -18.70
N ALA C 8 0.71 -8.18 -0.43
CA ALA C 8 -0.31 -9.17 0.02
C ALA C 8 0.35 -10.44 0.56
N ARG C 9 0.34 -10.59 1.88
CA ARG C 9 0.96 -11.74 2.53
C ARG C 9 -0.10 -12.64 3.14
N ILE C 10 -0.35 -13.77 2.49
CA ILE C 10 -1.38 -14.70 2.94
C ILE C 10 -0.99 -15.43 4.22
N ASN C 11 -1.96 -15.54 5.12
CA ASN C 11 -1.87 -16.41 6.27
C ASN C 11 -3.25 -17.03 6.52
N PRO C 12 -3.35 -18.04 7.41
CA PRO C 12 -4.65 -18.69 7.66
C PRO C 12 -5.75 -17.80 8.24
N THR C 13 -5.37 -16.64 8.76
CA THR C 13 -6.31 -15.73 9.44
C THR C 13 -6.85 -14.60 8.56
N ASN C 14 -6.19 -14.33 7.43
CA ASN C 14 -6.62 -13.24 6.54
C ASN C 14 -7.06 -13.68 5.15
N SER C 15 -7.22 -15.00 4.98
CA SER C 15 -7.50 -15.60 3.68
C SER C 15 -8.77 -16.46 3.65
N ALA C 16 -9.32 -16.61 2.45
CA ALA C 16 -10.36 -17.59 2.17
C ALA C 16 -9.96 -18.40 0.94
N LEU C 17 -10.44 -19.64 0.86
CA LEU C 17 -10.26 -20.46 -0.32
C LEU C 17 -11.56 -20.56 -1.10
N PHE C 18 -11.50 -20.19 -2.37
CA PHE C 18 -12.63 -20.25 -3.29
C PHE C 18 -12.43 -21.34 -4.33
N VAL C 19 -13.38 -22.26 -4.39
CA VAL C 19 -13.32 -23.40 -5.33
C VAL C 19 -14.37 -23.21 -6.43
N CYS C 20 -13.90 -22.89 -7.64
CA CYS C 20 -14.79 -22.51 -8.74
C CYS C 20 -15.22 -23.67 -9.66
N ASP C 21 -16.45 -24.13 -9.46
CA ASP C 21 -17.21 -24.90 -10.45
C ASP C 21 -16.50 -26.15 -11.00
N LEU C 22 -15.78 -26.85 -10.13
CA LEU C 22 -15.09 -28.07 -10.51
C LEU C 22 -16.04 -29.26 -10.51
N GLN C 23 -16.86 -29.34 -11.56
CA GLN C 23 -17.95 -30.30 -11.65
C GLN C 23 -17.67 -31.43 -12.63
N GLU C 24 -18.41 -32.53 -12.44
CA GLU C 24 -18.16 -33.81 -13.11
C GLU C 24 -18.25 -33.80 -14.63
N LYS C 25 -19.24 -33.11 -15.18
CA LYS C 25 -19.45 -33.07 -16.63
C LYS C 25 -18.39 -32.26 -17.40
N PHE C 26 -17.52 -31.56 -16.68
CA PHE C 26 -16.41 -30.82 -17.27
C PHE C 26 -15.17 -31.68 -17.52
N ALA C 27 -15.18 -32.90 -16.97
CA ALA C 27 -14.01 -33.79 -17.03
C ALA C 27 -13.46 -33.97 -18.44
N SER C 28 -14.35 -34.21 -19.40
CA SER C 28 -13.97 -34.53 -20.78
C SER C 28 -13.53 -33.32 -21.59
N ASN C 29 -13.85 -32.11 -21.11
CA ASN C 29 -13.58 -30.92 -21.90
C ASN C 29 -12.40 -30.05 -21.40
N ILE C 30 -12.13 -30.09 -20.10
CA ILE C 30 -11.11 -29.23 -19.50
C ILE C 30 -9.71 -29.84 -19.63
N LYS C 31 -8.76 -29.04 -20.13
CA LYS C 31 -7.36 -29.47 -20.25
C LYS C 31 -6.75 -29.74 -18.87
N TYR C 32 -6.10 -30.88 -18.73
CA TYR C 32 -5.49 -31.31 -17.47
C TYR C 32 -6.48 -31.39 -16.30
N PHE C 33 -7.70 -31.84 -16.58
CA PHE C 33 -8.73 -31.95 -15.55
C PHE C 33 -8.33 -32.82 -14.35
N PRO C 34 -7.85 -34.07 -14.60
CA PRO C 34 -7.40 -34.92 -13.50
C PRO C 34 -6.35 -34.25 -12.60
N GLU C 35 -5.37 -33.61 -13.23
CA GLU C 35 -4.28 -32.93 -12.54
C GLU C 35 -4.79 -31.77 -11.68
N ILE C 36 -5.68 -30.98 -12.26
CA ILE C 36 -6.31 -29.85 -11.57
C ILE C 36 -7.14 -30.31 -10.35
N ILE C 37 -7.78 -31.46 -10.46
CA ILE C 37 -8.54 -32.04 -9.36
C ILE C 37 -7.62 -32.44 -8.20
N THR C 38 -6.53 -33.14 -8.53
CA THR C 38 -5.53 -33.55 -7.56
C THR C 38 -4.97 -32.33 -6.81
N THR C 39 -4.60 -31.30 -7.55
CA THR C 39 -3.97 -30.11 -6.98
C THR C 39 -4.96 -29.23 -6.20
N SER C 40 -6.20 -29.11 -6.69
CA SER C 40 -7.26 -28.42 -5.97
C SER C 40 -7.56 -29.11 -4.63
N ARG C 41 -7.48 -30.44 -4.61
CA ARG C 41 -7.72 -31.21 -3.38
C ARG C 41 -6.64 -30.91 -2.33
N ARG C 42 -5.40 -30.72 -2.78
CA ARG C 42 -4.30 -30.30 -1.91
C ARG C 42 -4.62 -28.98 -1.22
N LEU C 43 -5.18 -28.04 -1.98
CA LEU C 43 -5.55 -26.74 -1.43
C LEU C 43 -6.78 -26.82 -0.50
N ILE C 44 -7.72 -27.68 -0.85
CA ILE C 44 -8.86 -28.00 0.03
C ILE C 44 -8.37 -28.56 1.36
N ASP C 45 -7.44 -29.51 1.31
CA ASP C 45 -6.84 -30.11 2.51
C ASP C 45 -6.10 -29.08 3.36
N ALA C 46 -5.29 -28.24 2.71
CA ALA C 46 -4.52 -27.20 3.41
C ALA C 46 -5.44 -26.23 4.13
N ALA C 47 -6.50 -25.80 3.45
CA ALA C 47 -7.51 -24.93 4.06
C ALA C 47 -8.19 -25.58 5.28
N ARG C 48 -8.53 -26.87 5.15
CA ARG C 48 -9.16 -27.60 6.25
C ARG C 48 -8.21 -27.71 7.45
N ILE C 49 -6.97 -28.09 7.18
CA ILE C 49 -5.90 -28.17 8.19
C ILE C 49 -5.69 -26.84 8.94
N LEU C 50 -5.62 -25.75 8.19
CA LEU C 50 -5.26 -24.44 8.74
C LEU C 50 -6.47 -23.57 9.15
N SER C 51 -7.64 -24.21 9.21
CA SER C 51 -8.89 -23.53 9.57
C SER C 51 -9.20 -22.33 8.66
N ILE C 52 -8.98 -22.50 7.37
CA ILE C 52 -9.24 -21.44 6.38
C ILE C 52 -10.63 -21.65 5.77
N PRO C 53 -11.51 -20.65 5.88
CA PRO C 53 -12.86 -20.75 5.34
C PRO C 53 -12.87 -21.06 3.85
N THR C 54 -13.61 -22.10 3.47
CA THR C 54 -13.70 -22.53 2.09
C THR C 54 -15.11 -22.30 1.55
N ILE C 55 -15.17 -21.69 0.36
CA ILE C 55 -16.42 -21.51 -0.35
C ILE C 55 -16.33 -22.27 -1.68
N VAL C 56 -17.34 -23.09 -1.94
CA VAL C 56 -17.41 -23.87 -3.16
C VAL C 56 -18.67 -23.46 -3.92
N THR C 57 -18.53 -23.20 -5.22
CA THR C 57 -19.68 -22.94 -6.07
C THR C 57 -19.85 -24.01 -7.14
N GLU C 58 -21.07 -24.13 -7.64
CA GLU C 58 -21.38 -24.98 -8.77
C GLU C 58 -22.26 -24.18 -9.74
N GLN C 59 -21.95 -24.28 -11.03
CA GLN C 59 -22.73 -23.66 -12.09
C GLN C 59 -23.69 -24.71 -12.63
N TYR C 60 -24.98 -24.40 -12.69
CA TYR C 60 -26.01 -25.33 -13.22
C TYR C 60 -25.73 -26.81 -12.88
N PRO C 61 -25.75 -27.18 -11.58
CA PRO C 61 -25.40 -28.54 -11.18
C PRO C 61 -26.26 -29.65 -11.79
N LYS C 62 -27.48 -29.31 -12.21
CA LYS C 62 -28.38 -30.28 -12.84
C LYS C 62 -27.84 -30.73 -14.19
N GLY C 63 -27.24 -29.78 -14.93
CA GLY C 63 -26.69 -30.05 -16.25
C GLY C 63 -25.21 -30.38 -16.21
N LEU C 64 -24.48 -29.68 -15.35
CA LEU C 64 -23.03 -29.77 -15.30
C LEU C 64 -22.50 -30.73 -14.23
N GLY C 65 -23.41 -31.32 -13.46
CA GLY C 65 -23.05 -32.25 -12.40
C GLY C 65 -22.66 -31.56 -11.11
N HIS C 66 -22.44 -32.35 -10.06
CA HIS C 66 -22.01 -31.79 -8.77
C HIS C 66 -20.49 -31.80 -8.67
N THR C 67 -19.96 -31.06 -7.69
CA THR C 67 -18.52 -31.03 -7.42
C THR C 67 -17.96 -32.46 -7.39
N VAL C 68 -16.81 -32.64 -8.06
CA VAL C 68 -16.12 -33.92 -8.11
C VAL C 68 -15.93 -34.50 -6.70
N PRO C 69 -16.33 -35.78 -6.50
CA PRO C 69 -16.25 -36.48 -5.22
C PRO C 69 -14.94 -36.32 -4.44
N THR C 70 -13.80 -36.45 -5.13
CA THR C 70 -12.49 -36.31 -4.50
C THR C 70 -12.35 -34.98 -3.75
N LEU C 71 -12.89 -33.92 -4.35
CA LEU C 71 -12.86 -32.59 -3.73
C LEU C 71 -13.80 -32.53 -2.53
N LYS C 72 -15.04 -32.96 -2.74
CA LYS C 72 -16.04 -33.04 -1.66
C LYS C 72 -15.49 -33.73 -0.42
N GLU C 73 -14.81 -34.86 -0.63
CA GLU C 73 -14.26 -35.69 0.44
C GLU C 73 -13.24 -34.98 1.33
N GLY C 74 -12.71 -33.86 0.87
CA GLY C 74 -11.70 -33.10 1.62
C GLY C 74 -12.23 -31.91 2.39
N LEU C 75 -13.47 -31.52 2.10
CA LEU C 75 -14.08 -30.32 2.68
C LEU C 75 -14.37 -30.45 4.17
N ALA C 76 -14.19 -29.34 4.89
CA ALA C 76 -14.52 -29.27 6.31
C ALA C 76 -16.01 -29.54 6.52
N GLU C 77 -16.36 -30.05 7.69
CA GLU C 77 -17.71 -30.55 7.99
C GLU C 77 -18.86 -29.68 7.49
N ASN C 78 -18.73 -28.36 7.64
CA ASN C 78 -19.79 -27.43 7.24
C ASN C 78 -19.36 -26.41 6.18
N THR C 79 -18.52 -26.85 5.24
CA THR C 79 -18.18 -26.06 4.06
C THR C 79 -19.41 -25.92 3.16
N PRO C 80 -19.86 -24.67 2.91
CA PRO C 80 -21.04 -24.44 2.10
C PRO C 80 -20.81 -24.61 0.59
N ILE C 81 -21.77 -25.23 -0.08
CA ILE C 81 -21.76 -25.35 -1.55
C ILE C 81 -22.93 -24.57 -2.12
N PHE C 82 -22.63 -23.54 -2.90
CA PHE C 82 -23.65 -22.68 -3.47
C PHE C 82 -23.77 -22.86 -4.98
N ASP C 83 -24.99 -23.01 -5.47
CA ASP C 83 -25.20 -23.04 -6.92
C ASP C 83 -25.41 -21.63 -7.46
N LYS C 84 -25.02 -21.42 -8.71
CA LYS C 84 -25.11 -20.11 -9.34
C LYS C 84 -25.32 -20.24 -10.85
N THR C 85 -25.76 -19.14 -11.46
CA THR C 85 -25.83 -19.03 -12.92
C THR C 85 -24.89 -17.91 -13.37
N LYS C 86 -24.63 -16.97 -12.47
CA LYS C 86 -23.65 -15.92 -12.68
C LYS C 86 -22.27 -16.54 -12.77
N PHE C 87 -21.43 -16.04 -13.68
CA PHE C 87 -20.10 -16.61 -13.84
C PHE C 87 -19.23 -16.38 -12.60
N SER C 88 -19.30 -15.17 -12.04
CA SER C 88 -18.53 -14.81 -10.86
C SER C 88 -19.05 -15.48 -9.58
N MET C 89 -18.12 -15.94 -8.74
CA MET C 89 -18.43 -16.54 -7.45
C MET C 89 -18.89 -15.52 -6.41
N CYS C 90 -18.76 -14.23 -6.74
CA CYS C 90 -19.20 -13.16 -5.86
C CYS C 90 -20.70 -12.99 -5.95
N ILE C 91 -21.40 -13.84 -5.20
CA ILE C 91 -22.85 -13.89 -5.16
C ILE C 91 -23.26 -13.61 -3.72
N PRO C 92 -24.54 -13.22 -3.49
CA PRO C 92 -25.00 -12.90 -2.12
C PRO C 92 -24.51 -13.83 -1.00
N PRO C 93 -24.64 -15.17 -1.16
CA PRO C 93 -24.19 -16.08 -0.10
C PRO C 93 -22.71 -16.07 0.27
N THR C 94 -21.87 -15.40 -0.55
CA THR C 94 -20.43 -15.38 -0.29
C THR C 94 -19.92 -14.06 0.29
N GLU C 95 -20.82 -13.06 0.34
CA GLU C 95 -20.47 -11.70 0.70
C GLU C 95 -19.99 -11.52 2.14
N ASP C 96 -20.57 -12.30 3.05
CA ASP C 96 -20.18 -12.25 4.46
C ASP C 96 -18.81 -12.87 4.73
N THR C 97 -18.46 -13.90 3.97
CA THR C 97 -17.12 -14.49 4.04
C THR C 97 -16.07 -13.47 3.62
N LEU C 98 -16.36 -12.77 2.52
CA LEU C 98 -15.44 -11.82 1.91
C LEU C 98 -15.18 -10.61 2.79
N LYS C 99 -16.22 -10.17 3.51
CA LYS C 99 -16.12 -9.09 4.48
C LYS C 99 -15.09 -9.35 5.58
N LYS C 100 -14.83 -10.62 5.86
CA LYS C 100 -13.92 -11.02 6.94
C LYS C 100 -12.47 -11.18 6.52
N VAL C 101 -12.22 -11.32 5.21
CA VAL C 101 -10.89 -11.65 4.71
C VAL C 101 -10.29 -10.56 3.81
N GLN C 102 -8.98 -10.61 3.63
CA GLN C 102 -8.28 -9.66 2.79
C GLN C 102 -7.75 -10.33 1.52
N ASN C 103 -7.61 -11.65 1.58
CA ASN C 103 -7.06 -12.44 0.48
C ASN C 103 -7.96 -13.60 0.09
N VAL C 104 -8.04 -13.86 -1.22
CA VAL C 104 -8.74 -15.03 -1.72
C VAL C 104 -7.78 -15.89 -2.55
N ILE C 105 -7.71 -17.17 -2.18
CA ILE C 105 -6.98 -18.18 -2.92
C ILE C 105 -7.99 -18.83 -3.85
N LEU C 106 -7.68 -18.90 -5.13
CA LEU C 106 -8.66 -19.28 -6.13
C LEU C 106 -8.22 -20.48 -6.98
N VAL C 107 -9.03 -21.53 -6.94
CA VAL C 107 -8.85 -22.72 -7.78
C VAL C 107 -10.11 -22.96 -8.60
N GLY C 108 -9.97 -23.67 -9.71
CA GLY C 108 -11.15 -24.11 -10.45
C GLY C 108 -11.17 -23.75 -11.92
N ILE C 109 -12.36 -23.78 -12.49
CA ILE C 109 -12.49 -23.72 -13.95
C ILE C 109 -13.47 -22.70 -14.47
N GLU C 110 -13.33 -22.47 -15.76
CA GLU C 110 -13.69 -21.25 -16.43
C GLU C 110 -12.57 -20.26 -16.10
N ALA C 111 -11.31 -20.66 -16.31
CA ALA C 111 -10.16 -19.78 -16.05
C ALA C 111 -10.37 -18.39 -16.64
N HIS C 112 -10.85 -18.36 -17.88
CA HIS C 112 -11.12 -17.14 -18.64
C HIS C 112 -12.58 -16.68 -18.51
N VAL C 113 -13.37 -17.41 -17.72
CA VAL C 113 -14.78 -17.09 -17.52
C VAL C 113 -15.09 -16.90 -16.04
N CYS C 114 -15.52 -17.96 -15.36
CA CYS C 114 -15.91 -17.87 -13.94
C CYS C 114 -14.74 -17.46 -13.04
N VAL C 115 -13.56 -18.03 -13.27
CA VAL C 115 -12.37 -17.70 -12.47
C VAL C 115 -11.94 -16.25 -12.71
N LEU C 116 -11.93 -15.85 -13.98
CA LEU C 116 -11.54 -14.49 -14.37
C LEU C 116 -12.54 -13.45 -13.88
N GLN C 117 -13.84 -13.69 -14.07
CA GLN C 117 -14.87 -12.77 -13.59
C GLN C 117 -14.90 -12.70 -12.06
N THR C 118 -14.70 -13.84 -11.40
CA THR C 118 -14.57 -13.85 -9.94
C THR C 118 -13.42 -12.92 -9.53
N THR C 119 -12.26 -13.12 -10.17
CA THR C 119 -11.05 -12.33 -9.92
C THR C 119 -11.31 -10.84 -10.07
N TYR C 120 -11.91 -10.45 -11.19
CA TYR C 120 -12.25 -9.05 -11.45
C TYR C 120 -13.11 -8.45 -10.34
N ASP C 121 -14.15 -9.19 -9.94
CA ASP C 121 -15.09 -8.77 -8.90
C ASP C 121 -14.46 -8.62 -7.51
N LEU C 122 -13.58 -9.56 -7.16
CA LEU C 122 -12.87 -9.54 -5.89
C LEU C 122 -11.90 -8.36 -5.80
N LEU C 123 -11.22 -8.06 -6.90
CA LEU C 123 -10.28 -6.93 -6.96
C LEU C 123 -11.00 -5.59 -6.81
N GLU C 124 -12.20 -5.51 -7.39
CA GLU C 124 -13.06 -4.33 -7.24
C GLU C 124 -13.45 -4.08 -5.79
N ARG C 125 -13.63 -5.18 -5.05
CA ARG C 125 -14.00 -5.14 -3.64
C ARG C 125 -12.79 -4.86 -2.75
N GLY C 126 -11.61 -4.80 -3.36
CA GLY C 126 -10.39 -4.45 -2.63
C GLY C 126 -9.61 -5.64 -2.14
N LEU C 127 -10.08 -6.84 -2.48
CA LEU C 127 -9.40 -8.08 -2.09
C LEU C 127 -8.16 -8.33 -2.93
N ASN C 128 -7.18 -8.99 -2.32
CA ASN C 128 -6.07 -9.54 -3.06
C ASN C 128 -6.46 -10.96 -3.52
N VAL C 129 -6.10 -11.28 -4.76
CA VAL C 129 -6.45 -12.58 -5.36
C VAL C 129 -5.20 -13.36 -5.76
N HIS C 130 -5.13 -14.59 -5.26
CA HIS C 130 -4.00 -15.49 -5.52
C HIS C 130 -4.49 -16.67 -6.33
N VAL C 131 -4.22 -16.59 -7.64
CA VAL C 131 -4.69 -17.58 -8.59
C VAL C 131 -3.71 -18.75 -8.66
N VAL C 132 -4.20 -19.91 -8.29
CA VAL C 132 -3.37 -21.12 -8.25
C VAL C 132 -3.37 -21.76 -9.64
N VAL C 133 -2.37 -21.39 -10.43
CA VAL C 133 -2.33 -21.70 -11.87
C VAL C 133 -2.30 -23.21 -12.15
N ASP C 134 -1.65 -23.97 -11.27
CA ASP C 134 -1.62 -25.42 -11.40
C ASP C 134 -2.91 -26.12 -10.91
N ALA C 135 -3.89 -25.32 -10.49
CA ALA C 135 -5.21 -25.82 -10.08
C ALA C 135 -6.34 -25.10 -10.83
N VAL C 136 -5.99 -24.41 -11.92
CA VAL C 136 -6.95 -23.62 -12.70
C VAL C 136 -6.72 -23.90 -14.20
N SER C 137 -7.81 -24.14 -14.93
CA SER C 137 -7.70 -24.48 -16.36
C SER C 137 -8.94 -24.13 -17.17
N SER C 138 -8.89 -24.45 -18.46
CA SER C 138 -9.94 -24.14 -19.43
C SER C 138 -10.04 -25.29 -20.43
N ARG C 139 -11.11 -25.28 -21.23
CA ARG C 139 -11.28 -26.20 -22.34
C ARG C 139 -10.18 -25.98 -23.41
N SER C 140 -9.86 -24.71 -23.66
CA SER C 140 -8.79 -24.34 -24.59
C SER C 140 -7.55 -23.85 -23.85
N HIS C 141 -6.40 -24.38 -24.25
CA HIS C 141 -5.10 -23.96 -23.76
C HIS C 141 -4.89 -22.45 -23.92
N THR C 142 -5.32 -21.93 -25.07
CA THR C 142 -5.20 -20.51 -25.39
C THR C 142 -6.00 -19.63 -24.44
N ASP C 143 -7.24 -20.04 -24.14
CA ASP C 143 -8.10 -19.32 -23.20
C ASP C 143 -7.49 -19.25 -21.81
N ARG C 144 -6.93 -20.38 -21.36
CA ARG C 144 -6.30 -20.49 -20.06
C ARG C 144 -5.05 -19.61 -19.96
N HIS C 145 -4.21 -19.67 -20.99
CA HIS C 145 -2.96 -18.92 -21.08
C HIS C 145 -3.21 -17.41 -20.94
N PHE C 146 -4.13 -16.89 -21.73
CA PHE C 146 -4.46 -15.47 -21.69
C PHE C 146 -5.35 -15.05 -20.51
N ALA C 147 -6.05 -16.02 -19.90
CA ALA C 147 -6.74 -15.78 -18.63
C ALA C 147 -5.75 -15.33 -17.56
N PHE C 148 -4.64 -16.06 -17.44
CA PHE C 148 -3.58 -15.73 -16.49
C PHE C 148 -3.00 -14.34 -16.76
N LYS C 149 -2.73 -14.04 -18.03
CA LYS C 149 -2.24 -12.72 -18.45
C LYS C 149 -3.20 -11.61 -18.07
N GLN C 150 -4.50 -11.84 -18.28
CA GLN C 150 -5.55 -10.88 -17.93
C GLN C 150 -5.64 -10.65 -16.42
N MET C 151 -5.50 -11.73 -15.64
CA MET C 151 -5.53 -11.64 -14.18
C MET C 151 -4.35 -10.84 -13.65
N GLU C 152 -3.14 -11.15 -14.14
CA GLU C 152 -1.94 -10.41 -13.73
C GLU C 152 -2.00 -8.94 -14.14
N GLN C 153 -2.54 -8.66 -15.32
CA GLN C 153 -2.79 -7.29 -15.76
C GLN C 153 -3.68 -6.56 -14.75
N ALA C 154 -4.74 -7.25 -14.30
CA ALA C 154 -5.70 -6.72 -13.33
C ALA C 154 -5.16 -6.57 -11.90
N GLY C 155 -4.05 -7.24 -11.60
CA GLY C 155 -3.43 -7.15 -10.28
C GLY C 155 -3.51 -8.39 -9.42
N ALA C 156 -4.07 -9.47 -9.98
CA ALA C 156 -4.10 -10.77 -9.30
C ALA C 156 -2.71 -11.41 -9.30
N ILE C 157 -2.41 -12.16 -8.24
CA ILE C 157 -1.14 -12.85 -8.10
C ILE C 157 -1.22 -14.24 -8.75
N LEU C 158 -0.29 -14.53 -9.64
CA LEU C 158 -0.22 -15.83 -10.28
C LEU C 158 0.76 -16.73 -9.51
N THR C 159 0.20 -17.64 -8.73
CA THR C 159 0.98 -18.45 -7.81
C THR C 159 0.75 -19.94 -8.11
N THR C 160 1.45 -20.80 -7.36
CA THR C 160 1.31 -22.25 -7.49
C THR C 160 0.92 -22.86 -6.15
N SER C 161 0.40 -24.08 -6.18
CA SER C 161 -0.07 -24.77 -4.97
C SER C 161 1.00 -24.88 -3.88
N GLU C 162 2.20 -25.29 -4.24
CA GLU C 162 3.27 -25.44 -3.26
C GLU C 162 3.72 -24.10 -2.69
N ALA C 163 3.83 -23.09 -3.55
CA ALA C 163 4.12 -21.73 -3.09
C ALA C 163 3.07 -21.23 -2.08
N THR C 164 1.80 -21.49 -2.39
CA THR C 164 0.66 -21.11 -1.55
C THR C 164 0.61 -21.84 -0.20
N ILE C 165 0.78 -23.17 -0.23
CA ILE C 165 0.72 -23.98 0.99
C ILE C 165 1.81 -23.56 1.97
N LEU C 166 3.05 -23.54 1.50
CA LEU C 166 4.21 -23.20 2.33
C LEU C 166 4.25 -21.71 2.69
N GLY C 167 3.75 -20.88 1.80
CA GLY C 167 3.57 -19.45 2.08
C GLY C 167 2.65 -19.23 3.27
N LEU C 168 1.58 -20.04 3.34
CA LEU C 168 0.61 -19.97 4.44
C LEU C 168 1.20 -20.30 5.82
N VAL C 169 2.15 -21.23 5.87
CA VAL C 169 2.79 -21.60 7.15
C VAL C 169 4.03 -20.78 7.48
N GLY C 170 4.78 -20.38 6.45
CA GLY C 170 5.88 -19.42 6.59
C GLY C 170 7.20 -19.94 7.15
N GLY C 171 7.18 -21.17 7.66
CA GLY C 171 8.36 -21.80 8.24
C GLY C 171 8.10 -23.22 8.72
N SER C 172 9.16 -23.99 8.88
CA SER C 172 9.03 -25.39 9.27
C SER C 172 8.70 -25.60 10.76
N ASP C 173 8.65 -24.51 11.52
CA ASP C 173 8.28 -24.56 12.94
C ASP C 173 6.79 -24.24 13.18
N HIS C 174 6.05 -23.95 12.11
CA HIS C 174 4.61 -23.79 12.21
C HIS C 174 4.01 -25.09 12.78
N PRO C 175 3.07 -24.97 13.74
CA PRO C 175 2.52 -26.16 14.39
C PRO C 175 1.78 -27.10 13.45
N LYS C 176 1.34 -26.59 12.30
CA LYS C 176 0.67 -27.42 11.29
C LYS C 176 1.59 -27.72 10.09
N PHE C 177 2.88 -27.43 10.22
CA PHE C 177 3.82 -27.66 9.13
C PHE C 177 3.91 -29.12 8.69
N LYS C 178 4.02 -30.02 9.65
CA LYS C 178 4.17 -31.45 9.37
C LYS C 178 2.92 -32.01 8.70
N GLU C 179 1.75 -31.44 9.01
CA GLU C 179 0.51 -31.85 8.40
C GLU C 179 0.41 -31.39 6.93
N VAL C 180 0.78 -30.14 6.67
CA VAL C 180 0.75 -29.60 5.31
C VAL C 180 1.88 -30.14 4.43
N GLN C 181 2.98 -30.53 5.07
CA GLN C 181 4.14 -31.12 4.39
C GLN C 181 3.79 -32.45 3.71
N LYS C 182 2.86 -33.20 4.31
CA LYS C 182 2.34 -34.42 3.70
C LYS C 182 1.69 -34.16 2.34
N LEU C 183 1.05 -32.99 2.20
CA LEU C 183 0.28 -32.67 1.01
C LEU C 183 1.17 -32.42 -0.21
N ILE C 184 2.42 -32.07 0.06
CA ILE C 184 3.36 -31.64 -0.97
C ILE C 184 4.59 -32.54 -1.07
N LEU C 185 4.50 -33.75 -0.51
CA LEU C 185 5.60 -34.73 -0.56
C LEU C 185 6.07 -34.94 -2.00
N THR C 186 5.10 -35.09 -2.89
CA THR C 186 5.37 -35.13 -4.32
C THR C 186 5.00 -33.78 -4.92
N SER C 187 5.72 -33.39 -5.96
CA SER C 187 5.40 -32.19 -6.71
C SER C 187 4.01 -32.31 -7.31
N ALA C 188 3.30 -31.19 -7.38
CA ALA C 188 2.00 -31.16 -8.06
C ALA C 188 2.18 -31.56 -9.51
N PRO C 189 1.26 -32.36 -10.07
CA PRO C 189 1.41 -32.86 -11.44
C PRO C 189 1.49 -31.74 -12.48
N ASP C 190 2.28 -31.98 -13.54
CA ASP C 190 2.46 -31.01 -14.63
C ASP C 190 1.16 -30.71 -15.37
N THR C 191 0.94 -29.43 -15.65
CA THR C 191 -0.23 -28.99 -16.40
C THR C 191 0.17 -28.15 -17.60
N GLY C 192 1.34 -28.47 -18.16
CA GLY C 192 1.82 -27.88 -19.40
C GLY C 192 2.07 -26.38 -19.37
N LEU C 193 2.49 -25.86 -18.21
CA LEU C 193 2.66 -24.42 -18.02
C LEU C 193 4.06 -23.88 -18.33
N VAL C 194 5.04 -24.78 -18.49
CA VAL C 194 6.42 -24.39 -18.72
C VAL C 194 6.80 -24.78 -20.15
N PRO C 195 7.20 -23.79 -20.97
CA PRO C 195 7.59 -24.04 -22.36
C PRO C 195 8.77 -25.00 -22.47
N LEU C 196 8.73 -25.89 -23.46
CA LEU C 196 9.91 -26.65 -23.88
C LEU C 196 11.02 -25.65 -24.22
N SER C 197 12.21 -25.90 -23.71
CA SER C 197 13.32 -24.97 -23.83
C SER C 197 14.25 -25.35 -24.98
N LYS C 198 15.01 -24.37 -25.47
CA LYS C 198 16.03 -24.63 -26.48
C LYS C 198 17.45 -24.47 -25.92
N LEU C 199 18.42 -25.11 -26.59
CA LEU C 199 19.83 -25.01 -26.22
C LEU C 199 20.55 -23.89 -26.94
N ALA D 8 16.56 1.47 -10.08
CA ALA D 8 17.48 0.69 -9.19
C ALA D 8 18.77 0.30 -9.90
N ARG D 9 19.85 0.98 -9.55
CA ARG D 9 21.15 0.76 -10.19
C ARG D 9 22.18 0.22 -9.21
N ILE D 10 22.48 -1.07 -9.33
CA ILE D 10 23.42 -1.75 -8.44
C ILE D 10 24.86 -1.32 -8.67
N ASN D 11 25.60 -1.19 -7.57
CA ASN D 11 27.04 -1.00 -7.60
C ASN D 11 27.63 -1.69 -6.35
N PRO D 12 28.96 -1.89 -6.32
CA PRO D 12 29.58 -2.58 -5.17
C PRO D 12 29.39 -1.92 -3.78
N THR D 13 28.91 -0.68 -3.71
CA THR D 13 28.75 0.00 -2.42
C THR D 13 27.30 0.15 -1.94
N ASN D 14 26.34 -0.23 -2.77
CA ASN D 14 24.93 -0.10 -2.40
C ASN D 14 24.16 -1.42 -2.41
N SER D 15 24.91 -2.52 -2.46
CA SER D 15 24.36 -3.84 -2.69
C SER D 15 24.92 -4.90 -1.74
N ALA D 16 24.10 -5.92 -1.48
CA ALA D 16 24.55 -7.12 -0.76
C ALA D 16 24.12 -8.37 -1.52
N LEU D 17 24.93 -9.44 -1.40
CA LEU D 17 24.58 -10.74 -1.96
C LEU D 17 24.01 -11.67 -0.90
N PHE D 18 22.80 -12.18 -1.15
CA PHE D 18 22.16 -13.15 -0.28
C PHE D 18 22.17 -14.53 -0.93
N VAL D 19 22.72 -15.52 -0.24
CA VAL D 19 22.78 -16.89 -0.73
C VAL D 19 21.78 -17.77 0.01
N CYS D 20 20.70 -18.13 -0.68
CA CYS D 20 19.55 -18.78 -0.04
C CYS D 20 19.62 -20.30 -0.02
N ASP D 21 20.01 -20.84 1.14
CA ASP D 21 19.84 -22.26 1.48
C ASP D 21 20.37 -23.27 0.44
N LEU D 22 21.55 -23.01 -0.09
CA LEU D 22 22.13 -23.91 -1.10
C LEU D 22 22.86 -25.09 -0.46
N GLN D 23 22.07 -26.03 0.06
CA GLN D 23 22.59 -27.16 0.83
C GLN D 23 22.59 -28.46 0.02
N GLU D 24 23.61 -29.27 0.26
CA GLU D 24 23.94 -30.44 -0.56
C GLU D 24 22.91 -31.58 -0.55
N LYS D 25 22.09 -31.67 0.49
CA LYS D 25 21.08 -32.72 0.58
C LYS D 25 19.82 -32.41 -0.24
N PHE D 26 19.74 -31.18 -0.76
CA PHE D 26 18.71 -30.80 -1.73
C PHE D 26 19.04 -31.36 -3.10
N ALA D 27 20.33 -31.32 -3.44
CA ALA D 27 20.86 -31.70 -4.77
C ALA D 27 19.89 -32.44 -5.69
N SER D 28 19.57 -33.69 -5.35
CA SER D 28 18.84 -34.61 -6.23
C SER D 28 17.40 -34.18 -6.59
N ASN D 29 16.83 -33.27 -5.81
CA ASN D 29 15.46 -32.83 -6.02
C ASN D 29 15.37 -31.58 -6.90
N ILE D 30 16.33 -30.69 -6.74
CA ILE D 30 16.33 -29.38 -7.40
C ILE D 30 16.70 -29.49 -8.88
N LYS D 31 15.89 -28.85 -9.72
CA LYS D 31 16.14 -28.79 -11.16
C LYS D 31 17.36 -27.93 -11.47
N TYR D 32 18.19 -28.42 -12.39
CA TYR D 32 19.45 -27.77 -12.78
C TYR D 32 20.33 -27.39 -11.59
N PHE D 33 20.37 -28.24 -10.57
CA PHE D 33 21.13 -27.96 -9.36
C PHE D 33 22.63 -27.73 -9.61
N PRO D 34 23.29 -28.62 -10.39
CA PRO D 34 24.71 -28.38 -10.68
C PRO D 34 24.96 -27.01 -11.32
N GLU D 35 24.11 -26.62 -12.26
CA GLU D 35 24.23 -25.34 -12.97
C GLU D 35 24.06 -24.15 -12.01
N ILE D 36 23.10 -24.28 -11.11
CA ILE D 36 22.77 -23.27 -10.11
C ILE D 36 23.89 -23.08 -9.08
N ILE D 37 24.61 -24.16 -8.77
CA ILE D 37 25.82 -24.08 -7.93
C ILE D 37 26.95 -23.36 -8.66
N THR D 38 27.20 -23.76 -9.91
CA THR D 38 28.21 -23.14 -10.77
C THR D 38 28.01 -21.62 -10.84
N THR D 39 26.79 -21.21 -11.18
CA THR D 39 26.46 -19.81 -11.37
C THR D 39 26.40 -19.04 -10.05
N SER D 40 25.92 -19.68 -8.99
CA SER D 40 25.93 -19.06 -7.66
C SER D 40 27.36 -18.80 -7.16
N ARG D 41 28.28 -19.72 -7.47
CA ARG D 41 29.70 -19.54 -7.13
C ARG D 41 30.31 -18.32 -7.85
N ARG D 42 29.92 -18.11 -9.11
CA ARG D 42 30.35 -16.93 -9.87
C ARG D 42 29.98 -15.63 -9.16
N LEU D 43 28.75 -15.56 -8.66
CA LEU D 43 28.29 -14.37 -7.95
C LEU D 43 28.95 -14.20 -6.60
N ILE D 44 29.24 -15.33 -5.94
CA ILE D 44 30.01 -15.33 -4.70
C ILE D 44 31.42 -14.76 -4.92
N ASP D 45 32.12 -15.30 -5.92
CA ASP D 45 33.43 -14.79 -6.32
C ASP D 45 33.39 -13.30 -6.64
N ALA D 46 32.41 -12.90 -7.45
CA ALA D 46 32.23 -11.49 -7.83
C ALA D 46 32.01 -10.58 -6.63
N ALA D 47 31.19 -11.03 -5.69
CA ALA D 47 30.96 -10.30 -4.44
C ALA D 47 32.24 -10.18 -3.59
N ARG D 48 33.02 -11.26 -3.55
CA ARG D 48 34.31 -11.26 -2.83
C ARG D 48 35.31 -10.30 -3.47
N ILE D 49 35.41 -10.35 -4.80
CA ILE D 49 36.28 -9.45 -5.56
C ILE D 49 35.87 -7.99 -5.37
N LEU D 50 34.55 -7.73 -5.40
CA LEU D 50 34.04 -6.37 -5.36
C LEU D 50 33.75 -5.85 -3.95
N SER D 51 34.17 -6.63 -2.94
CA SER D 51 33.99 -6.28 -1.53
C SER D 51 32.52 -6.03 -1.16
N ILE D 52 31.64 -6.85 -1.72
CA ILE D 52 30.20 -6.77 -1.49
C ILE D 52 29.81 -7.71 -0.34
N PRO D 53 29.12 -7.17 0.68
CA PRO D 53 28.68 -7.98 1.83
C PRO D 53 27.84 -9.18 1.40
N THR D 54 28.23 -10.36 1.85
CA THR D 54 27.54 -11.60 1.52
C THR D 54 26.89 -12.20 2.77
N ILE D 55 25.62 -12.58 2.64
CA ILE D 55 24.91 -13.30 3.68
C ILE D 55 24.50 -14.68 3.16
N VAL D 56 24.83 -15.72 3.92
CA VAL D 56 24.45 -17.09 3.58
C VAL D 56 23.53 -17.62 4.67
N THR D 57 22.41 -18.24 4.26
CA THR D 57 21.53 -18.93 5.21
C THR D 57 21.45 -20.43 4.93
N GLU D 58 21.07 -21.17 5.97
CA GLU D 58 20.88 -22.62 5.86
C GLU D 58 19.59 -23.02 6.56
N GLN D 59 18.66 -23.61 5.81
CA GLN D 59 17.40 -24.08 6.38
C GLN D 59 17.62 -25.36 7.16
N TYR D 60 17.25 -25.34 8.43
CA TYR D 60 17.29 -26.53 9.30
C TYR D 60 18.44 -27.47 8.94
N PRO D 61 19.69 -27.03 9.16
CA PRO D 61 20.85 -27.82 8.73
C PRO D 61 21.02 -29.15 9.48
N LYS D 62 20.29 -29.32 10.58
CA LYS D 62 20.26 -30.60 11.31
C LYS D 62 19.76 -31.72 10.41
N GLY D 63 18.74 -31.41 9.61
CA GLY D 63 18.16 -32.37 8.67
C GLY D 63 18.61 -32.18 7.23
N LEU D 64 18.88 -30.93 6.86
CA LEU D 64 19.17 -30.60 5.46
C LEU D 64 20.65 -30.41 5.13
N GLY D 65 21.51 -30.55 6.13
CA GLY D 65 22.95 -30.42 5.92
C GLY D 65 23.39 -28.97 5.72
N HIS D 66 24.64 -28.78 5.37
CA HIS D 66 25.21 -27.44 5.25
C HIS D 66 25.41 -27.03 3.79
N THR D 67 25.72 -25.76 3.60
CA THR D 67 26.00 -25.18 2.27
C THR D 67 27.06 -25.99 1.53
N VAL D 68 26.82 -26.21 0.23
CA VAL D 68 27.76 -26.90 -0.65
C VAL D 68 29.18 -26.34 -0.47
N PRO D 69 30.16 -27.23 -0.19
CA PRO D 69 31.55 -26.84 0.05
C PRO D 69 32.12 -25.84 -0.96
N THR D 70 31.94 -26.11 -2.26
CA THR D 70 32.44 -25.23 -3.32
C THR D 70 32.02 -23.78 -3.13
N LEU D 71 30.79 -23.56 -2.65
CA LEU D 71 30.27 -22.21 -2.41
C LEU D 71 30.96 -21.56 -1.21
N LYS D 72 31.13 -22.32 -0.13
CA LYS D 72 31.86 -21.86 1.07
C LYS D 72 33.28 -21.42 0.74
N GLU D 73 33.94 -22.16 -0.15
CA GLU D 73 35.34 -21.90 -0.54
C GLU D 73 35.53 -20.59 -1.27
N GLY D 74 34.46 -20.05 -1.84
CA GLY D 74 34.50 -18.76 -2.53
C GLY D 74 34.18 -17.58 -1.64
N LEU D 75 33.59 -17.86 -0.48
CA LEU D 75 33.15 -16.82 0.45
C LEU D 75 34.31 -16.02 1.05
N ALA D 76 34.08 -14.73 1.26
CA ALA D 76 35.05 -13.85 1.93
C ALA D 76 35.39 -14.36 3.32
N GLU D 77 36.60 -14.04 3.77
CA GLU D 77 37.15 -14.53 5.05
C GLU D 77 36.18 -14.50 6.23
N ASN D 78 35.34 -13.46 6.30
CA ASN D 78 34.45 -13.26 7.45
C ASN D 78 32.94 -13.36 7.13
N THR D 79 32.61 -14.16 6.13
CA THR D 79 31.22 -14.34 5.72
C THR D 79 30.45 -15.22 6.73
N PRO D 80 29.36 -14.66 7.29
CA PRO D 80 28.55 -15.42 8.25
C PRO D 80 27.59 -16.38 7.57
N ILE D 81 27.34 -17.52 8.23
CA ILE D 81 26.33 -18.46 7.79
C ILE D 81 25.31 -18.64 8.92
N PHE D 82 24.08 -18.17 8.68
CA PHE D 82 23.02 -18.24 9.68
C PHE D 82 22.05 -19.38 9.38
N ASP D 83 21.74 -20.18 10.40
CA ASP D 83 20.72 -21.22 10.27
C ASP D 83 19.33 -20.68 10.59
N LYS D 84 18.30 -21.28 9.99
CA LYS D 84 16.92 -20.82 10.17
C LYS D 84 15.90 -21.94 9.95
N THR D 85 14.69 -21.73 10.45
CA THR D 85 13.55 -22.59 10.16
C THR D 85 12.46 -21.81 9.41
N LYS D 86 12.46 -20.50 9.61
CA LYS D 86 11.63 -19.58 8.85
C LYS D 86 12.14 -19.54 7.41
N PHE D 87 11.23 -19.55 6.44
CA PHE D 87 11.60 -19.65 5.03
C PHE D 87 12.38 -18.43 4.54
N SER D 88 11.92 -17.24 4.93
CA SER D 88 12.58 -15.99 4.57
C SER D 88 13.93 -15.79 5.25
N MET D 89 14.89 -15.27 4.48
CA MET D 89 16.24 -14.96 4.97
C MET D 89 16.27 -13.71 5.85
N CYS D 90 15.15 -12.98 5.88
CA CYS D 90 15.05 -11.78 6.71
C CYS D 90 14.79 -12.15 8.16
N ILE D 91 15.86 -12.53 8.83
CA ILE D 91 15.86 -12.88 10.24
C ILE D 91 16.68 -11.82 10.98
N PRO D 92 16.52 -11.71 12.32
CA PRO D 92 17.26 -10.72 13.12
C PRO D 92 18.75 -10.46 12.78
N PRO D 93 19.61 -11.51 12.73
CA PRO D 93 21.03 -11.26 12.50
C PRO D 93 21.44 -10.78 11.10
N THR D 94 20.48 -10.62 10.19
CA THR D 94 20.78 -10.11 8.85
C THR D 94 20.48 -8.61 8.71
N GLU D 95 19.85 -8.03 9.73
CA GLU D 95 19.41 -6.64 9.67
C GLU D 95 20.52 -5.59 9.74
N ASP D 96 21.66 -5.95 10.33
CA ASP D 96 22.83 -5.06 10.37
C ASP D 96 23.40 -4.82 8.97
N THR D 97 23.47 -5.90 8.19
CA THR D 97 23.89 -5.85 6.78
C THR D 97 22.90 -5.05 5.93
N LEU D 98 21.61 -5.25 6.20
CA LEU D 98 20.54 -4.66 5.41
C LEU D 98 20.39 -3.15 5.57
N LYS D 99 20.80 -2.63 6.72
CA LYS D 99 20.78 -1.19 6.99
C LYS D 99 21.82 -0.41 6.17
N LYS D 100 22.87 -1.10 5.73
CA LYS D 100 24.00 -0.47 5.05
C LYS D 100 23.94 -0.52 3.51
N VAL D 101 22.93 -1.21 2.97
CA VAL D 101 22.77 -1.35 1.52
C VAL D 101 21.35 -0.98 1.07
N GLN D 102 21.19 -0.75 -0.23
CA GLN D 102 19.89 -0.38 -0.80
C GLN D 102 19.39 -1.45 -1.79
N ASN D 103 20.26 -2.42 -2.09
CA ASN D 103 19.98 -3.47 -3.06
C ASN D 103 20.39 -4.84 -2.55
N VAL D 104 19.58 -5.85 -2.84
CA VAL D 104 19.93 -7.23 -2.52
C VAL D 104 19.93 -8.07 -3.78
N ILE D 105 21.07 -8.71 -4.03
CA ILE D 105 21.22 -9.67 -5.11
C ILE D 105 20.96 -11.05 -4.52
N LEU D 106 20.03 -11.79 -5.12
CA LEU D 106 19.53 -13.03 -4.53
C LEU D 106 19.78 -14.26 -5.40
N VAL D 107 20.40 -15.26 -4.80
CA VAL D 107 20.58 -16.59 -5.40
C VAL D 107 20.10 -17.65 -4.40
N GLY D 108 19.82 -18.87 -4.88
CA GLY D 108 19.44 -19.96 -3.97
C GLY D 108 18.21 -20.74 -4.40
N ILE D 109 17.69 -21.59 -3.50
CA ILE D 109 16.71 -22.61 -3.94
C ILE D 109 15.34 -22.68 -3.27
N GLU D 110 14.45 -23.33 -4.02
CA GLU D 110 13.02 -23.18 -3.92
C GLU D 110 12.74 -21.68 -4.10
N ALA D 111 12.75 -21.31 -5.37
CA ALA D 111 12.46 -19.97 -5.85
C ALA D 111 11.11 -19.48 -5.35
N HIS D 112 10.19 -20.42 -5.18
CA HIS D 112 8.79 -20.13 -4.84
C HIS D 112 8.55 -20.15 -3.33
N VAL D 113 9.59 -20.52 -2.58
CA VAL D 113 9.50 -20.64 -1.12
C VAL D 113 10.45 -19.65 -0.45
N CYS D 114 11.66 -20.09 -0.14
CA CYS D 114 12.61 -19.27 0.59
C CYS D 114 13.06 -18.03 -0.20
N VAL D 115 13.26 -18.18 -1.50
CA VAL D 115 13.66 -17.05 -2.35
C VAL D 115 12.52 -16.03 -2.51
N LEU D 116 11.29 -16.53 -2.72
CA LEU D 116 10.10 -15.66 -2.85
C LEU D 116 9.73 -14.92 -1.57
N GLN D 117 9.67 -15.65 -0.45
CA GLN D 117 9.33 -15.05 0.84
C GLN D 117 10.40 -14.03 1.27
N THR D 118 11.67 -14.34 1.01
CA THR D 118 12.76 -13.39 1.26
C THR D 118 12.54 -12.12 0.44
N THR D 119 12.27 -12.30 -0.85
CA THR D 119 12.02 -11.21 -1.78
C THR D 119 10.89 -10.30 -1.28
N TYR D 120 9.79 -10.89 -0.85
CA TYR D 120 8.66 -10.15 -0.27
C TYR D 120 9.08 -9.31 0.94
N ASP D 121 9.80 -9.93 1.88
CA ASP D 121 10.27 -9.25 3.09
C ASP D 121 11.20 -8.07 2.79
N LEU D 122 12.16 -8.28 1.90
CA LEU D 122 13.10 -7.22 1.48
C LEU D 122 12.41 -6.03 0.81
N LEU D 123 11.44 -6.32 -0.06
CA LEU D 123 10.65 -5.28 -0.73
C LEU D 123 9.83 -4.46 0.27
N GLU D 124 9.25 -5.15 1.25
CA GLU D 124 8.52 -4.49 2.34
C GLU D 124 9.40 -3.52 3.11
N ARG D 125 10.67 -3.88 3.29
CA ARG D 125 11.65 -3.05 3.97
C ARG D 125 12.21 -1.93 3.09
N GLY D 126 11.69 -1.83 1.86
CA GLY D 126 12.12 -0.78 0.93
C GLY D 126 13.46 -1.04 0.29
N LEU D 127 13.83 -2.31 0.19
CA LEU D 127 15.05 -2.70 -0.53
C LEU D 127 14.68 -3.16 -1.93
N ASN D 128 15.57 -2.89 -2.89
CA ASN D 128 15.44 -3.42 -4.24
C ASN D 128 15.96 -4.84 -4.28
N VAL D 129 15.24 -5.72 -4.96
CA VAL D 129 15.62 -7.13 -5.04
C VAL D 129 15.97 -7.50 -6.48
N HIS D 130 17.16 -8.06 -6.65
CA HIS D 130 17.65 -8.47 -7.95
C HIS D 130 17.81 -9.99 -7.95
N VAL D 131 16.86 -10.67 -8.57
CA VAL D 131 16.79 -12.13 -8.58
C VAL D 131 17.59 -12.68 -9.76
N VAL D 132 18.62 -13.47 -9.43
CA VAL D 132 19.51 -14.02 -10.46
C VAL D 132 18.91 -15.34 -10.95
N VAL D 133 18.11 -15.26 -12.02
CA VAL D 133 17.29 -16.38 -12.47
C VAL D 133 18.09 -17.63 -12.85
N ASP D 134 19.31 -17.45 -13.35
CA ASP D 134 20.14 -18.61 -13.71
C ASP D 134 20.90 -19.21 -12.51
N ALA D 135 20.63 -18.67 -11.33
CA ALA D 135 21.22 -19.14 -10.07
C ALA D 135 20.14 -19.44 -9.02
N VAL D 136 18.89 -19.59 -9.49
CA VAL D 136 17.73 -19.78 -8.64
C VAL D 136 16.84 -20.86 -9.26
N SER D 137 16.44 -21.84 -8.45
CA SER D 137 15.63 -22.96 -8.96
C SER D 137 14.74 -23.59 -7.89
N SER D 138 13.96 -24.58 -8.32
CA SER D 138 13.03 -25.29 -7.47
C SER D 138 13.02 -26.77 -7.85
N ARG D 139 12.41 -27.58 -7.01
CA ARG D 139 12.16 -28.99 -7.31
C ARG D 139 11.30 -29.14 -8.57
N SER D 140 10.31 -28.26 -8.71
CA SER D 140 9.42 -28.26 -9.87
C SER D 140 9.69 -27.07 -10.81
N HIS D 141 9.74 -27.35 -12.11
CA HIS D 141 9.88 -26.31 -13.16
C HIS D 141 8.75 -25.28 -13.11
N THR D 142 7.52 -25.74 -12.87
CA THR D 142 6.35 -24.86 -12.74
C THR D 142 6.46 -23.92 -11.54
N ASP D 143 6.85 -24.45 -10.40
CA ASP D 143 7.05 -23.63 -9.20
C ASP D 143 8.09 -22.54 -9.45
N ARG D 144 9.18 -22.93 -10.10
CA ARG D 144 10.26 -22.02 -10.46
C ARG D 144 9.78 -20.96 -11.46
N HIS D 145 9.05 -21.40 -12.49
CA HIS D 145 8.56 -20.53 -13.56
C HIS D 145 7.70 -19.41 -12.99
N PHE D 146 6.77 -19.76 -12.12
CA PHE D 146 5.83 -18.80 -11.56
C PHE D 146 6.33 -18.05 -10.34
N ALA D 147 7.39 -18.57 -9.70
CA ALA D 147 8.08 -17.81 -8.67
C ALA D 147 8.64 -16.53 -9.27
N PHE D 148 9.26 -16.65 -10.45
CA PHE D 148 9.80 -15.50 -11.16
C PHE D 148 8.71 -14.49 -11.52
N LYS D 149 7.55 -14.99 -11.94
CA LYS D 149 6.42 -14.11 -12.26
C LYS D 149 5.92 -13.34 -11.04
N GLN D 150 5.81 -14.03 -9.90
CA GLN D 150 5.37 -13.43 -8.64
C GLN D 150 6.35 -12.38 -8.16
N MET D 151 7.64 -12.69 -8.28
CA MET D 151 8.69 -11.77 -7.90
C MET D 151 8.64 -10.53 -8.78
N GLU D 152 8.44 -10.73 -10.09
CA GLU D 152 8.28 -9.63 -11.05
C GLU D 152 7.08 -8.76 -10.73
N GLN D 153 5.92 -9.39 -10.51
CA GLN D 153 4.68 -8.68 -10.13
C GLN D 153 4.90 -7.78 -8.90
N ALA D 154 5.68 -8.28 -7.94
CA ALA D 154 5.93 -7.59 -6.68
C ALA D 154 6.96 -6.47 -6.79
N GLY D 155 7.70 -6.45 -7.89
CA GLY D 155 8.65 -5.36 -8.14
C GLY D 155 10.11 -5.77 -8.18
N ALA D 156 10.38 -7.06 -7.96
CA ALA D 156 11.76 -7.57 -8.03
C ALA D 156 12.25 -7.56 -9.48
N ILE D 157 13.54 -7.29 -9.67
CA ILE D 157 14.16 -7.33 -11.00
C ILE D 157 14.64 -8.75 -11.27
N LEU D 158 14.18 -9.33 -12.37
CA LEU D 158 14.60 -10.64 -12.81
C LEU D 158 15.80 -10.49 -13.74
N THR D 159 16.97 -10.80 -13.20
CA THR D 159 18.22 -10.57 -13.92
C THR D 159 19.02 -11.87 -14.05
N THR D 160 20.17 -11.78 -14.70
CA THR D 160 21.03 -12.95 -14.90
C THR D 160 22.42 -12.66 -14.31
N SER D 161 23.21 -13.71 -14.14
CA SER D 161 24.55 -13.61 -13.56
C SER D 161 25.48 -12.65 -14.29
N GLU D 162 25.55 -12.77 -15.61
CA GLU D 162 26.46 -11.92 -16.39
C GLU D 162 25.98 -10.46 -16.45
N ALA D 163 24.67 -10.28 -16.55
CA ALA D 163 24.06 -8.94 -16.48
C ALA D 163 24.36 -8.24 -15.15
N THR D 164 24.28 -9.00 -14.06
CA THR D 164 24.56 -8.49 -12.71
C THR D 164 26.05 -8.14 -12.53
N ILE D 165 26.92 -9.07 -12.91
CA ILE D 165 28.36 -8.92 -12.73
C ILE D 165 28.91 -7.72 -13.51
N LEU D 166 28.50 -7.59 -14.77
CA LEU D 166 28.92 -6.47 -15.60
C LEU D 166 28.19 -5.17 -15.24
N GLY D 167 26.96 -5.29 -14.74
CA GLY D 167 26.18 -4.13 -14.31
C GLY D 167 26.81 -3.45 -13.09
N LEU D 168 27.43 -4.26 -12.23
CA LEU D 168 28.09 -3.76 -11.03
C LEU D 168 29.32 -2.91 -11.32
N VAL D 169 30.07 -3.26 -12.38
CA VAL D 169 31.31 -2.54 -12.71
C VAL D 169 31.11 -1.36 -13.68
N GLY D 170 30.00 -1.35 -14.41
CA GLY D 170 29.62 -0.19 -15.24
C GLY D 170 30.39 0.01 -16.55
N GLY D 171 31.66 -0.38 -16.55
CA GLY D 171 32.50 -0.24 -17.75
C GLY D 171 33.73 -1.12 -17.71
N SER D 172 34.48 -1.14 -18.81
CA SER D 172 35.69 -1.96 -18.91
C SER D 172 36.91 -1.30 -18.25
N ASP D 173 36.75 -0.03 -17.85
CA ASP D 173 37.78 0.71 -17.13
C ASP D 173 37.76 0.49 -15.61
N HIS D 174 36.71 -0.17 -15.13
CA HIS D 174 36.55 -0.41 -13.69
C HIS D 174 37.78 -1.16 -13.13
N PRO D 175 38.31 -0.69 -11.99
CA PRO D 175 39.49 -1.28 -11.35
C PRO D 175 39.46 -2.80 -11.24
N LYS D 176 38.28 -3.39 -11.03
CA LYS D 176 38.14 -4.84 -10.87
C LYS D 176 37.49 -5.52 -12.08
N PHE D 177 37.55 -4.88 -13.25
CA PHE D 177 36.93 -5.45 -14.46
C PHE D 177 37.58 -6.75 -14.93
N LYS D 178 38.90 -6.79 -14.96
CA LYS D 178 39.65 -7.96 -15.45
C LYS D 178 39.43 -9.19 -14.56
N GLU D 179 39.31 -8.97 -13.25
CA GLU D 179 39.05 -10.02 -12.27
C GLU D 179 37.65 -10.63 -12.42
N VAL D 180 36.63 -9.79 -12.63
CA VAL D 180 35.26 -10.30 -12.80
C VAL D 180 35.01 -10.85 -14.20
N GLN D 181 35.81 -10.41 -15.17
CA GLN D 181 35.73 -10.89 -16.54
C GLN D 181 36.13 -12.36 -16.63
N LYS D 182 37.07 -12.77 -15.78
CA LYS D 182 37.53 -14.16 -15.70
C LYS D 182 36.40 -15.12 -15.30
N LEU D 183 35.47 -14.62 -14.49
CA LEU D 183 34.34 -15.41 -14.00
C LEU D 183 33.28 -15.64 -15.07
N ILE D 184 33.23 -14.73 -16.04
CA ILE D 184 32.21 -14.78 -17.09
C ILE D 184 32.76 -15.08 -18.49
N LEU D 185 33.99 -15.61 -18.53
CA LEU D 185 34.67 -15.96 -19.79
C LEU D 185 33.85 -16.94 -20.64
N THR D 186 33.23 -17.91 -19.98
CA THR D 186 32.23 -18.76 -20.64
C THR D 186 30.85 -18.34 -20.17
N SER D 187 29.85 -18.46 -21.03
CA SER D 187 28.46 -18.15 -20.66
C SER D 187 28.01 -19.05 -19.51
N ALA D 188 27.14 -18.53 -18.65
CA ALA D 188 26.54 -19.32 -17.58
C ALA D 188 25.79 -20.51 -18.18
N PRO D 189 25.84 -21.69 -17.52
CA PRO D 189 25.22 -22.88 -18.09
C PRO D 189 23.69 -22.76 -18.16
N ASP D 190 23.13 -23.26 -19.25
CA ASP D 190 21.70 -23.17 -19.52
C ASP D 190 20.87 -23.86 -18.44
N THR D 191 19.75 -23.23 -18.08
CA THR D 191 18.80 -23.79 -17.12
C THR D 191 17.37 -23.79 -17.68
N GLY D 192 17.25 -24.05 -18.98
CA GLY D 192 15.96 -24.20 -19.64
C GLY D 192 15.01 -23.01 -19.56
N LEU D 193 15.56 -21.81 -19.57
CA LEU D 193 14.74 -20.60 -19.39
C LEU D 193 14.19 -20.04 -20.69
N VAL D 194 14.79 -20.44 -21.82
CA VAL D 194 14.45 -19.90 -23.12
C VAL D 194 13.66 -20.92 -23.95
N PRO D 195 12.42 -20.56 -24.33
CA PRO D 195 11.56 -21.48 -25.09
C PRO D 195 12.15 -21.87 -26.44
N LEU D 196 11.85 -23.09 -26.87
CA LEU D 196 12.05 -23.52 -28.27
C LEU D 196 11.42 -22.48 -29.20
N SER D 197 12.07 -22.24 -30.33
CA SER D 197 11.64 -21.21 -31.27
C SER D 197 10.65 -21.75 -32.29
N LYS D 198 9.59 -20.97 -32.51
CA LYS D 198 8.65 -21.20 -33.59
C LYS D 198 9.36 -20.90 -34.91
N LEU D 199 9.17 -21.80 -35.87
CA LEU D 199 9.75 -21.66 -37.21
C LEU D 199 9.07 -20.56 -38.03
N ALA E 8 -3.08 -7.65 28.22
CA ALA E 8 -3.41 -6.20 28.41
C ALA E 8 -4.29 -5.98 29.63
N ARG E 9 -4.60 -7.07 30.33
CA ARG E 9 -5.54 -7.06 31.46
C ARG E 9 -4.84 -7.28 32.79
N ILE E 10 -4.65 -6.19 33.52
CA ILE E 10 -3.93 -6.22 34.80
C ILE E 10 -4.75 -6.85 35.92
N ASN E 11 -4.04 -7.61 36.76
CA ASN E 11 -4.56 -8.03 38.04
C ASN E 11 -3.40 -8.00 39.04
N PRO E 12 -3.68 -8.10 40.35
CA PRO E 12 -2.60 -8.00 41.34
C PRO E 12 -1.50 -9.06 41.24
N THR E 13 -1.73 -10.14 40.50
CA THR E 13 -0.77 -11.25 40.45
C THR E 13 0.10 -11.28 39.18
N ASN E 14 -0.21 -10.43 38.20
CA ASN E 14 0.61 -10.34 36.98
C ASN E 14 1.27 -8.97 36.77
N SER E 15 1.26 -8.15 37.83
CA SER E 15 1.62 -6.74 37.72
C SER E 15 2.69 -6.29 38.71
N ALA E 16 3.40 -5.22 38.34
CA ALA E 16 4.34 -4.56 39.23
C ALA E 16 4.14 -3.05 39.16
N LEU E 17 4.37 -2.38 40.28
CA LEU E 17 4.29 -0.93 40.32
C LEU E 17 5.69 -0.32 40.33
N PHE E 18 5.96 0.53 39.33
CA PHE E 18 7.23 1.23 39.21
C PHE E 18 7.03 2.70 39.56
N VAL E 19 7.81 3.18 40.54
CA VAL E 19 7.77 4.57 40.99
C VAL E 19 9.03 5.30 40.55
N CYS E 20 8.86 6.20 39.57
CA CYS E 20 9.98 6.83 38.90
C CYS E 20 10.39 8.16 39.53
N ASP E 21 11.50 8.13 40.28
CA ASP E 21 12.27 9.32 40.64
C ASP E 21 11.48 10.48 41.25
N LEU E 22 10.51 10.15 42.10
CA LEU E 22 9.73 11.18 42.78
C LEU E 22 10.50 11.70 44.00
N GLN E 23 11.44 12.59 43.72
CA GLN E 23 12.40 13.06 44.72
C GLN E 23 12.13 14.49 45.16
N GLU E 24 12.65 14.84 46.33
CA GLU E 24 12.34 16.09 47.01
C GLU E 24 12.83 17.36 46.31
N LYS E 25 14.04 17.30 45.75
CA LYS E 25 14.64 18.48 45.10
C LYS E 25 14.01 18.78 43.74
N PHE E 26 12.96 18.03 43.40
CA PHE E 26 12.13 18.29 42.24
C PHE E 26 10.83 19.00 42.63
N ALA E 27 10.61 19.11 43.94
CA ALA E 27 9.42 19.76 44.48
C ALA E 27 9.52 21.29 44.35
N SER E 28 9.47 21.76 43.11
CA SER E 28 9.49 23.18 42.77
C SER E 28 9.37 23.38 41.26
N ASN E 29 10.00 22.47 40.51
CA ASN E 29 10.09 22.60 39.05
C ASN E 29 8.98 21.91 38.27
N ILE E 30 8.47 20.80 38.80
CA ILE E 30 7.51 19.94 38.10
C ILE E 30 6.08 20.47 38.22
N LYS E 31 5.38 20.49 37.09
CA LYS E 31 3.97 20.90 37.07
C LYS E 31 3.11 19.90 37.84
N TYR E 32 2.28 20.42 38.73
CA TYR E 32 1.36 19.62 39.54
C TYR E 32 2.06 18.60 40.44
N PHE E 33 3.22 18.97 40.97
CA PHE E 33 4.00 18.07 41.83
C PHE E 33 3.21 17.57 43.06
N PRO E 34 2.56 18.49 43.82
CA PRO E 34 1.76 18.04 44.98
C PRO E 34 0.65 17.07 44.59
N GLU E 35 0.06 17.27 43.41
CA GLU E 35 -1.05 16.45 42.93
C GLU E 35 -0.58 15.04 42.58
N ILE E 36 0.54 14.96 41.86
CA ILE E 36 1.17 13.70 41.46
C ILE E 36 1.65 12.87 42.65
N ILE E 37 2.15 13.53 43.69
CA ILE E 37 2.56 12.87 44.93
C ILE E 37 1.36 12.22 45.62
N THR E 38 0.28 12.98 45.80
CA THR E 38 -0.99 12.48 46.35
C THR E 38 -1.50 11.25 45.59
N THR E 39 -1.52 11.34 44.26
CA THR E 39 -2.04 10.27 43.41
C THR E 39 -1.10 9.06 43.35
N SER E 40 0.22 9.29 43.28
CA SER E 40 1.21 8.21 43.35
C SER E 40 1.10 7.45 44.66
N ARG E 41 0.85 8.18 45.75
CA ARG E 41 0.61 7.59 47.06
C ARG E 41 -0.62 6.68 47.06
N ARG E 42 -1.63 7.01 46.25
CA ARG E 42 -2.82 6.17 46.10
C ARG E 42 -2.48 4.82 45.48
N LEU E 43 -1.58 4.84 44.50
CA LEU E 43 -1.14 3.61 43.82
C LEU E 43 -0.18 2.80 44.68
N ILE E 44 0.69 3.50 45.41
CA ILE E 44 1.58 2.91 46.40
C ILE E 44 0.78 2.18 47.47
N ASP E 45 -0.28 2.83 47.96
CA ASP E 45 -1.18 2.25 48.94
C ASP E 45 -1.91 1.02 48.37
N ALA E 46 -2.40 1.15 47.14
CA ALA E 46 -3.13 0.08 46.47
C ALA E 46 -2.24 -1.14 46.21
N ALA E 47 -1.00 -0.90 45.82
CA ALA E 47 -0.03 -1.98 45.61
C ALA E 47 0.31 -2.69 46.93
N ARG E 48 0.42 -1.93 48.02
CA ARG E 48 0.63 -2.51 49.35
C ARG E 48 -0.56 -3.37 49.77
N ILE E 49 -1.76 -2.80 49.69
CA ILE E 49 -3.01 -3.49 50.02
C ILE E 49 -3.15 -4.81 49.23
N LEU E 50 -2.80 -4.76 47.95
CA LEU E 50 -3.01 -5.88 47.04
C LEU E 50 -1.78 -6.77 46.83
N SER E 51 -0.73 -6.53 47.62
CA SER E 51 0.51 -7.30 47.55
C SER E 51 1.12 -7.31 46.14
N ILE E 52 1.17 -6.12 45.53
CA ILE E 52 1.76 -5.95 44.20
C ILE E 52 3.21 -5.50 44.40
N PRO E 53 4.17 -6.24 43.83
CA PRO E 53 5.58 -5.87 43.95
C PRO E 53 5.82 -4.45 43.48
N THR E 54 6.47 -3.66 44.33
CA THR E 54 6.77 -2.26 44.05
C THR E 54 8.28 -2.04 43.94
N ILE E 55 8.68 -1.35 42.87
CA ILE E 55 10.05 -0.95 42.62
C ILE E 55 10.10 0.57 42.65
N VAL E 56 11.07 1.11 43.39
CA VAL E 56 11.30 2.55 43.45
C VAL E 56 12.72 2.82 42.94
N THR E 57 12.85 3.87 42.12
CA THR E 57 14.18 4.34 41.72
C THR E 57 14.41 5.78 42.14
N GLU E 58 15.70 6.13 42.27
CA GLU E 58 16.11 7.49 42.56
C GLU E 58 17.25 7.89 41.61
N GLN E 59 17.03 8.98 40.89
CA GLN E 59 18.02 9.54 39.98
C GLN E 59 19.04 10.35 40.79
N TYR E 60 20.31 9.97 40.68
CA TYR E 60 21.43 10.68 41.33
C TYR E 60 21.05 11.30 42.67
N PRO E 61 20.73 10.48 43.69
CA PRO E 61 20.24 10.99 44.98
C PRO E 61 21.18 11.97 45.69
N LYS E 62 22.49 11.89 45.42
CA LYS E 62 23.45 12.83 46.01
C LYS E 62 23.17 14.28 45.61
N GLY E 63 22.72 14.47 44.37
CA GLY E 63 22.40 15.82 43.88
C GLY E 63 20.92 16.16 43.91
N LEU E 64 20.07 15.13 43.90
CA LEU E 64 18.61 15.33 43.80
C LEU E 64 17.80 14.82 45.00
N GLY E 65 18.49 14.38 46.05
CA GLY E 65 17.82 13.93 47.27
C GLY E 65 17.11 12.60 47.14
N HIS E 66 16.31 12.25 48.15
CA HIS E 66 15.62 10.97 48.18
C HIS E 66 14.12 11.08 47.94
N THR E 67 13.47 9.93 47.75
CA THR E 67 12.03 9.84 47.51
C THR E 67 11.25 10.59 48.60
N VAL E 68 10.27 11.37 48.16
CA VAL E 68 9.37 12.12 49.06
C VAL E 68 8.90 11.21 50.21
N PRO E 69 9.12 11.64 51.47
CA PRO E 69 8.76 10.90 52.68
C PRO E 69 7.37 10.28 52.67
N THR E 70 6.37 11.03 52.20
CA THR E 70 4.98 10.57 52.15
C THR E 70 4.83 9.25 51.39
N LEU E 71 5.53 9.14 50.26
CA LEU E 71 5.49 7.92 49.44
C LEU E 71 6.20 6.75 50.12
N LYS E 72 7.33 7.05 50.77
CA LYS E 72 8.11 6.05 51.51
C LYS E 72 7.27 5.41 52.63
N GLU E 73 6.42 6.21 53.26
CA GLU E 73 5.56 5.77 54.35
C GLU E 73 4.51 4.75 53.91
N GLY E 74 4.16 4.78 52.63
CA GLY E 74 3.13 3.91 52.09
C GLY E 74 3.64 2.61 51.48
N LEU E 75 4.96 2.57 51.24
CA LEU E 75 5.59 1.40 50.62
C LEU E 75 5.46 0.14 51.47
N ALA E 76 5.24 -0.99 50.80
CA ALA E 76 5.20 -2.30 51.45
C ALA E 76 6.56 -2.62 52.10
N GLU E 77 6.50 -3.35 53.21
CA GLU E 77 7.66 -3.69 54.06
C GLU E 77 9.03 -3.85 53.37
N ASN E 78 9.12 -4.71 52.37
CA ASN E 78 10.40 -4.99 51.73
C ASN E 78 10.49 -4.44 50.30
N THR E 79 10.25 -3.14 50.16
CA THR E 79 10.32 -2.46 48.87
C THR E 79 11.73 -1.94 48.59
N PRO E 80 12.36 -2.46 47.52
CA PRO E 80 13.69 -1.98 47.14
C PRO E 80 13.65 -0.57 46.53
N ILE E 81 14.69 0.20 46.83
CA ILE E 81 14.88 1.53 46.27
C ILE E 81 16.26 1.57 45.63
N PHE E 82 16.30 1.73 44.31
CA PHE E 82 17.56 1.68 43.57
C PHE E 82 17.99 3.04 43.03
N ASP E 83 19.21 3.45 43.39
CA ASP E 83 19.80 4.66 42.80
C ASP E 83 20.27 4.41 41.38
N LYS E 84 20.22 5.44 40.54
CA LYS E 84 20.61 5.32 39.14
C LYS E 84 21.06 6.66 38.55
N THR E 85 21.81 6.58 37.44
CA THR E 85 22.12 7.75 36.63
C THR E 85 21.51 7.58 35.25
N LYS E 86 21.25 6.34 34.85
CA LYS E 86 20.50 6.05 33.63
C LYS E 86 19.07 6.57 33.80
N PHE E 87 18.52 7.14 32.73
CA PHE E 87 17.15 7.68 32.79
C PHE E 87 16.09 6.59 32.96
N SER E 88 16.26 5.48 32.25
CA SER E 88 15.33 4.35 32.35
C SER E 88 15.45 3.63 33.69
N MET E 89 14.30 3.23 34.24
CA MET E 89 14.24 2.42 35.45
C MET E 89 14.65 0.96 35.18
N CYS E 90 14.77 0.60 33.89
CA CYS E 90 15.19 -0.74 33.51
C CYS E 90 16.69 -0.88 33.66
N ILE E 91 17.11 -1.09 34.90
CA ILE E 91 18.50 -1.30 35.26
C ILE E 91 18.65 -2.75 35.77
N PRO E 92 19.88 -3.31 35.72
CA PRO E 92 20.09 -4.68 36.21
C PRO E 92 19.33 -5.08 37.49
N PRO E 93 19.37 -4.26 38.57
CA PRO E 93 18.65 -4.66 39.79
C PRO E 93 17.14 -4.87 39.64
N THR E 94 16.53 -4.32 38.59
CA THR E 94 15.07 -4.40 38.41
C THR E 94 14.63 -5.55 37.49
N GLU E 95 15.60 -6.18 36.82
CA GLU E 95 15.30 -7.23 35.83
C GLU E 95 14.56 -8.43 36.37
N ASP E 96 15.00 -8.93 37.54
CA ASP E 96 14.40 -10.12 38.14
C ASP E 96 12.89 -9.97 38.36
N THR E 97 12.50 -8.79 38.86
CA THR E 97 11.08 -8.46 39.08
C THR E 97 10.27 -8.55 37.78
N LEU E 98 10.85 -8.07 36.69
CA LEU E 98 10.21 -8.04 35.37
C LEU E 98 9.96 -9.43 34.78
N LYS E 99 10.86 -10.37 35.09
CA LYS E 99 10.73 -11.76 34.67
C LYS E 99 9.45 -12.41 35.22
N LYS E 100 9.00 -11.91 36.37
CA LYS E 100 7.87 -12.47 37.10
C LYS E 100 6.51 -11.86 36.72
N VAL E 101 6.53 -10.69 36.08
CA VAL E 101 5.29 -9.97 35.76
C VAL E 101 5.04 -9.79 34.25
N GLN E 102 3.79 -9.51 33.89
CA GLN E 102 3.42 -9.26 32.49
C GLN E 102 3.02 -7.79 32.27
N ASN E 103 2.73 -7.09 33.38
CA ASN E 103 2.27 -5.70 33.33
C ASN E 103 3.03 -4.80 34.29
N VAL E 104 3.36 -3.60 33.83
CA VAL E 104 3.95 -2.60 34.73
C VAL E 104 3.12 -1.33 34.78
N ILE E 105 2.74 -0.96 36.00
CA ILE E 105 2.05 0.28 36.28
C ILE E 105 3.11 1.33 36.63
N LEU E 106 3.03 2.48 35.97
CA LEU E 106 4.11 3.46 36.01
C LEU E 106 3.64 4.83 36.51
N VAL E 107 4.25 5.28 37.60
CA VAL E 107 4.06 6.65 38.08
C VAL E 107 5.41 7.34 38.17
N GLY E 108 5.40 8.67 38.25
CA GLY E 108 6.63 9.40 38.51
C GLY E 108 6.93 10.51 37.54
N ILE E 109 8.17 10.99 37.59
CA ILE E 109 8.53 12.21 36.87
C ILE E 109 9.71 12.09 35.93
N GLU E 110 9.78 13.07 35.04
CA GLU E 110 10.49 12.99 33.79
C GLU E 110 9.60 12.19 32.84
N ALA E 111 8.35 12.63 32.71
CA ALA E 111 7.37 11.99 31.80
C ALA E 111 7.96 11.71 30.42
N HIS E 112 8.68 12.71 29.90
CA HIS E 112 9.28 12.68 28.57
C HIS E 112 10.74 12.20 28.59
N VAL E 113 11.23 11.90 29.79
CA VAL E 113 12.62 11.45 29.96
C VAL E 113 12.61 10.05 30.60
N CYS E 114 12.64 10.00 31.92
CA CYS E 114 12.75 8.73 32.64
C CYS E 114 11.50 7.85 32.49
N VAL E 115 10.31 8.44 32.59
CA VAL E 115 9.06 7.69 32.43
C VAL E 115 8.93 7.15 31.01
N LEU E 116 9.28 7.97 30.01
CA LEU E 116 9.24 7.60 28.60
C LEU E 116 10.29 6.54 28.22
N GLN E 117 11.54 6.75 28.64
CA GLN E 117 12.62 5.79 28.34
C GLN E 117 12.39 4.45 29.04
N THR E 118 11.83 4.50 30.25
CA THR E 118 11.42 3.30 30.97
C THR E 118 10.38 2.55 30.15
N THR E 119 9.36 3.28 29.71
CA THR E 119 8.27 2.74 28.90
C THR E 119 8.77 1.99 27.66
N TYR E 120 9.63 2.65 26.87
CA TYR E 120 10.24 2.01 25.70
C TYR E 120 10.98 0.72 26.05
N ASP E 121 11.80 0.77 27.11
CA ASP E 121 12.56 -0.39 27.57
C ASP E 121 11.68 -1.54 28.02
N LEU E 122 10.55 -1.23 28.65
CA LEU E 122 9.62 -2.24 29.11
C LEU E 122 8.87 -2.88 27.94
N LEU E 123 8.39 -2.06 27.02
CA LEU E 123 7.71 -2.55 25.82
C LEU E 123 8.61 -3.45 24.98
N GLU E 124 9.90 -3.12 24.91
CA GLU E 124 10.90 -3.92 24.20
C GLU E 124 11.07 -5.31 24.80
N ARG E 125 10.83 -5.40 26.10
CA ARG E 125 10.89 -6.65 26.86
C ARG E 125 9.59 -7.46 26.75
N GLY E 126 8.61 -6.94 26.01
CA GLY E 126 7.33 -7.62 25.84
C GLY E 126 6.38 -7.43 27.02
N LEU E 127 6.65 -6.42 27.83
CA LEU E 127 5.77 -6.06 28.94
C LEU E 127 4.70 -5.08 28.51
N ASN E 128 3.53 -5.15 29.15
CA ASN E 128 2.49 -4.15 28.98
C ASN E 128 2.73 -3.02 29.97
N VAL E 129 2.61 -1.79 29.48
CA VAL E 129 2.93 -0.60 30.29
C VAL E 129 1.68 0.25 30.52
N HIS E 130 1.36 0.46 31.79
CA HIS E 130 0.18 1.23 32.19
C HIS E 130 0.60 2.55 32.83
N VAL E 131 0.60 3.59 32.01
CA VAL E 131 1.10 4.90 32.43
C VAL E 131 -0.04 5.68 33.10
N VAL E 132 0.12 5.93 34.39
CA VAL E 132 -0.89 6.60 35.21
C VAL E 132 -0.75 8.11 35.02
N VAL E 133 -1.52 8.65 34.07
CA VAL E 133 -1.34 10.03 33.61
C VAL E 133 -1.49 11.09 34.71
N ASP E 134 -2.41 10.86 35.64
CA ASP E 134 -2.61 11.80 36.74
C ASP E 134 -1.61 11.62 37.90
N ALA E 135 -0.61 10.77 37.68
CA ALA E 135 0.51 10.60 38.60
C ALA E 135 1.85 10.70 37.86
N VAL E 136 1.81 11.26 36.66
CA VAL E 136 3.00 11.45 35.81
C VAL E 136 3.04 12.89 35.28
N SER E 137 4.18 13.55 35.45
CA SER E 137 4.33 14.93 34.99
C SER E 137 5.78 15.32 34.66
N SER E 138 5.95 16.56 34.22
CA SER E 138 7.23 17.12 33.81
C SER E 138 7.30 18.59 34.22
N ARG E 139 8.48 19.19 34.04
CA ARG E 139 8.68 20.62 34.26
C ARG E 139 7.84 21.44 33.29
N SER E 140 7.75 20.97 32.04
CA SER E 140 6.97 21.64 31.00
C SER E 140 5.68 20.88 30.66
N HIS E 141 4.57 21.63 30.57
CA HIS E 141 3.29 21.08 30.15
C HIS E 141 3.39 20.43 28.77
N THR E 142 4.16 21.05 27.88
CA THR E 142 4.34 20.56 26.50
C THR E 142 5.11 19.23 26.46
N ASP E 143 6.19 19.14 27.23
CA ASP E 143 6.96 17.90 27.34
C ASP E 143 6.09 16.76 27.85
N ARG E 144 5.27 17.04 28.84
CA ARG E 144 4.37 16.05 29.44
C ARG E 144 3.29 15.61 28.44
N HIS E 145 2.70 16.59 27.76
CA HIS E 145 1.63 16.38 26.77
C HIS E 145 2.10 15.43 25.67
N PHE E 146 3.31 15.65 25.16
CA PHE E 146 3.80 14.85 24.06
C PHE E 146 4.49 13.55 24.49
N ALA E 147 4.87 13.48 25.77
CA ALA E 147 5.35 12.23 26.35
C ALA E 147 4.26 11.16 26.32
N PHE E 148 3.05 11.53 26.73
CA PHE E 148 1.90 10.64 26.68
C PHE E 148 1.60 10.22 25.23
N LYS E 149 1.72 11.15 24.31
CA LYS E 149 1.54 10.85 22.88
C LYS E 149 2.58 9.85 22.36
N GLN E 150 3.85 10.10 22.67
CA GLN E 150 4.94 9.19 22.32
C GLN E 150 4.75 7.78 22.91
N MET E 151 4.38 7.73 24.19
CA MET E 151 4.13 6.46 24.88
C MET E 151 2.97 5.67 24.26
N GLU E 152 1.89 6.37 23.93
CA GLU E 152 0.72 5.77 23.28
C GLU E 152 1.03 5.25 21.87
N GLN E 153 1.79 6.05 21.11
CA GLN E 153 2.30 5.66 19.79
C GLN E 153 3.08 4.33 19.86
N ALA E 154 3.80 4.13 20.96
CA ALA E 154 4.65 2.98 21.16
C ALA E 154 3.89 1.75 21.67
N GLY E 155 2.70 1.98 22.23
CA GLY E 155 1.84 0.89 22.67
C GLY E 155 1.52 0.86 24.15
N ALA E 156 2.00 1.86 24.88
CA ALA E 156 1.69 2.00 26.31
C ALA E 156 0.24 2.42 26.49
N ILE E 157 -0.32 2.05 27.63
CA ILE E 157 -1.71 2.34 27.96
C ILE E 157 -1.76 3.61 28.82
N LEU E 158 -2.42 4.64 28.32
CA LEU E 158 -2.61 5.88 29.07
C LEU E 158 -3.83 5.75 29.96
N THR E 159 -3.59 5.44 31.24
CA THR E 159 -4.67 5.19 32.18
C THR E 159 -4.67 6.23 33.31
N THR E 160 -5.63 6.13 34.22
CA THR E 160 -5.71 7.01 35.38
C THR E 160 -5.71 6.19 36.66
N SER E 161 -5.41 6.85 37.77
CA SER E 161 -5.35 6.19 39.08
C SER E 161 -6.59 5.37 39.43
N GLU E 162 -7.78 5.95 39.25
CA GLU E 162 -9.01 5.26 39.61
C GLU E 162 -9.31 4.09 38.66
N ALA E 163 -9.08 4.28 37.37
CA ALA E 163 -9.25 3.19 36.39
C ALA E 163 -8.32 2.03 36.68
N THR E 164 -7.11 2.34 37.13
CA THR E 164 -6.11 1.33 37.49
C THR E 164 -6.46 0.60 38.78
N ILE E 165 -6.84 1.35 39.82
CA ILE E 165 -7.18 0.77 41.12
C ILE E 165 -8.38 -0.17 40.98
N LEU E 166 -9.39 0.27 40.24
CA LEU E 166 -10.61 -0.51 40.05
C LEU E 166 -10.47 -1.64 39.02
N GLY E 167 -9.54 -1.45 38.09
CA GLY E 167 -9.19 -2.49 37.14
C GLY E 167 -8.53 -3.67 37.85
N LEU E 168 -7.68 -3.36 38.83
CA LEU E 168 -6.97 -4.37 39.60
C LEU E 168 -7.89 -5.27 40.44
N VAL E 169 -8.93 -4.68 41.03
CA VAL E 169 -9.88 -5.45 41.85
C VAL E 169 -10.96 -6.13 40.99
N GLY E 170 -11.30 -5.53 39.86
CA GLY E 170 -12.17 -6.17 38.86
C GLY E 170 -13.65 -6.23 39.20
N GLY E 171 -13.98 -6.01 40.47
CA GLY E 171 -15.35 -6.10 40.95
C GLY E 171 -15.46 -5.79 42.43
N SER E 172 -16.68 -5.45 42.87
CA SER E 172 -16.92 -5.11 44.26
C SER E 172 -16.91 -6.33 45.19
N ASP E 173 -16.83 -7.51 44.61
CA ASP E 173 -16.70 -8.75 45.39
C ASP E 173 -15.26 -9.17 45.69
N HIS E 174 -14.29 -8.39 45.22
CA HIS E 174 -12.88 -8.60 45.58
C HIS E 174 -12.73 -8.48 47.10
N PRO E 175 -11.96 -9.39 47.72
CA PRO E 175 -11.76 -9.39 49.17
C PRO E 175 -11.29 -8.05 49.76
N LYS E 176 -10.52 -7.30 48.98
CA LYS E 176 -9.94 -6.04 49.45
C LYS E 176 -10.62 -4.79 48.86
N PHE E 177 -11.81 -4.97 48.28
CA PHE E 177 -12.51 -3.88 47.60
C PHE E 177 -12.82 -2.69 48.52
N LYS E 178 -13.27 -2.97 49.75
CA LYS E 178 -13.60 -1.92 50.70
C LYS E 178 -12.38 -1.10 51.12
N GLU E 179 -11.25 -1.80 51.29
CA GLU E 179 -9.96 -1.16 51.59
C GLU E 179 -9.49 -0.22 50.48
N VAL E 180 -9.54 -0.69 49.22
CA VAL E 180 -9.10 0.14 48.09
C VAL E 180 -10.11 1.24 47.75
N GLN E 181 -11.39 1.00 48.04
CA GLN E 181 -12.45 1.98 47.81
C GLN E 181 -12.23 3.24 48.64
N LYS E 182 -11.68 3.08 49.83
CA LYS E 182 -11.29 4.20 50.70
C LYS E 182 -10.27 5.12 50.02
N LEU E 183 -9.37 4.51 49.24
CA LEU E 183 -8.30 5.24 48.56
C LEU E 183 -8.83 6.16 47.46
N ILE E 184 -9.98 5.78 46.89
CA ILE E 184 -10.57 6.49 45.76
C ILE E 184 -11.91 7.16 46.14
N LEU E 185 -12.12 7.34 47.44
CA LEU E 185 -13.33 7.98 47.97
C LEU E 185 -13.57 9.36 47.33
N THR E 186 -12.51 10.16 47.25
CA THR E 186 -12.56 11.40 46.48
C THR E 186 -11.81 11.21 45.17
N SER E 187 -12.26 11.91 44.13
CA SER E 187 -11.61 11.93 42.83
C SER E 187 -10.18 12.43 42.98
N ALA E 188 -9.26 11.85 42.22
CA ALA E 188 -7.86 12.29 42.22
C ALA E 188 -7.77 13.78 41.88
N PRO E 189 -6.81 14.50 42.48
CA PRO E 189 -6.68 15.93 42.18
C PRO E 189 -6.44 16.18 40.69
N ASP E 190 -7.05 17.25 40.19
CA ASP E 190 -6.94 17.64 38.78
C ASP E 190 -5.50 18.01 38.41
N THR E 191 -5.08 17.58 37.23
CA THR E 191 -3.75 17.92 36.70
C THR E 191 -3.82 18.56 35.33
N GLY E 192 -4.94 19.23 35.05
CA GLY E 192 -5.11 20.02 33.84
C GLY E 192 -5.09 19.24 32.53
N LEU E 193 -5.60 18.02 32.55
CA LEU E 193 -5.53 17.12 31.40
C LEU E 193 -6.71 17.22 30.44
N VAL E 194 -7.81 17.82 30.90
CA VAL E 194 -9.02 17.92 30.09
C VAL E 194 -9.20 19.36 29.58
N PRO E 195 -9.29 19.52 28.24
CA PRO E 195 -9.44 20.83 27.63
C PRO E 195 -10.73 21.55 27.99
N LEU E 196 -10.67 22.87 28.09
CA LEU E 196 -11.87 23.71 28.11
C LEU E 196 -12.77 23.32 26.95
N SER E 197 -14.07 23.32 27.20
CA SER E 197 -15.06 22.86 26.24
C SER E 197 -15.63 24.02 25.43
N LYS E 198 -15.77 23.83 24.12
CA LYS E 198 -16.39 24.85 23.29
C LYS E 198 -17.91 24.83 23.37
N LEU E 199 -18.50 26.01 23.19
CA LEU E 199 -19.95 26.19 23.30
C LEU E 199 -20.68 25.63 22.08
N ALA F 8 -15.65 -2.43 10.69
CA ALA F 8 -16.93 -2.96 11.22
C ALA F 8 -18.09 -2.02 10.93
N ARG F 9 -19.09 -2.51 10.21
CA ARG F 9 -20.24 -1.71 9.81
C ARG F 9 -21.51 -2.20 10.50
N ILE F 10 -21.96 -1.43 11.49
CA ILE F 10 -23.17 -1.79 12.25
C ILE F 10 -24.43 -1.74 11.40
N ASN F 11 -25.32 -2.70 11.64
CA ASN F 11 -26.67 -2.71 11.09
C ASN F 11 -27.61 -3.36 12.11
N PRO F 12 -28.94 -3.19 11.92
CA PRO F 12 -29.88 -3.75 12.92
C PRO F 12 -29.79 -5.28 13.12
N THR F 13 -29.18 -6.00 12.18
CA THR F 13 -29.13 -7.47 12.27
C THR F 13 -27.81 -8.07 12.76
N ASN F 14 -26.79 -7.22 12.95
CA ASN F 14 -25.47 -7.68 13.42
C ASN F 14 -25.00 -7.01 14.72
N SER F 15 -25.91 -6.33 15.41
CA SER F 15 -25.57 -5.52 16.56
C SER F 15 -26.45 -5.77 17.76
N ALA F 16 -25.90 -5.54 18.94
CA ALA F 16 -26.68 -5.46 20.18
C ALA F 16 -26.34 -4.17 20.94
N LEU F 17 -27.32 -3.65 21.68
CA LEU F 17 -27.10 -2.49 22.54
C LEU F 17 -26.87 -2.91 23.97
N PHE F 18 -25.74 -2.48 24.53
CA PHE F 18 -25.41 -2.74 25.92
C PHE F 18 -25.56 -1.47 26.76
N VAL F 19 -26.48 -1.51 27.72
CA VAL F 19 -26.73 -0.38 28.61
C VAL F 19 -26.04 -0.63 29.95
N CYS F 20 -25.03 0.18 30.24
CA CYS F 20 -24.13 -0.09 31.35
C CYS F 20 -24.45 0.69 32.64
N ASP F 21 -25.13 0.01 33.55
CA ASP F 21 -25.25 0.44 34.95
C ASP F 21 -25.75 1.89 35.14
N LEU F 22 -26.70 2.31 34.31
CA LEU F 22 -27.26 3.65 34.42
C LEU F 22 -28.32 3.69 35.51
N GLN F 23 -27.85 3.60 36.75
CA GLN F 23 -28.71 3.43 37.91
C GLN F 23 -28.89 4.73 38.67
N GLU F 24 -29.99 4.82 39.42
CA GLU F 24 -30.42 6.07 40.04
C GLU F 24 -29.47 6.70 41.04
N LYS F 25 -28.80 5.86 41.85
CA LYS F 25 -27.89 6.37 42.88
C LYS F 25 -26.59 6.97 42.33
N PHE F 26 -26.38 6.87 41.02
CA PHE F 26 -25.25 7.50 40.34
C PHE F 26 -25.56 8.93 39.91
N ALA F 27 -26.83 9.32 40.00
CA ALA F 27 -27.31 10.61 39.47
C ALA F 27 -26.46 11.82 39.88
N SER F 28 -26.06 11.84 41.14
CA SER F 28 -25.34 12.97 41.71
C SER F 28 -23.82 12.86 41.55
N ASN F 29 -23.34 11.68 41.17
CA ASN F 29 -21.91 11.39 41.12
C ASN F 29 -21.34 11.12 39.73
N ILE F 30 -22.03 11.60 38.69
CA ILE F 30 -21.57 11.44 37.32
C ILE F 30 -21.65 12.78 36.59
N LYS F 31 -20.57 13.17 35.91
CA LYS F 31 -20.57 14.37 35.08
C LYS F 31 -21.53 14.21 33.92
N TYR F 32 -22.37 15.22 33.71
CA TYR F 32 -23.37 15.24 32.64
C TYR F 32 -24.40 14.11 32.70
N PHE F 33 -24.81 13.74 33.92
CA PHE F 33 -25.74 12.62 34.10
C PHE F 33 -27.06 12.75 33.32
N PRO F 34 -27.77 13.90 33.44
CA PRO F 34 -29.01 14.06 32.68
C PRO F 34 -28.81 13.97 31.17
N GLU F 35 -27.73 14.56 30.67
CA GLU F 35 -27.36 14.49 29.25
C GLU F 35 -27.22 13.06 28.78
N ILE F 36 -26.49 12.26 29.56
CA ILE F 36 -26.23 10.84 29.30
C ILE F 36 -27.53 10.02 29.22
N ILE F 37 -28.46 10.28 30.14
CA ILE F 37 -29.75 9.60 30.19
C ILE F 37 -30.60 9.93 28.96
N THR F 38 -30.67 11.21 28.61
CA THR F 38 -31.41 11.68 27.42
C THR F 38 -30.88 11.02 26.14
N THR F 39 -29.56 10.98 26.01
CA THR F 39 -28.91 10.41 24.84
C THR F 39 -28.94 8.87 24.85
N SER F 40 -28.78 8.26 26.04
CA SER F 40 -28.97 6.82 26.17
C SER F 40 -30.38 6.40 25.77
N ARG F 41 -31.39 7.18 26.19
CA ARG F 41 -32.79 6.91 25.83
C ARG F 41 -33.01 6.92 24.31
N ARG F 42 -32.32 7.81 23.61
CA ARG F 42 -32.34 7.84 22.13
C ARG F 42 -31.80 6.53 21.52
N LEU F 43 -30.72 6.00 22.10
CA LEU F 43 -30.15 4.73 21.65
C LEU F 43 -31.09 3.57 21.98
N ILE F 44 -31.68 3.61 23.16
CA ILE F 44 -32.66 2.60 23.58
C ILE F 44 -33.88 2.63 22.66
N ASP F 45 -34.35 3.83 22.34
CA ASP F 45 -35.47 4.01 21.41
C ASP F 45 -35.17 3.41 20.05
N ALA F 46 -34.05 3.80 19.46
CA ALA F 46 -33.64 3.34 18.14
C ALA F 46 -33.49 1.82 18.06
N ALA F 47 -32.91 1.23 19.10
CA ALA F 47 -32.74 -0.22 19.18
C ALA F 47 -34.09 -0.95 19.28
N ARG F 48 -35.04 -0.36 20.01
CA ARG F 48 -36.41 -0.88 20.09
C ARG F 48 -37.09 -0.80 18.73
N ILE F 49 -36.92 0.34 18.06
CA ILE F 49 -37.53 0.58 16.74
C ILE F 49 -36.96 -0.36 15.67
N LEU F 50 -35.66 -0.62 15.75
CA LEU F 50 -34.94 -1.40 14.74
C LEU F 50 -34.78 -2.88 15.10
N SER F 51 -35.49 -3.30 16.15
CA SER F 51 -35.49 -4.70 16.61
C SER F 51 -34.11 -5.23 17.00
N ILE F 52 -33.27 -4.33 17.51
CA ILE F 52 -31.91 -4.64 17.94
C ILE F 52 -31.92 -5.15 19.38
N PRO F 53 -31.33 -6.33 19.63
CA PRO F 53 -31.26 -6.89 20.98
C PRO F 53 -30.61 -5.93 21.97
N THR F 54 -31.21 -5.81 23.15
CA THR F 54 -30.71 -4.90 24.19
C THR F 54 -30.42 -5.63 25.49
N ILE F 55 -29.22 -5.39 26.02
CA ILE F 55 -28.81 -5.92 27.31
C ILE F 55 -28.58 -4.77 28.30
N VAL F 56 -29.20 -4.89 29.47
CA VAL F 56 -29.03 -3.93 30.55
C VAL F 56 -28.42 -4.65 31.74
N THR F 57 -27.46 -4.00 32.40
CA THR F 57 -26.89 -4.51 33.64
C THR F 57 -27.05 -3.51 34.77
N GLU F 58 -26.99 -4.02 36.00
CA GLU F 58 -27.03 -3.20 37.20
C GLU F 58 -25.97 -3.67 38.19
N GLN F 59 -25.09 -2.75 38.60
CA GLN F 59 -24.07 -3.04 39.61
C GLN F 59 -24.70 -3.02 41.01
N TYR F 60 -24.58 -4.13 41.73
CA TYR F 60 -25.10 -4.28 43.10
C TYR F 60 -26.33 -3.40 43.38
N PRO F 61 -27.48 -3.73 42.74
CA PRO F 61 -28.71 -2.92 42.87
C PRO F 61 -29.28 -2.84 44.30
N LYS F 62 -28.77 -3.66 45.21
CA LYS F 62 -29.12 -3.59 46.63
C LYS F 62 -28.58 -2.30 47.25
N GLY F 63 -27.47 -1.81 46.70
CA GLY F 63 -26.85 -0.59 47.21
C GLY F 63 -26.93 0.58 46.25
N LEU F 64 -26.90 0.29 44.95
CA LEU F 64 -26.89 1.35 43.93
C LEU F 64 -28.24 1.61 43.28
N GLY F 65 -29.27 0.88 43.72
CA GLY F 65 -30.61 1.02 43.18
C GLY F 65 -30.72 0.48 41.77
N HIS F 66 -31.83 0.77 41.12
CA HIS F 66 -32.11 0.25 39.79
C HIS F 66 -31.96 1.30 38.68
N THR F 67 -31.93 0.83 37.44
CA THR F 67 -31.87 1.67 36.23
C THR F 67 -32.91 2.78 36.27
N VAL F 68 -32.49 3.98 35.86
CA VAL F 68 -33.36 5.15 35.70
C VAL F 68 -34.65 4.75 34.96
N PRO F 69 -35.81 5.00 35.58
CA PRO F 69 -37.12 4.60 35.04
C PRO F 69 -37.35 4.97 33.56
N THR F 70 -36.96 6.18 33.16
CA THR F 70 -37.12 6.65 31.78
C THR F 70 -36.45 5.74 30.76
N LEU F 71 -35.31 5.16 31.14
CA LEU F 71 -34.59 4.23 30.27
C LEU F 71 -35.32 2.89 30.17
N LYS F 72 -35.76 2.36 31.31
CA LYS F 72 -36.50 1.11 31.37
C LYS F 72 -37.78 1.17 30.53
N GLU F 73 -38.39 2.36 30.48
CA GLU F 73 -39.62 2.60 29.74
C GLU F 73 -39.47 2.47 28.23
N GLY F 74 -38.26 2.73 27.73
CA GLY F 74 -37.97 2.62 26.30
C GLY F 74 -37.62 1.22 25.84
N LEU F 75 -37.33 0.33 26.79
CA LEU F 75 -36.90 -1.04 26.50
C LEU F 75 -38.03 -1.88 25.89
N ALA F 76 -37.65 -2.76 24.97
CA ALA F 76 -38.58 -3.73 24.39
C ALA F 76 -39.14 -4.62 25.49
N GLU F 77 -40.35 -5.12 25.28
CA GLU F 77 -41.10 -5.86 26.31
C GLU F 77 -40.33 -6.99 27.00
N ASN F 78 -39.50 -7.70 26.24
CA ASN F 78 -38.71 -8.80 26.79
C ASN F 78 -37.21 -8.51 26.86
N THR F 79 -36.87 -7.27 27.20
CA THR F 79 -35.49 -6.88 27.44
C THR F 79 -35.09 -7.31 28.85
N PRO F 80 -34.05 -8.15 28.95
CA PRO F 80 -33.58 -8.62 30.25
C PRO F 80 -32.66 -7.61 30.96
N ILE F 81 -32.72 -7.60 32.29
CA ILE F 81 -31.84 -6.77 33.12
C ILE F 81 -31.11 -7.67 34.11
N PHE F 82 -29.78 -7.62 34.08
CA PHE F 82 -28.96 -8.50 34.91
C PHE F 82 -28.17 -7.75 35.97
N ASP F 83 -28.28 -8.22 37.21
CA ASP F 83 -27.46 -7.69 38.29
C ASP F 83 -26.08 -8.35 38.29
N LYS F 84 -25.09 -7.65 38.84
CA LYS F 84 -23.70 -8.12 38.85
C LYS F 84 -22.88 -7.37 39.90
N THR F 85 -21.80 -8.00 40.34
CA THR F 85 -20.81 -7.34 41.19
C THR F 85 -19.50 -7.14 40.42
N LYS F 86 -19.32 -7.91 39.36
CA LYS F 86 -18.22 -7.70 38.41
C LYS F 86 -18.46 -6.42 37.63
N PHE F 87 -17.39 -5.67 37.38
CA PHE F 87 -17.51 -4.41 36.64
C PHE F 87 -17.91 -4.60 35.17
N SER F 88 -17.30 -5.58 34.52
CA SER F 88 -17.63 -5.91 33.12
C SER F 88 -19.04 -6.45 32.94
N MET F 89 -19.69 -6.04 31.86
CA MET F 89 -21.01 -6.53 31.48
C MET F 89 -20.95 -7.94 30.87
N CYS F 90 -19.74 -8.48 30.75
CA CYS F 90 -19.56 -9.82 30.21
C CYS F 90 -19.64 -10.86 31.31
N ILE F 91 -20.88 -11.18 31.68
CA ILE F 91 -21.20 -12.20 32.67
C ILE F 91 -21.92 -13.36 31.97
N PRO F 92 -21.96 -14.56 32.59
CA PRO F 92 -22.60 -15.72 31.94
C PRO F 92 -23.94 -15.47 31.23
N PRO F 93 -24.91 -14.76 31.86
CA PRO F 93 -26.20 -14.54 31.18
C PRO F 93 -26.14 -13.74 29.87
N THR F 94 -25.01 -13.09 29.58
CA THR F 94 -24.86 -12.28 28.36
C THR F 94 -24.19 -13.06 27.22
N GLU F 95 -23.53 -14.17 27.57
CA GLU F 95 -22.76 -14.98 26.62
C GLU F 95 -23.54 -15.42 25.37
N ASP F 96 -24.83 -15.69 25.55
CA ASP F 96 -25.68 -16.17 24.47
C ASP F 96 -25.98 -15.10 23.42
N THR F 97 -26.25 -13.87 23.88
CA THR F 97 -26.55 -12.74 23.01
C THR F 97 -25.33 -12.37 22.16
N LEU F 98 -24.16 -12.42 22.79
CA LEU F 98 -22.88 -12.09 22.15
C LEU F 98 -22.49 -13.05 21.02
N LYS F 99 -23.04 -14.27 21.06
CA LYS F 99 -22.80 -15.27 20.01
C LYS F 99 -23.47 -14.89 18.69
N LYS F 100 -24.62 -14.22 18.79
CA LYS F 100 -25.46 -13.89 17.62
C LYS F 100 -25.06 -12.60 16.91
N VAL F 101 -24.21 -11.80 17.53
CA VAL F 101 -23.85 -10.48 16.99
C VAL F 101 -22.34 -10.32 16.84
N GLN F 102 -21.93 -9.42 15.94
CA GLN F 102 -20.52 -9.08 15.76
C GLN F 102 -20.20 -7.73 16.40
N ASN F 103 -21.23 -6.90 16.54
CA ASN F 103 -21.08 -5.54 17.02
C ASN F 103 -21.83 -5.28 18.32
N VAL F 104 -21.20 -4.51 19.21
CA VAL F 104 -21.86 -4.03 20.42
C VAL F 104 -21.85 -2.50 20.47
N ILE F 105 -23.04 -1.92 20.53
CA ILE F 105 -23.23 -0.49 20.78
C ILE F 105 -23.26 -0.28 22.29
N LEU F 106 -22.36 0.54 22.80
CA LEU F 106 -22.18 0.65 24.24
C LEU F 106 -22.49 2.05 24.80
N VAL F 107 -23.50 2.12 25.67
CA VAL F 107 -23.78 3.32 26.45
C VAL F 107 -23.70 2.98 27.94
N GLY F 108 -23.51 4.01 28.77
CA GLY F 108 -23.53 3.79 30.20
C GLY F 108 -22.38 4.37 30.99
N ILE F 109 -22.28 3.98 32.25
CA ILE F 109 -21.39 4.68 33.16
C ILE F 109 -20.42 3.81 33.92
N GLU F 110 -19.43 4.50 34.50
CA GLU F 110 -18.14 3.95 34.84
C GLU F 110 -17.39 3.79 33.53
N ALA F 111 -17.26 4.90 32.79
CA ALA F 111 -16.53 4.92 31.50
C ALA F 111 -15.17 4.27 31.60
N HIS F 112 -14.48 4.54 32.71
CA HIS F 112 -13.13 4.04 32.98
C HIS F 112 -13.17 2.81 33.89
N VAL F 113 -14.38 2.34 34.18
CA VAL F 113 -14.55 1.15 35.01
C VAL F 113 -15.38 0.14 34.23
N CYS F 114 -16.68 0.09 34.48
CA CYS F 114 -17.57 -0.87 33.85
C CYS F 114 -17.59 -0.83 32.33
N VAL F 115 -17.65 0.37 31.75
CA VAL F 115 -17.67 0.52 30.30
C VAL F 115 -16.33 0.10 29.67
N LEU F 116 -15.23 0.50 30.31
CA LEU F 116 -13.90 0.12 29.84
C LEU F 116 -13.66 -1.40 29.97
N GLN F 117 -13.95 -1.95 31.15
CA GLN F 117 -13.73 -3.38 31.39
C GLN F 117 -14.59 -4.25 30.47
N THR F 118 -15.83 -3.84 30.27
CA THR F 118 -16.74 -4.44 29.30
C THR F 118 -16.16 -4.42 27.88
N THR F 119 -15.61 -3.27 27.49
CA THR F 119 -14.98 -3.08 26.17
C THR F 119 -13.82 -4.06 25.97
N TYR F 120 -12.95 -4.16 26.96
CA TYR F 120 -11.80 -5.06 26.89
C TYR F 120 -12.26 -6.50 26.72
N ASP F 121 -13.28 -6.89 27.47
CA ASP F 121 -13.84 -8.24 27.43
C ASP F 121 -14.50 -8.57 26.08
N LEU F 122 -15.26 -7.62 25.55
CA LEU F 122 -15.91 -7.78 24.25
C LEU F 122 -14.90 -7.92 23.10
N LEU F 123 -13.86 -7.09 23.13
CA LEU F 123 -12.80 -7.13 22.13
C LEU F 123 -12.02 -8.44 22.16
N GLU F 124 -11.75 -8.95 23.37
CA GLU F 124 -11.15 -10.27 23.55
C GLU F 124 -11.98 -11.39 22.94
N ARG F 125 -13.30 -11.30 23.12
CA ARG F 125 -14.25 -12.26 22.57
C ARG F 125 -14.33 -12.18 21.04
N GLY F 126 -13.62 -11.21 20.46
CA GLY F 126 -13.61 -11.00 19.02
C GLY F 126 -14.73 -10.11 18.52
N LEU F 127 -15.40 -9.40 19.43
CA LEU F 127 -16.46 -8.48 19.05
C LEU F 127 -15.93 -7.09 18.73
N ASN F 128 -16.68 -6.37 17.90
CA ASN F 128 -16.40 -4.96 17.64
C ASN F 128 -17.21 -4.09 18.60
N VAL F 129 -16.55 -3.13 19.23
CA VAL F 129 -17.21 -2.26 20.20
C VAL F 129 -17.35 -0.83 19.67
N HIS F 130 -18.58 -0.32 19.74
CA HIS F 130 -18.90 1.02 19.31
C HIS F 130 -19.35 1.86 20.50
N VAL F 131 -18.45 2.69 20.99
CA VAL F 131 -18.67 3.43 22.23
C VAL F 131 -19.31 4.77 21.92
N VAL F 132 -20.53 4.97 22.43
CA VAL F 132 -21.28 6.20 22.18
C VAL F 132 -20.85 7.25 23.20
N VAL F 133 -19.87 8.08 22.82
CA VAL F 133 -19.20 9.00 23.76
C VAL F 133 -20.13 10.03 24.40
N ASP F 134 -21.16 10.46 23.67
CA ASP F 134 -22.15 11.39 24.22
C ASP F 134 -23.19 10.71 25.13
N ALA F 135 -23.04 9.40 25.34
CA ALA F 135 -23.92 8.65 26.24
C ALA F 135 -23.11 7.86 27.27
N VAL F 136 -21.86 8.25 27.47
CA VAL F 136 -20.93 7.57 28.36
C VAL F 136 -20.16 8.60 29.17
N SER F 137 -20.16 8.46 30.50
CA SER F 137 -19.45 9.41 31.37
C SER F 137 -18.93 8.80 32.67
N SER F 138 -18.20 9.61 33.44
CA SER F 138 -17.64 9.22 34.72
C SER F 138 -17.84 10.31 35.77
N ARG F 139 -17.44 10.02 37.01
CA ARG F 139 -17.48 10.98 38.09
C ARG F 139 -16.46 12.09 37.83
N SER F 140 -15.31 11.69 37.28
CA SER F 140 -14.23 12.62 36.96
C SER F 140 -14.13 12.85 35.45
N HIS F 141 -13.84 14.10 35.07
CA HIS F 141 -13.61 14.46 33.67
C HIS F 141 -12.37 13.76 33.10
N THR F 142 -11.31 13.70 33.91
CA THR F 142 -10.04 13.09 33.54
C THR F 142 -10.19 11.57 33.31
N ASP F 143 -10.93 10.91 34.20
CA ASP F 143 -11.22 9.49 34.07
C ASP F 143 -11.94 9.18 32.76
N ARG F 144 -12.95 9.98 32.44
CA ARG F 144 -13.73 9.83 31.22
C ARG F 144 -12.87 10.07 29.99
N HIS F 145 -12.12 11.18 29.98
CA HIS F 145 -11.26 11.58 28.87
C HIS F 145 -10.34 10.43 28.47
N PHE F 146 -9.67 9.84 29.46
CA PHE F 146 -8.68 8.78 29.21
C PHE F 146 -9.29 7.40 29.03
N ALA F 147 -10.52 7.22 29.51
CA ALA F 147 -11.28 6.02 29.21
C ALA F 147 -11.47 5.90 27.71
N PHE F 148 -11.91 6.99 27.07
CA PHE F 148 -12.09 7.01 25.62
C PHE F 148 -10.78 6.73 24.87
N LYS F 149 -9.67 7.25 25.38
CA LYS F 149 -8.36 7.00 24.78
C LYS F 149 -7.94 5.54 24.91
N GLN F 150 -8.14 4.94 26.09
CA GLN F 150 -7.83 3.53 26.35
C GLN F 150 -8.66 2.57 25.52
N MET F 151 -9.95 2.89 25.36
CA MET F 151 -10.85 2.09 24.54
C MET F 151 -10.48 2.16 23.07
N GLU F 152 -10.09 3.36 22.63
CA GLU F 152 -9.63 3.60 21.26
C GLU F 152 -8.33 2.85 20.93
N GLN F 153 -7.38 2.88 21.87
CA GLN F 153 -6.12 2.12 21.74
C GLN F 153 -6.39 0.63 21.50
N ALA F 154 -7.35 0.09 22.24
CA ALA F 154 -7.71 -1.33 22.18
C ALA F 154 -8.45 -1.70 20.89
N GLY F 155 -9.00 -0.69 20.21
CA GLY F 155 -9.64 -0.89 18.91
C GLY F 155 -11.13 -0.65 18.90
N ALA F 156 -11.67 -0.11 20.00
CA ALA F 156 -13.07 0.29 20.05
C ALA F 156 -13.25 1.56 19.22
N ILE F 157 -14.42 1.69 18.62
CA ILE F 157 -14.73 2.87 17.81
C ILE F 157 -15.40 3.93 18.69
N LEU F 158 -14.84 5.13 18.68
CA LEU F 158 -15.40 6.25 19.44
C LEU F 158 -16.42 6.96 18.56
N THR F 159 -17.69 6.66 18.81
CA THR F 159 -18.75 7.15 17.95
C THR F 159 -19.71 8.08 18.71
N THR F 160 -20.67 8.64 18.01
CA THR F 160 -21.68 9.51 18.64
C THR F 160 -23.10 8.98 18.38
N SER F 161 -24.05 9.44 19.19
CA SER F 161 -25.43 8.96 19.09
C SER F 161 -26.01 9.13 17.68
N GLU F 162 -25.85 10.31 17.10
CA GLU F 162 -26.39 10.61 15.77
C GLU F 162 -25.69 9.83 14.65
N ALA F 163 -24.38 9.66 14.77
CA ALA F 163 -23.62 8.84 13.82
C ALA F 163 -24.07 7.38 13.87
N THR F 164 -24.34 6.89 15.08
CA THR F 164 -24.79 5.51 15.31
C THR F 164 -26.18 5.27 14.75
N ILE F 165 -27.11 6.17 15.05
CA ILE F 165 -28.50 6.06 14.60
C ILE F 165 -28.58 6.06 13.08
N LEU F 166 -27.84 6.96 12.44
CA LEU F 166 -27.91 7.13 10.99
C LEU F 166 -27.04 6.13 10.21
N GLY F 167 -26.02 5.58 10.88
CA GLY F 167 -25.20 4.52 10.31
C GLY F 167 -25.95 3.19 10.29
N LEU F 168 -26.84 3.01 11.26
CA LEU F 168 -27.69 1.81 11.33
C LEU F 168 -28.67 1.71 10.17
N VAL F 169 -29.15 2.86 9.69
CA VAL F 169 -30.10 2.89 8.57
C VAL F 169 -29.44 3.13 7.22
N GLY F 170 -28.32 3.87 7.23
CA GLY F 170 -27.48 4.08 6.05
C GLY F 170 -28.08 4.83 4.86
N GLY F 171 -29.34 5.24 5.00
CA GLY F 171 -30.03 5.99 3.95
C GLY F 171 -31.37 6.51 4.41
N SER F 172 -31.85 7.55 3.74
CA SER F 172 -33.15 8.14 4.05
C SER F 172 -34.31 7.30 3.51
N ASP F 173 -33.96 6.26 2.75
CA ASP F 173 -34.95 5.35 2.15
C ASP F 173 -35.28 4.15 3.03
N HIS F 174 -34.60 4.02 4.17
CA HIS F 174 -34.83 2.93 5.11
C HIS F 174 -36.28 2.94 5.61
N PRO F 175 -36.93 1.75 5.68
CA PRO F 175 -38.32 1.64 6.16
C PRO F 175 -38.58 2.23 7.55
N LYS F 176 -37.52 2.44 8.33
CA LYS F 176 -37.65 3.00 9.69
C LYS F 176 -36.90 4.32 9.86
N PHE F 177 -36.51 4.94 8.75
CA PHE F 177 -35.72 6.19 8.78
C PHE F 177 -36.46 7.35 9.44
N LYS F 178 -37.69 7.61 8.99
CA LYS F 178 -38.47 8.74 9.51
C LYS F 178 -38.89 8.54 10.97
N GLU F 179 -38.90 7.29 11.42
CA GLU F 179 -39.18 6.95 12.80
C GLU F 179 -37.96 7.27 13.69
N VAL F 180 -36.78 6.87 13.23
CA VAL F 180 -35.54 7.13 13.97
C VAL F 180 -35.10 8.59 13.83
N GLN F 181 -35.56 9.25 12.76
CA GLN F 181 -35.26 10.65 12.51
C GLN F 181 -35.81 11.56 13.62
N LYS F 182 -36.97 11.19 14.15
CA LYS F 182 -37.60 11.92 15.25
C LYS F 182 -36.72 11.96 16.50
N LEU F 183 -35.92 10.91 16.68
CA LEU F 183 -35.03 10.79 17.84
C LEU F 183 -33.86 11.76 17.76
N ILE F 184 -33.49 12.14 16.53
CA ILE F 184 -32.32 12.99 16.30
C ILE F 184 -32.68 14.36 15.71
N LEU F 185 -33.96 14.72 15.79
CA LEU F 185 -34.45 16.01 15.29
C LEU F 185 -33.68 17.20 15.88
N THR F 186 -33.41 17.13 17.18
CA THR F 186 -32.50 18.07 17.83
C THR F 186 -31.18 17.37 18.12
N SER F 187 -30.09 18.14 18.12
CA SER F 187 -28.77 17.60 18.44
C SER F 187 -28.76 17.05 19.85
N ALA F 188 -27.97 15.98 20.06
CA ALA F 188 -27.78 15.43 21.39
C ALA F 188 -27.11 16.47 22.30
N PRO F 189 -27.56 16.56 23.57
CA PRO F 189 -27.03 17.58 24.48
C PRO F 189 -25.51 17.49 24.62
N ASP F 190 -24.86 18.65 24.65
CA ASP F 190 -23.41 18.74 24.71
C ASP F 190 -22.88 18.24 26.05
N THR F 191 -21.76 17.54 26.01
CA THR F 191 -21.14 17.00 27.21
C THR F 191 -19.67 17.42 27.28
N GLY F 192 -19.39 18.63 26.78
CA GLY F 192 -18.07 19.26 26.89
C GLY F 192 -16.89 18.53 26.26
N LEU F 193 -17.16 17.74 25.22
CA LEU F 193 -16.15 16.88 24.59
C LEU F 193 -15.24 17.56 23.57
N VAL F 194 -15.67 18.71 23.05
CA VAL F 194 -14.90 19.40 21.99
C VAL F 194 -14.07 20.51 22.60
N PRO F 195 -12.75 20.52 22.32
CA PRO F 195 -11.89 21.58 22.86
C PRO F 195 -12.34 22.97 22.41
N LEU F 196 -12.39 23.90 23.36
CA LEU F 196 -12.63 25.31 23.08
C LEU F 196 -11.54 25.86 22.17
N SER F 197 -11.94 26.64 21.17
CA SER F 197 -11.02 27.22 20.19
C SER F 197 -10.96 28.75 20.26
N LYS F 198 -12.03 29.39 20.75
CA LYS F 198 -12.11 30.84 20.87
C LYS F 198 -13.09 31.28 21.96
N LEU F 199 -12.75 32.36 22.66
CA LEU F 199 -13.65 32.91 23.69
C LEU F 199 -14.52 34.04 23.16
N ALA G 8 0.98 6.55 1.13
CA ALA G 8 -0.04 7.14 0.22
C ALA G 8 0.34 8.58 -0.19
N ARG G 9 0.79 8.73 -1.43
CA ARG G 9 1.19 10.03 -1.95
C ARG G 9 0.26 10.50 -3.06
N ILE G 10 -0.52 11.55 -2.78
CA ILE G 10 -1.45 12.11 -3.75
C ILE G 10 -0.75 12.91 -4.84
N ASN G 11 -1.23 12.76 -6.06
CA ASN G 11 -0.84 13.60 -7.18
C ASN G 11 -2.04 13.76 -8.13
N PRO G 12 -1.99 14.74 -9.05
CA PRO G 12 -3.15 14.97 -9.93
C PRO G 12 -3.58 13.77 -10.80
N THR G 13 -2.69 12.80 -11.00
CA THR G 13 -3.00 11.65 -11.86
C THR G 13 -3.63 10.47 -11.11
N ASN G 14 -3.43 10.40 -9.79
CA ASN G 14 -3.90 9.27 -8.99
C ASN G 14 -5.04 9.58 -8.02
N SER G 15 -5.57 10.80 -8.10
CA SER G 15 -6.57 11.28 -7.14
C SER G 15 -7.85 11.78 -7.80
N ALA G 16 -8.94 11.73 -7.03
CA ALA G 16 -10.20 12.38 -7.42
C ALA G 16 -10.73 13.23 -6.27
N LEU G 17 -11.42 14.32 -6.60
CA LEU G 17 -12.06 15.16 -5.59
C LEU G 17 -13.52 14.80 -5.46
N PHE G 18 -13.93 14.42 -4.25
CA PHE G 18 -15.33 14.11 -3.93
C PHE G 18 -15.94 15.23 -3.09
N VAL G 19 -17.07 15.75 -3.55
CA VAL G 19 -17.77 16.84 -2.87
C VAL G 19 -19.10 16.34 -2.29
N CYS G 20 -19.15 16.21 -0.97
CA CYS G 20 -20.27 15.60 -0.27
C CYS G 20 -21.39 16.59 0.08
N ASP G 21 -22.43 16.61 -0.76
CA ASP G 21 -23.74 17.18 -0.43
C ASP G 21 -23.75 18.60 0.15
N LEU G 22 -22.91 19.48 -0.40
CA LEU G 22 -22.87 20.86 0.06
C LEU G 22 -24.02 21.68 -0.52
N GLN G 23 -25.19 21.55 0.11
CA GLN G 23 -26.44 22.12 -0.40
C GLN G 23 -26.95 23.31 0.42
N GLU G 24 -27.79 24.12 -0.20
CA GLU G 24 -28.23 25.41 0.35
C GLU G 24 -29.16 25.35 1.58
N LYS G 25 -30.04 24.36 1.64
CA LYS G 25 -30.92 24.17 2.81
C LYS G 25 -30.17 23.74 4.09
N PHE G 26 -28.91 23.34 3.93
CA PHE G 26 -28.06 22.97 5.07
C PHE G 26 -27.34 24.17 5.67
N ALA G 27 -27.47 25.34 5.03
CA ALA G 27 -26.71 26.54 5.41
C ALA G 27 -26.84 26.92 6.89
N SER G 28 -28.08 26.94 7.39
CA SER G 28 -28.38 27.43 8.73
C SER G 28 -28.02 26.44 9.85
N ASN G 29 -27.97 25.16 9.51
CA ASN G 29 -27.75 24.11 10.51
C ASN G 29 -26.45 23.33 10.32
N ILE G 30 -25.40 24.02 9.89
CA ILE G 30 -24.08 23.42 9.79
C ILE G 30 -23.07 24.41 10.38
N LYS G 31 -22.26 23.92 11.32
CA LYS G 31 -21.24 24.75 11.95
C LYS G 31 -20.18 25.14 10.92
N TYR G 32 -19.83 26.42 10.90
CA TYR G 32 -18.83 26.97 9.98
C TYR G 32 -19.16 26.75 8.49
N PHE G 33 -20.43 26.85 8.15
CA PHE G 33 -20.87 26.61 6.77
C PHE G 33 -20.23 27.55 5.74
N PRO G 34 -20.26 28.88 5.98
CA PRO G 34 -19.61 29.78 5.02
C PRO G 34 -18.11 29.50 4.89
N GLU G 35 -17.46 29.19 6.00
CA GLU G 35 -16.03 28.87 6.01
C GLU G 35 -15.72 27.64 5.16
N ILE G 36 -16.54 26.60 5.34
CA ILE G 36 -16.43 25.34 4.62
C ILE G 36 -16.66 25.49 3.11
N ILE G 37 -17.58 26.39 2.74
CA ILE G 37 -17.87 26.69 1.33
C ILE G 37 -16.67 27.36 0.65
N THR G 38 -16.13 28.40 1.28
CA THR G 38 -14.92 29.08 0.80
C THR G 38 -13.76 28.09 0.55
N THR G 39 -13.51 27.22 1.53
CA THR G 39 -12.41 26.26 1.48
C THR G 39 -12.67 25.13 0.46
N SER G 40 -13.91 24.65 0.40
CA SER G 40 -14.29 23.66 -0.62
C SER G 40 -14.09 24.22 -2.04
N ARG G 41 -14.41 25.50 -2.21
CA ARG G 41 -14.19 26.20 -3.47
C ARG G 41 -12.71 26.22 -3.86
N ARG G 42 -11.83 26.40 -2.88
CA ARG G 42 -10.39 26.35 -3.10
C ARG G 42 -9.98 25.01 -3.70
N LEU G 43 -10.51 23.93 -3.13
CA LEU G 43 -10.23 22.59 -3.62
C LEU G 43 -10.89 22.32 -4.97
N ILE G 44 -12.06 22.93 -5.19
CA ILE G 44 -12.73 22.87 -6.50
C ILE G 44 -11.84 23.50 -7.57
N ASP G 45 -11.30 24.68 -7.27
CA ASP G 45 -10.42 25.40 -8.17
C ASP G 45 -9.10 24.68 -8.39
N ALA G 46 -8.51 24.17 -7.30
CA ALA G 46 -7.26 23.40 -7.40
C ALA G 46 -7.42 22.20 -8.32
N ALA G 47 -8.50 21.44 -8.13
CA ALA G 47 -8.80 20.26 -8.94
C ALA G 47 -8.99 20.62 -10.41
N ARG G 48 -9.73 21.70 -10.68
CA ARG G 48 -9.96 22.17 -12.04
C ARG G 48 -8.65 22.55 -12.72
N ILE G 49 -7.81 23.31 -12.01
CA ILE G 49 -6.49 23.75 -12.52
C ILE G 49 -5.55 22.56 -12.79
N LEU G 50 -5.61 21.55 -11.91
CA LEU G 50 -4.71 20.40 -11.99
C LEU G 50 -5.33 19.21 -12.74
N SER G 51 -6.49 19.45 -13.36
CA SER G 51 -7.24 18.45 -14.13
C SER G 51 -7.54 17.18 -13.33
N ILE G 52 -7.94 17.38 -12.07
CA ILE G 52 -8.35 16.28 -11.19
C ILE G 52 -9.86 16.05 -11.33
N PRO G 53 -10.27 14.81 -11.65
CA PRO G 53 -11.69 14.47 -11.77
C PRO G 53 -12.48 14.76 -10.49
N THR G 54 -13.60 15.45 -10.63
CA THR G 54 -14.41 15.87 -9.50
C THR G 54 -15.80 15.22 -9.54
N ILE G 55 -16.19 14.63 -8.41
CA ILE G 55 -17.50 14.01 -8.25
C ILE G 55 -18.28 14.79 -7.19
N VAL G 56 -19.46 15.26 -7.58
CA VAL G 56 -20.33 16.00 -6.68
C VAL G 56 -21.66 15.26 -6.52
N THR G 57 -22.08 15.04 -5.29
CA THR G 57 -23.37 14.42 -5.01
C THR G 57 -24.32 15.39 -4.31
N GLU G 58 -25.62 15.05 -4.35
CA GLU G 58 -26.64 15.81 -3.65
C GLU G 58 -27.62 14.83 -3.00
N GLN G 59 -27.82 15.01 -1.69
CA GLN G 59 -28.75 14.19 -0.93
C GLN G 59 -30.16 14.74 -1.07
N TYR G 60 -31.09 13.89 -1.50
CA TYR G 60 -32.52 14.23 -1.61
C TYR G 60 -32.73 15.68 -2.08
N PRO G 61 -32.28 16.02 -3.31
CA PRO G 61 -32.37 17.40 -3.81
C PRO G 61 -33.80 17.94 -3.90
N LYS G 62 -34.78 17.04 -3.91
CA LYS G 62 -36.20 17.41 -3.94
C LYS G 62 -36.58 18.31 -2.76
N GLY G 63 -36.15 17.92 -1.56
CA GLY G 63 -36.47 18.67 -0.35
C GLY G 63 -35.27 19.25 0.40
N LEU G 64 -34.10 19.21 -0.23
CA LEU G 64 -32.88 19.74 0.39
C LEU G 64 -32.12 20.73 -0.49
N GLY G 65 -32.61 20.95 -1.71
CA GLY G 65 -32.02 21.92 -2.61
C GLY G 65 -30.75 21.44 -3.29
N HIS G 66 -30.11 22.34 -4.03
CA HIS G 66 -28.93 21.98 -4.83
C HIS G 66 -27.63 22.54 -4.27
N THR G 67 -26.51 22.09 -4.83
CA THR G 67 -25.17 22.54 -4.44
C THR G 67 -25.05 24.06 -4.54
N VAL G 68 -24.40 24.65 -3.53
CA VAL G 68 -24.18 26.10 -3.47
C VAL G 68 -23.50 26.60 -4.76
N PRO G 69 -24.10 27.63 -5.40
CA PRO G 69 -23.63 28.19 -6.68
C PRO G 69 -22.14 28.52 -6.73
N THR G 70 -21.57 28.97 -5.60
CA THR G 70 -20.13 29.22 -5.49
C THR G 70 -19.35 28.02 -5.99
N LEU G 71 -19.68 26.85 -5.44
CA LEU G 71 -19.00 25.60 -5.76
C LEU G 71 -19.22 25.18 -7.22
N LYS G 72 -20.43 25.39 -7.72
CA LYS G 72 -20.80 25.05 -9.10
C LYS G 72 -20.02 25.87 -10.13
N GLU G 73 -19.83 27.16 -9.84
CA GLU G 73 -19.08 28.08 -10.71
C GLU G 73 -17.65 27.61 -10.96
N GLY G 74 -17.03 27.04 -9.93
CA GLY G 74 -15.64 26.60 -10.00
C GLY G 74 -15.46 25.26 -10.69
N LEU G 75 -16.52 24.47 -10.78
CA LEU G 75 -16.47 23.15 -11.39
C LEU G 75 -16.18 23.22 -12.88
N ALA G 76 -15.54 22.17 -13.40
CA ALA G 76 -15.32 22.02 -14.83
C ALA G 76 -16.66 21.78 -15.54
N GLU G 77 -16.69 22.03 -16.85
CA GLU G 77 -17.91 21.87 -17.64
C GLU G 77 -18.43 20.43 -17.67
N ASN G 78 -17.52 19.48 -17.72
CA ASN G 78 -17.87 18.05 -17.79
C ASN G 78 -17.99 17.35 -16.42
N THR G 79 -18.04 18.14 -15.35
CA THR G 79 -18.22 17.63 -13.99
C THR G 79 -19.65 17.13 -13.79
N PRO G 80 -19.81 15.86 -13.36
CA PRO G 80 -21.14 15.30 -13.12
C PRO G 80 -21.64 15.46 -11.68
N ILE G 81 -22.92 15.83 -11.55
CA ILE G 81 -23.59 15.96 -10.25
C ILE G 81 -24.66 14.87 -10.11
N PHE G 82 -24.50 14.00 -9.11
CA PHE G 82 -25.40 12.87 -8.90
C PHE G 82 -26.27 13.03 -7.66
N ASP G 83 -27.52 12.58 -7.75
CA ASP G 83 -28.43 12.59 -6.61
C ASP G 83 -28.47 11.24 -5.91
N LYS G 84 -28.84 11.24 -4.63
CA LYS G 84 -28.83 10.03 -3.81
C LYS G 84 -29.72 10.13 -2.57
N THR G 85 -30.15 8.98 -2.06
CA THR G 85 -30.81 8.89 -0.76
C THR G 85 -29.93 8.12 0.23
N LYS G 86 -29.02 7.32 -0.30
CA LYS G 86 -28.00 6.65 0.50
C LYS G 86 -26.98 7.68 0.96
N PHE G 87 -26.57 7.59 2.23
CA PHE G 87 -25.66 8.59 2.80
C PHE G 87 -24.25 8.55 2.18
N SER G 88 -23.73 7.35 1.93
CA SER G 88 -22.45 7.20 1.27
C SER G 88 -22.48 7.70 -0.19
N MET G 89 -21.38 8.34 -0.60
CA MET G 89 -21.23 8.84 -1.97
C MET G 89 -20.94 7.72 -2.96
N CYS G 90 -20.62 6.53 -2.45
CA CYS G 90 -20.28 5.39 -3.29
C CYS G 90 -21.51 4.76 -3.92
N ILE G 91 -21.97 5.40 -5.00
CA ILE G 91 -23.11 4.93 -5.77
C ILE G 91 -22.62 4.52 -7.17
N PRO G 92 -23.38 3.65 -7.87
CA PRO G 92 -23.00 3.15 -9.21
C PRO G 92 -22.35 4.18 -10.16
N PRO G 93 -22.92 5.40 -10.31
CA PRO G 93 -22.28 6.41 -11.18
C PRO G 93 -20.85 6.83 -10.82
N THR G 94 -20.42 6.57 -9.58
CA THR G 94 -19.07 6.96 -9.15
C THR G 94 -18.02 5.88 -9.41
N GLU G 95 -18.47 4.66 -9.66
CA GLU G 95 -17.60 3.49 -9.83
C GLU G 95 -16.52 3.62 -10.91
N ASP G 96 -16.88 4.21 -12.05
CA ASP G 96 -15.94 4.41 -13.16
C ASP G 96 -14.73 5.28 -12.80
N THR G 97 -14.96 6.34 -12.03
CA THR G 97 -13.89 7.21 -11.55
C THR G 97 -13.04 6.49 -10.50
N LEU G 98 -13.70 5.74 -9.62
CA LEU G 98 -13.02 5.03 -8.54
C LEU G 98 -12.09 3.94 -9.05
N LYS G 99 -12.38 3.41 -10.23
CA LYS G 99 -11.54 2.40 -10.88
C LYS G 99 -10.27 3.02 -11.46
N LYS G 100 -10.29 4.33 -11.68
CA LYS G 100 -9.17 5.04 -12.30
C LYS G 100 -8.26 5.76 -11.30
N VAL G 101 -8.69 5.86 -10.05
CA VAL G 101 -7.90 6.53 -9.01
C VAL G 101 -7.57 5.64 -7.82
N GLN G 102 -6.55 6.02 -7.05
CA GLN G 102 -6.19 5.29 -5.84
C GLN G 102 -6.40 6.14 -4.58
N ASN G 103 -6.65 7.44 -4.79
CA ASN G 103 -6.86 8.38 -3.70
C ASN G 103 -8.12 9.22 -3.91
N VAL G 104 -8.84 9.49 -2.82
CA VAL G 104 -10.00 10.38 -2.86
C VAL G 104 -9.85 11.53 -1.86
N ILE G 105 -9.87 12.76 -2.38
CA ILE G 105 -9.87 13.97 -1.58
C ILE G 105 -11.31 14.30 -1.25
N LEU G 106 -11.68 14.23 0.02
CA LEU G 106 -13.07 14.34 0.43
C LEU G 106 -13.36 15.66 1.15
N VAL G 107 -14.37 16.36 0.67
CA VAL G 107 -14.91 17.56 1.33
C VAL G 107 -16.42 17.41 1.47
N GLY G 108 -17.04 18.20 2.34
CA GLY G 108 -18.49 18.22 2.42
C GLY G 108 -19.09 17.98 3.80
N ILE G 109 -20.40 17.80 3.83
CA ILE G 109 -21.12 17.87 5.10
C ILE G 109 -21.88 16.63 5.54
N GLU G 110 -22.20 16.65 6.83
CA GLU G 110 -22.46 15.47 7.63
C GLU G 110 -21.15 14.70 7.71
N ALA G 111 -20.19 15.28 8.42
CA ALA G 111 -18.90 14.65 8.69
C ALA G 111 -19.09 13.25 9.27
N HIS G 112 -20.13 13.11 10.08
CA HIS G 112 -20.40 11.89 10.84
C HIS G 112 -21.43 10.99 10.15
N VAL G 113 -21.90 11.41 8.99
CA VAL G 113 -22.89 10.64 8.24
C VAL G 113 -22.38 10.37 6.83
N CYS G 114 -22.64 11.29 5.91
CA CYS G 114 -22.28 11.12 4.51
C CYS G 114 -20.76 11.03 4.29
N VAL G 115 -20.00 11.94 4.89
CA VAL G 115 -18.53 11.92 4.78
C VAL G 115 -17.95 10.66 5.44
N LEU G 116 -18.45 10.31 6.62
CA LEU G 116 -18.00 9.11 7.35
C LEU G 116 -18.31 7.81 6.59
N GLN G 117 -19.56 7.67 6.16
CA GLN G 117 -19.99 6.47 5.43
C GLN G 117 -19.31 6.32 4.07
N THR G 118 -19.09 7.46 3.39
CA THR G 118 -18.31 7.48 2.14
C THR G 118 -16.90 6.96 2.39
N THR G 119 -16.29 7.43 3.48
CA THR G 119 -14.92 7.08 3.85
C THR G 119 -14.77 5.60 4.14
N TYR G 120 -15.71 5.05 4.91
CA TYR G 120 -15.73 3.63 5.24
C TYR G 120 -15.84 2.76 3.99
N ASP G 121 -16.76 3.14 3.09
CA ASP G 121 -16.94 2.48 1.81
C ASP G 121 -15.68 2.49 0.95
N LEU G 122 -15.02 3.65 0.87
CA LEU G 122 -13.79 3.80 0.09
C LEU G 122 -12.61 3.01 0.67
N LEU G 123 -12.42 3.09 1.98
CA LEU G 123 -11.33 2.36 2.66
C LEU G 123 -11.52 0.85 2.55
N GLU G 124 -12.78 0.42 2.59
CA GLU G 124 -13.17 -0.97 2.44
C GLU G 124 -12.69 -1.56 1.12
N ARG G 125 -12.82 -0.76 0.05
CA ARG G 125 -12.44 -1.14 -1.30
C ARG G 125 -10.95 -0.95 -1.62
N GLY G 126 -10.18 -0.54 -0.62
CA GLY G 126 -8.73 -0.39 -0.78
C GLY G 126 -8.26 0.96 -1.32
N LEU G 127 -9.19 1.92 -1.38
CA LEU G 127 -8.85 3.29 -1.77
C LEU G 127 -8.34 4.07 -0.57
N ASN G 128 -7.43 5.01 -0.82
CA ASN G 128 -6.97 5.93 0.22
C ASN G 128 -7.91 7.13 0.28
N VAL G 129 -8.18 7.61 1.49
CA VAL G 129 -9.08 8.73 1.69
C VAL G 129 -8.38 9.87 2.43
N HIS G 130 -8.46 11.06 1.85
CA HIS G 130 -7.83 12.25 2.39
C HIS G 130 -8.92 13.26 2.74
N VAL G 131 -9.27 13.28 4.03
CA VAL G 131 -10.35 14.14 4.52
C VAL G 131 -9.80 15.54 4.82
N VAL G 132 -10.35 16.53 4.12
CA VAL G 132 -9.96 17.93 4.32
C VAL G 132 -10.78 18.51 5.47
N VAL G 133 -10.21 18.50 6.66
CA VAL G 133 -10.94 18.83 7.89
C VAL G 133 -11.51 20.27 7.91
N ASP G 134 -10.80 21.21 7.28
CA ASP G 134 -11.28 22.60 7.21
C ASP G 134 -12.30 22.82 6.09
N ALA G 135 -12.70 21.74 5.43
CA ALA G 135 -13.75 21.77 4.42
C ALA G 135 -14.85 20.75 4.74
N VAL G 136 -14.83 20.23 5.96
CA VAL G 136 -15.77 19.20 6.40
C VAL G 136 -16.35 19.56 7.78
N SER G 137 -17.67 19.48 7.91
CA SER G 137 -18.33 19.84 9.17
C SER G 137 -19.66 19.10 9.40
N SER G 138 -20.27 19.38 10.55
CA SER G 138 -21.58 18.85 10.94
C SER G 138 -22.41 19.91 11.65
N ARG G 139 -23.67 19.57 11.93
CA ARG G 139 -24.59 20.38 12.72
C ARG G 139 -24.10 20.53 14.17
N SER G 140 -23.49 19.48 14.69
CA SER G 140 -22.95 19.45 16.04
C SER G 140 -21.43 19.38 16.02
N HIS G 141 -20.80 20.14 16.92
CA HIS G 141 -19.35 20.12 17.09
C HIS G 141 -18.86 18.73 17.51
N THR G 142 -19.62 18.06 18.37
CA THR G 142 -19.24 16.75 18.88
C THR G 142 -19.27 15.69 17.77
N ASP G 143 -20.33 15.71 16.96
CA ASP G 143 -20.45 14.80 15.82
C ASP G 143 -19.28 14.98 14.87
N ARG G 144 -18.94 16.24 14.59
CA ARG G 144 -17.83 16.57 13.71
C ARG G 144 -16.50 16.10 14.29
N HIS G 145 -16.28 16.44 15.56
CA HIS G 145 -15.05 16.07 16.28
C HIS G 145 -14.78 14.57 16.23
N PHE G 146 -15.79 13.77 16.54
CA PHE G 146 -15.61 12.32 16.60
C PHE G 146 -15.74 11.63 15.25
N ALA G 147 -16.31 12.30 14.27
CA ALA G 147 -16.30 11.83 12.88
C ALA G 147 -14.85 11.76 12.40
N PHE G 148 -14.10 12.83 12.62
CA PHE G 148 -12.67 12.85 12.31
C PHE G 148 -11.93 11.70 13.01
N LYS G 149 -12.21 11.51 14.30
CA LYS G 149 -11.59 10.45 15.08
C LYS G 149 -11.90 9.05 14.52
N GLN G 150 -13.17 8.81 14.17
CA GLN G 150 -13.60 7.57 13.55
C GLN G 150 -12.93 7.33 12.20
N MET G 151 -12.85 8.37 11.37
CA MET G 151 -12.20 8.30 10.08
C MET G 151 -10.71 7.99 10.21
N GLU G 152 -10.04 8.72 11.09
CA GLU G 152 -8.63 8.52 11.43
C GLU G 152 -8.37 7.08 11.87
N GLN G 153 -9.25 6.54 12.74
CA GLN G 153 -9.15 5.18 13.24
C GLN G 153 -9.15 4.14 12.11
N ALA G 154 -10.04 4.33 11.13
CA ALA G 154 -10.23 3.39 10.03
C ALA G 154 -9.13 3.47 8.96
N GLY G 155 -8.29 4.50 9.04
CA GLY G 155 -7.14 4.63 8.15
C GLY G 155 -7.16 5.83 7.21
N ALA G 156 -8.16 6.70 7.36
CA ALA G 156 -8.25 7.91 6.56
C ALA G 156 -7.24 8.94 7.05
N ILE G 157 -6.73 9.75 6.11
CA ILE G 157 -5.79 10.81 6.45
C ILE G 157 -6.55 12.11 6.74
N LEU G 158 -6.32 12.65 7.92
CA LEU G 158 -6.87 13.94 8.31
C LEU G 158 -5.94 15.07 7.90
N THR G 159 -6.27 15.71 6.79
CA THR G 159 -5.42 16.71 6.18
C THR G 159 -6.14 18.06 6.12
N THR G 160 -5.45 19.09 5.63
CA THR G 160 -6.03 20.42 5.48
C THR G 160 -5.93 20.90 4.03
N SER G 161 -6.70 21.92 3.67
CA SER G 161 -6.73 22.42 2.30
C SER G 161 -5.35 22.83 1.76
N GLU G 162 -4.60 23.62 2.53
CA GLU G 162 -3.27 24.09 2.10
C GLU G 162 -2.26 22.95 1.95
N ALA G 163 -2.30 22.00 2.89
CA ALA G 163 -1.45 20.81 2.81
C ALA G 163 -1.77 19.94 1.59
N THR G 164 -3.06 19.85 1.26
CA THR G 164 -3.51 19.08 0.10
C THR G 164 -3.13 19.76 -1.21
N ILE G 165 -3.41 21.06 -1.32
CA ILE G 165 -3.06 21.85 -2.51
C ILE G 165 -1.58 21.74 -2.83
N LEU G 166 -0.75 22.02 -1.82
CA LEU G 166 0.70 22.05 -2.00
C LEU G 166 1.34 20.66 -2.07
N GLY G 167 0.65 19.66 -1.51
CA GLY G 167 1.07 18.27 -1.62
C GLY G 167 0.88 17.73 -3.02
N LEU G 168 -0.17 18.18 -3.68
CA LEU G 168 -0.49 17.80 -5.07
C LEU G 168 0.57 18.26 -6.07
N VAL G 169 1.09 19.47 -5.89
CA VAL G 169 2.09 20.05 -6.81
C VAL G 169 3.53 19.65 -6.48
N GLY G 170 3.78 19.30 -5.21
CA GLY G 170 5.08 18.74 -4.79
C GLY G 170 6.27 19.67 -4.74
N GLY G 171 6.17 20.83 -5.42
CA GLY G 171 7.27 21.77 -5.47
C GLY G 171 6.93 23.05 -6.22
N SER G 172 7.74 24.09 -6.00
CA SER G 172 7.51 25.41 -6.60
C SER G 172 7.83 25.44 -8.11
N ASP G 173 8.50 24.41 -8.60
CA ASP G 173 8.84 24.29 -10.02
C ASP G 173 7.79 23.54 -10.85
N HIS G 174 6.68 23.15 -10.21
CA HIS G 174 5.57 22.48 -10.88
C HIS G 174 4.89 23.44 -11.87
N PRO G 175 4.60 22.97 -13.11
CA PRO G 175 3.99 23.79 -14.16
C PRO G 175 2.77 24.61 -13.75
N LYS G 176 2.04 24.15 -12.74
CA LYS G 176 0.82 24.81 -12.28
C LYS G 176 0.93 25.41 -10.87
N PHE G 177 2.16 25.50 -10.35
CA PHE G 177 2.37 26.02 -9.00
C PHE G 177 1.88 27.45 -8.81
N LYS G 178 2.26 28.35 -9.73
CA LYS G 178 1.87 29.75 -9.66
C LYS G 178 0.34 29.92 -9.63
N GLU G 179 -0.35 29.14 -10.46
CA GLU G 179 -1.82 29.12 -10.50
C GLU G 179 -2.46 28.72 -9.17
N VAL G 180 -2.03 27.60 -8.60
CA VAL G 180 -2.59 27.12 -7.32
C VAL G 180 -2.11 27.96 -6.14
N GLN G 181 -0.95 28.59 -6.28
CA GLN G 181 -0.39 29.50 -5.28
C GLN G 181 -1.33 30.67 -5.02
N LYS G 182 -2.04 31.09 -6.05
CA LYS G 182 -3.04 32.17 -5.95
C LYS G 182 -4.23 31.79 -5.07
N LEU G 183 -4.50 30.49 -4.93
CA LEU G 183 -5.64 30.02 -4.13
C LEU G 183 -5.31 30.00 -2.65
N ILE G 184 -4.01 30.01 -2.34
CA ILE G 184 -3.53 29.84 -0.97
C ILE G 184 -2.76 31.07 -0.45
N LEU G 185 -2.99 32.23 -1.07
CA LEU G 185 -2.36 33.49 -0.68
C LEU G 185 -2.62 33.78 0.80
N THR G 186 -3.89 33.70 1.18
CA THR G 186 -4.29 33.80 2.56
C THR G 186 -4.62 32.40 3.07
N SER G 187 -4.46 32.22 4.38
CA SER G 187 -4.86 30.97 5.03
C SER G 187 -6.36 30.74 4.89
N ALA G 188 -6.75 29.47 4.84
CA ALA G 188 -8.16 29.09 4.79
C ALA G 188 -8.84 29.51 6.09
N PRO G 189 -10.16 29.83 6.01
CA PRO G 189 -10.92 30.23 7.19
C PRO G 189 -10.76 29.26 8.38
N ASP G 190 -10.60 29.84 9.57
CA ASP G 190 -10.46 29.11 10.84
C ASP G 190 -11.81 28.50 11.23
N THR G 191 -11.86 27.17 11.31
CA THR G 191 -13.09 26.47 11.70
C THR G 191 -13.04 25.89 13.11
N GLY G 192 -12.23 26.51 13.97
CA GLY G 192 -12.17 26.17 15.39
C GLY G 192 -11.66 24.78 15.74
N LEU G 193 -10.75 24.27 14.92
CA LEU G 193 -10.23 22.92 15.10
C LEU G 193 -9.04 22.86 16.06
N VAL G 194 -8.50 24.02 16.43
CA VAL G 194 -7.32 24.06 17.28
C VAL G 194 -7.71 24.42 18.71
N PRO G 195 -7.32 23.57 19.69
CA PRO G 195 -7.62 23.91 21.07
C PRO G 195 -6.95 25.23 21.44
N LEU G 196 -7.73 26.12 22.06
CA LEU G 196 -7.20 27.37 22.59
C LEU G 196 -6.18 27.03 23.68
N SER G 197 -5.03 27.68 23.61
CA SER G 197 -3.93 27.38 24.50
C SER G 197 -3.52 28.58 25.35
N LYS G 198 -3.57 29.76 24.73
CA LYS G 198 -3.05 30.97 25.36
C LYS G 198 -4.14 31.90 25.85
N LEU G 199 -4.15 32.04 27.18
CA LEU G 199 -5.03 32.96 27.88
C LEU G 199 -4.42 33.09 29.26
N ALA H 8 11.84 2.62 17.84
CA ALA H 8 13.10 3.27 17.37
C ALA H 8 13.76 4.09 18.48
N ARG H 9 15.02 3.78 18.76
CA ARG H 9 15.77 4.44 19.84
C ARG H 9 16.95 5.23 19.28
N ILE H 10 16.79 6.56 19.28
CA ILE H 10 17.84 7.46 18.78
C ILE H 10 19.08 7.49 19.67
N ASN H 11 20.24 7.48 19.01
CA ASN H 11 21.51 7.74 19.66
C ASN H 11 22.39 8.58 18.70
N PRO H 12 23.50 9.17 19.19
CA PRO H 12 24.38 9.97 18.34
C PRO H 12 24.91 9.29 17.07
N THR H 13 25.03 7.96 17.07
CA THR H 13 25.62 7.21 15.95
C THR H 13 24.61 6.66 14.94
N ASN H 14 23.31 6.82 15.20
CA ASN H 14 22.28 6.30 14.29
C ASN H 14 21.30 7.37 13.78
N SER H 15 21.59 8.63 14.09
CA SER H 15 20.67 9.71 13.78
C SER H 15 21.32 10.83 12.99
N ALA H 16 20.47 11.58 12.27
CA ALA H 16 20.87 12.82 11.64
C ALA H 16 19.83 13.89 11.97
N LEU H 17 20.26 15.15 12.02
CA LEU H 17 19.35 16.27 12.22
C LEU H 17 19.07 16.94 10.87
N PHE H 18 17.80 17.11 10.56
CA PHE H 18 17.38 17.78 9.34
C PHE H 18 16.73 19.11 9.70
N VAL H 19 17.24 20.19 9.10
CA VAL H 19 16.77 21.55 9.38
C VAL H 19 16.05 22.10 8.15
N CYS H 20 14.73 22.21 8.25
CA CYS H 20 13.89 22.51 7.12
C CYS H 20 13.59 24.00 7.00
N ASP H 21 14.29 24.65 6.06
CA ASP H 21 13.88 25.95 5.51
C ASP H 21 13.59 27.05 6.54
N LEU H 22 14.37 27.12 7.60
CA LEU H 22 14.19 28.17 8.61
C LEU H 22 14.83 29.47 8.16
N GLN H 23 14.19 30.10 7.17
CA GLN H 23 14.75 31.24 6.46
C GLN H 23 14.20 32.58 6.96
N GLU H 24 14.98 33.63 6.74
CA GLU H 24 14.74 34.96 7.30
C GLU H 24 13.35 35.54 7.00
N LYS H 25 12.84 35.30 5.79
CA LYS H 25 11.59 35.93 5.35
C LYS H 25 10.37 35.43 6.14
N PHE H 26 10.38 34.15 6.46
CA PHE H 26 9.29 33.51 7.22
C PHE H 26 9.01 34.15 8.58
N ALA H 27 9.91 35.03 9.02
CA ALA H 27 9.77 35.73 10.31
C ALA H 27 8.49 36.55 10.45
N SER H 28 7.88 36.90 9.33
CA SER H 28 6.71 37.77 9.35
C SER H 28 5.36 37.04 9.22
N ASN H 29 5.38 35.70 9.17
CA ASN H 29 4.13 34.95 8.97
C ASN H 29 3.97 33.62 9.72
N ILE H 30 5.09 33.04 10.16
CA ILE H 30 5.07 31.73 10.83
C ILE H 30 4.76 31.90 12.32
N LYS H 31 3.71 31.21 12.77
CA LYS H 31 3.35 31.23 14.19
C LYS H 31 4.50 30.70 15.04
N TYR H 32 4.85 31.46 16.07
CA TYR H 32 5.93 31.13 17.00
C TYR H 32 7.30 31.02 16.33
N PHE H 33 7.54 31.85 15.30
CA PHE H 33 8.84 31.82 14.60
C PHE H 33 10.06 32.05 15.51
N PRO H 34 10.03 33.09 16.38
CA PRO H 34 11.17 33.28 17.30
C PRO H 34 11.39 32.10 18.25
N GLU H 35 10.30 31.56 18.78
CA GLU H 35 10.34 30.38 19.67
C GLU H 35 10.95 29.19 18.94
N ILE H 36 10.50 28.95 17.72
CA ILE H 36 10.95 27.86 16.87
C ILE H 36 12.45 27.98 16.49
N ILE H 37 12.93 29.21 16.34
CA ILE H 37 14.35 29.47 16.06
C ILE H 37 15.21 29.16 17.28
N THR H 38 14.82 29.70 18.45
CA THR H 38 15.52 29.43 19.71
C THR H 38 15.68 27.92 19.94
N THR H 39 14.56 27.20 19.81
CA THR H 39 14.50 25.77 20.09
C THR H 39 15.23 24.92 19.04
N SER H 40 15.10 25.29 17.76
CA SER H 40 15.85 24.64 16.69
C SER H 40 17.36 24.79 16.90
N ARG H 41 17.78 25.94 17.43
CA ARG H 41 19.19 26.19 17.75
C ARG H 41 19.69 25.27 18.87
N ARG H 42 18.81 24.95 19.82
CA ARG H 42 19.14 23.99 20.88
C ARG H 42 19.51 22.63 20.30
N LEU H 43 18.81 22.24 19.23
CA LEU H 43 19.03 20.96 18.57
C LEU H 43 20.25 21.00 17.65
N ILE H 44 20.45 22.14 16.99
CA ILE H 44 21.68 22.42 16.23
C ILE H 44 22.89 22.23 17.16
N ASP H 45 22.81 22.85 18.34
CA ASP H 45 23.87 22.77 19.34
C ASP H 45 24.11 21.34 19.80
N ALA H 46 23.02 20.66 20.21
CA ALA H 46 23.11 19.26 20.63
C ALA H 46 23.69 18.36 19.55
N ALA H 47 23.28 18.58 18.30
CA ALA H 47 23.82 17.82 17.16
C ALA H 47 25.32 18.06 16.96
N ARG H 48 25.75 19.32 17.09
CA ARG H 48 27.17 19.69 17.00
C ARG H 48 27.96 19.08 18.15
N ILE H 49 27.40 19.16 19.36
CA ILE H 49 28.01 18.62 20.58
C ILE H 49 28.15 17.09 20.53
N LEU H 50 27.16 16.41 19.95
CA LEU H 50 27.12 14.95 19.95
C LEU H 50 27.65 14.31 18.67
N SER H 51 28.17 15.14 17.77
CA SER H 51 28.75 14.72 16.48
C SER H 51 27.71 14.10 15.53
N ILE H 52 26.46 14.50 15.70
CA ILE H 52 25.37 14.07 14.84
C ILE H 52 25.38 14.87 13.54
N PRO H 53 25.47 14.16 12.39
CA PRO H 53 25.47 14.82 11.07
C PRO H 53 24.21 15.66 10.85
N THR H 54 24.39 16.86 10.31
CA THR H 54 23.31 17.83 10.17
C THR H 54 23.15 18.29 8.73
N ILE H 55 21.90 18.24 8.25
CA ILE H 55 21.55 18.68 6.91
C ILE H 55 20.58 19.87 6.98
N VAL H 56 20.92 20.93 6.25
CA VAL H 56 20.11 22.14 6.21
C VAL H 56 19.70 22.43 4.77
N THR H 57 18.43 22.78 4.56
CA THR H 57 17.95 23.19 3.25
C THR H 57 17.39 24.61 3.27
N GLU H 58 17.28 25.19 2.08
CA GLU H 58 16.64 26.49 1.88
C GLU H 58 15.76 26.43 0.64
N GLN H 59 14.47 26.71 0.83
CA GLN H 59 13.51 26.75 -0.27
C GLN H 59 13.53 28.12 -0.94
N TYR H 60 13.79 28.14 -2.24
CA TYR H 60 13.87 29.37 -3.05
C TYR H 60 14.51 30.53 -2.28
N PRO H 61 15.82 30.41 -1.95
CA PRO H 61 16.49 31.43 -1.14
C PRO H 61 16.53 32.80 -1.82
N LYS H 62 16.32 32.80 -3.13
CA LYS H 62 16.24 34.03 -3.93
C LYS H 62 15.08 34.91 -3.48
N GLY H 63 13.94 34.29 -3.18
CA GLY H 63 12.74 35.01 -2.74
C GLY H 63 12.52 34.99 -1.24
N LEU H 64 12.92 33.90 -0.58
CA LEU H 64 12.62 33.71 0.85
C LEU H 64 13.81 33.98 1.77
N GLY H 65 14.94 34.37 1.19
CA GLY H 65 16.15 34.67 1.97
C GLY H 65 16.85 33.42 2.47
N HIS H 66 17.88 33.60 3.28
CA HIS H 66 18.68 32.48 3.78
C HIS H 66 18.36 32.14 5.24
N THR H 67 18.87 30.99 5.68
CA THR H 67 18.71 30.53 7.06
C THR H 67 19.08 31.62 8.07
N VAL H 68 18.22 31.80 9.07
CA VAL H 68 18.43 32.74 10.16
C VAL H 68 19.84 32.57 10.74
N PRO H 69 20.60 33.69 10.88
CA PRO H 69 22.02 33.62 11.27
C PRO H 69 22.30 32.87 12.56
N THR H 70 21.41 32.99 13.54
CA THR H 70 21.60 32.34 14.85
C THR H 70 21.71 30.81 14.72
N LEU H 71 20.94 30.24 13.79
CA LEU H 71 21.01 28.80 13.52
C LEU H 71 22.33 28.43 12.85
N LYS H 72 22.73 29.23 11.86
CA LYS H 72 23.97 29.01 11.11
C LYS H 72 25.21 29.09 12.01
N GLU H 73 25.17 29.98 12.99
CA GLU H 73 26.24 30.15 13.98
C GLU H 73 26.48 28.89 14.82
N GLY H 74 25.49 28.03 14.93
CA GLY H 74 25.58 26.82 15.74
C GLY H 74 25.99 25.57 15.00
N LEU H 75 25.94 25.62 13.67
CA LEU H 75 26.29 24.48 12.83
C LEU H 75 27.78 24.20 12.85
N ALA H 76 28.15 22.93 12.68
CA ALA H 76 29.55 22.53 12.51
C ALA H 76 30.12 23.20 11.24
N GLU H 77 31.44 23.42 11.24
CA GLU H 77 32.10 24.19 10.17
C GLU H 77 31.82 23.68 8.76
N ASN H 78 31.72 22.36 8.59
CA ASN H 78 31.42 21.78 7.28
C ASN H 78 30.04 21.14 7.20
N THR H 79 29.05 21.88 7.69
CA THR H 79 27.65 21.49 7.58
C THR H 79 27.13 21.96 6.23
N PRO H 80 26.56 21.03 5.44
CA PRO H 80 26.07 21.38 4.10
C PRO H 80 24.73 22.12 4.13
N ILE H 81 24.58 23.11 3.25
CA ILE H 81 23.31 23.81 3.08
C ILE H 81 22.89 23.72 1.61
N PHE H 82 21.76 23.06 1.37
CA PHE H 82 21.27 22.83 0.01
C PHE H 82 20.03 23.65 -0.28
N ASP H 83 19.99 24.28 -1.45
CA ASP H 83 18.79 24.97 -1.90
C ASP H 83 17.92 24.01 -2.70
N LYS H 84 16.61 24.25 -2.68
CA LYS H 84 15.65 23.35 -3.33
C LYS H 84 14.41 24.08 -3.82
N THR H 85 13.76 23.50 -4.83
CA THR H 85 12.45 23.93 -5.29
C THR H 85 11.40 22.88 -4.93
N LYS H 86 11.88 21.66 -4.66
CA LYS H 86 11.04 20.59 -4.13
C LYS H 86 10.78 20.88 -2.66
N PHE H 87 9.57 20.57 -2.20
CA PHE H 87 9.22 20.80 -0.81
C PHE H 87 9.98 19.88 0.14
N SER H 88 10.08 18.61 -0.22
CA SER H 88 10.80 17.63 0.58
C SER H 88 12.31 17.85 0.55
N MET H 89 12.94 17.73 1.73
CA MET H 89 14.38 17.82 1.87
C MET H 89 15.12 16.65 1.22
N CYS H 90 14.38 15.63 0.82
CA CYS H 90 14.96 14.43 0.23
C CYS H 90 15.33 14.63 -1.24
N ILE H 91 16.44 15.34 -1.44
CA ILE H 91 17.03 15.57 -2.75
C ILE H 91 18.32 14.74 -2.86
N PRO H 92 18.82 14.49 -4.09
CA PRO H 92 20.04 13.68 -4.26
C PRO H 92 21.20 13.96 -3.29
N PRO H 93 21.56 15.24 -3.05
CA PRO H 93 22.67 15.53 -2.12
C PRO H 93 22.50 15.03 -0.67
N THR H 94 21.27 14.71 -0.26
CA THR H 94 21.02 14.23 1.11
C THR H 94 21.13 12.72 1.24
N GLU H 95 21.22 12.02 0.11
CA GLU H 95 21.20 10.55 0.08
C GLU H 95 22.36 9.87 0.82
N ASP H 96 23.57 10.41 0.65
CA ASP H 96 24.76 9.85 1.31
C ASP H 96 24.62 9.79 2.84
N THR H 97 23.99 10.82 3.41
CA THR H 97 23.76 10.88 4.86
C THR H 97 22.68 9.90 5.31
N LEU H 98 21.57 9.85 4.57
CA LEU H 98 20.42 9.00 4.90
C LEU H 98 20.75 7.50 4.92
N LYS H 99 21.67 7.09 4.06
CA LYS H 99 22.10 5.69 3.97
C LYS H 99 22.97 5.27 5.17
N LYS H 100 23.47 6.26 5.90
CA LYS H 100 24.37 6.04 7.03
C LYS H 100 23.63 6.05 8.39
N VAL H 101 22.37 6.48 8.39
CA VAL H 101 21.57 6.61 9.61
C VAL H 101 20.23 5.88 9.50
N GLN H 102 19.59 5.64 10.64
CA GLN H 102 18.27 5.00 10.65
C GLN H 102 17.17 5.94 11.13
N ASN H 103 17.59 7.03 11.79
CA ASN H 103 16.67 8.01 12.37
C ASN H 103 16.97 9.41 11.87
N VAL H 104 15.91 10.19 11.61
CA VAL H 104 16.05 11.60 11.30
C VAL H 104 15.28 12.44 12.34
N ILE H 105 16.00 13.34 12.99
CA ILE H 105 15.38 14.33 13.88
C ILE H 105 15.05 15.55 13.02
N LEU H 106 13.78 15.94 13.01
CA LEU H 106 13.32 16.95 12.07
C LEU H 106 12.81 18.23 12.75
N VAL H 107 13.47 19.34 12.44
CA VAL H 107 12.98 20.67 12.80
C VAL H 107 12.74 21.50 11.54
N GLY H 108 11.96 22.57 11.68
CA GLY H 108 11.78 23.51 10.58
C GLY H 108 10.36 23.80 10.22
N ILE H 109 10.17 24.46 9.07
CA ILE H 109 8.88 25.04 8.75
C ILE H 109 8.34 24.68 7.38
N GLU H 110 7.04 24.97 7.23
CA GLU H 110 6.15 24.34 6.29
C GLU H 110 5.87 22.97 6.92
N ALA H 111 5.38 22.98 8.16
CA ALA H 111 5.04 21.75 8.90
C ALA H 111 4.15 20.83 8.10
N HIS H 112 3.16 21.41 7.43
CA HIS H 112 2.20 20.72 6.59
C HIS H 112 2.66 20.65 5.13
N VAL H 113 3.83 21.22 4.85
CA VAL H 113 4.37 21.27 3.48
C VAL H 113 5.74 20.59 3.44
N CYS H 114 6.80 21.37 3.58
CA CYS H 114 8.16 20.85 3.46
C CYS H 114 8.53 19.81 4.53
N VAL H 115 8.09 20.06 5.76
CA VAL H 115 8.30 19.13 6.88
C VAL H 115 7.47 17.85 6.71
N LEU H 116 6.20 18.00 6.33
CA LEU H 116 5.32 16.84 6.11
C LEU H 116 5.79 15.99 4.92
N GLN H 117 6.13 16.66 3.81
CA GLN H 117 6.60 15.97 2.61
C GLN H 117 7.94 15.28 2.81
N THR H 118 8.84 15.93 3.55
CA THR H 118 10.11 15.33 3.96
C THR H 118 9.85 14.05 4.76
N THR H 119 8.97 14.15 5.75
CA THR H 119 8.58 13.02 6.61
C THR H 119 8.06 11.82 5.81
N TYR H 120 7.15 12.09 4.88
CA TYR H 120 6.60 11.04 4.01
C TYR H 120 7.68 10.33 3.18
N ASP H 121 8.60 11.11 2.60
CA ASP H 121 9.71 10.56 1.83
C ASP H 121 10.63 9.68 2.68
N LEU H 122 10.96 10.15 3.88
CA LEU H 122 11.87 9.43 4.77
C LEU H 122 11.29 8.12 5.27
N LEU H 123 10.02 8.16 5.69
CA LEU H 123 9.30 6.96 6.12
C LEU H 123 9.14 5.96 4.98
N GLU H 124 8.91 6.48 3.78
CA GLU H 124 8.84 5.70 2.54
C GLU H 124 10.15 4.95 2.31
N ARG H 125 11.26 5.64 2.53
CA ARG H 125 12.60 5.10 2.32
C ARG H 125 13.01 4.10 3.41
N GLY H 126 12.29 4.09 4.53
CA GLY H 126 12.55 3.15 5.62
C GLY H 126 13.15 3.74 6.87
N LEU H 127 13.33 5.06 6.89
CA LEU H 127 13.87 5.76 8.06
C LEU H 127 12.79 6.07 9.10
N ASN H 128 13.20 6.10 10.37
CA ASN H 128 12.33 6.58 11.46
C ASN H 128 12.44 8.09 11.57
N VAL H 129 11.30 8.77 11.68
CA VAL H 129 11.27 10.23 11.71
C VAL H 129 10.81 10.73 13.08
N HIS H 130 11.67 11.52 13.71
CA HIS H 130 11.37 12.11 15.02
C HIS H 130 11.13 13.60 14.88
N VAL H 131 9.85 13.99 14.92
CA VAL H 131 9.46 15.37 14.69
C VAL H 131 9.47 16.17 16.00
N VAL H 132 10.29 17.21 16.03
CA VAL H 132 10.42 18.07 17.20
C VAL H 132 9.34 19.13 17.14
N VAL H 133 8.19 18.83 17.73
CA VAL H 133 6.99 19.65 17.61
C VAL H 133 7.15 21.08 18.14
N ASP H 134 8.01 21.27 19.14
CA ASP H 134 8.28 22.60 19.70
C ASP H 134 9.34 23.38 18.91
N ALA H 135 9.72 22.82 17.74
CA ALA H 135 10.64 23.47 16.81
C ALA H 135 10.12 23.36 15.38
N VAL H 136 8.82 23.06 15.25
CA VAL H 136 8.17 22.92 13.95
C VAL H 136 6.85 23.69 13.97
N SER H 137 6.62 24.51 12.94
CA SER H 137 5.43 25.34 12.88
C SER H 137 4.99 25.68 11.45
N SER H 138 3.87 26.37 11.36
CA SER H 138 3.27 26.80 10.10
C SER H 138 2.72 28.22 10.24
N ARG H 139 2.27 28.80 9.14
CA ARG H 139 1.59 30.09 9.16
C ARG H 139 0.21 29.96 9.81
N SER H 140 -0.43 28.83 9.59
CA SER H 140 -1.74 28.53 10.17
C SER H 140 -1.62 27.55 11.33
N HIS H 141 -2.24 27.91 12.45
CA HIS H 141 -2.35 27.01 13.61
C HIS H 141 -2.99 25.67 13.24
N THR H 142 -3.98 25.72 12.35
CA THR H 142 -4.71 24.53 11.91
C THR H 142 -3.84 23.63 11.02
N ASP H 143 -3.14 24.23 10.05
CA ASP H 143 -2.20 23.50 9.21
C ASP H 143 -1.13 22.76 10.03
N ARG H 144 -0.60 23.43 11.05
CA ARG H 144 0.39 22.85 11.95
C ARG H 144 -0.17 21.70 12.81
N HIS H 145 -1.36 21.92 13.38
CA HIS H 145 -2.06 20.94 14.22
C HIS H 145 -2.30 19.63 13.48
N PHE H 146 -2.81 19.72 12.24
CA PHE H 146 -3.12 18.52 11.48
C PHE H 146 -1.92 17.93 10.73
N ALA H 147 -0.88 18.73 10.53
CA ALA H 147 0.41 18.23 10.02
C ALA H 147 0.97 17.19 10.98
N PHE H 148 0.98 17.54 12.26
CA PHE H 148 1.46 16.62 13.30
C PHE H 148 0.64 15.33 13.34
N LYS H 149 -0.68 15.45 13.22
CA LYS H 149 -1.56 14.28 13.15
C LYS H 149 -1.24 13.38 11.97
N GLN H 150 -1.07 13.99 10.78
CA GLN H 150 -0.74 13.26 9.55
C GLN H 150 0.59 12.52 9.68
N MET H 151 1.60 13.20 10.23
CA MET H 151 2.92 12.60 10.45
C MET H 151 2.84 11.41 11.39
N GLU H 152 2.13 11.59 12.51
CA GLU H 152 1.90 10.51 13.47
C GLU H 152 1.15 9.34 12.83
N GLN H 153 0.08 9.64 12.10
CA GLN H 153 -0.68 8.63 11.33
C GLN H 153 0.25 7.79 10.45
N ALA H 154 1.22 8.45 9.82
CA ALA H 154 2.17 7.80 8.92
C ALA H 154 3.27 7.03 9.65
N GLY H 155 3.41 7.29 10.95
CA GLY H 155 4.37 6.55 11.77
C GLY H 155 5.52 7.38 12.33
N ALA H 156 5.52 8.68 12.06
CA ALA H 156 6.50 9.59 12.66
C ALA H 156 6.23 9.76 14.16
N ILE H 157 7.30 9.92 14.93
CA ILE H 157 7.21 10.12 16.37
C ILE H 157 7.13 11.62 16.66
N LEU H 158 6.10 12.01 17.40
CA LEU H 158 5.90 13.41 17.78
C LEU H 158 6.58 13.68 19.12
N THR H 159 7.78 14.22 19.05
CA THR H 159 8.62 14.40 20.23
C THR H 159 8.87 15.88 20.52
N THR H 160 9.52 16.17 21.65
CA THR H 160 9.88 17.53 22.01
C THR H 160 11.39 17.67 22.15
N SER H 161 11.88 18.90 22.10
CA SER H 161 13.31 19.17 22.08
C SER H 161 14.07 18.61 23.28
N GLU H 162 13.50 18.74 24.47
CA GLU H 162 14.15 18.27 25.68
C GLU H 162 14.09 16.74 25.80
N ALA H 163 13.00 16.14 25.32
CA ALA H 163 12.92 14.68 25.24
C ALA H 163 13.98 14.13 24.29
N THR H 164 14.16 14.80 23.14
CA THR H 164 15.11 14.38 22.12
C THR H 164 16.55 14.48 22.63
N ILE H 165 16.92 15.65 23.16
CA ILE H 165 18.27 15.91 23.65
C ILE H 165 18.69 14.91 24.75
N LEU H 166 17.81 14.70 25.71
CA LEU H 166 18.09 13.78 26.82
C LEU H 166 17.96 12.30 26.45
N GLY H 167 17.13 12.01 25.46
CA GLY H 167 16.99 10.66 24.92
C GLY H 167 18.24 10.20 24.17
N LEU H 168 18.93 11.16 23.56
CA LEU H 168 20.17 10.91 22.81
C LEU H 168 21.34 10.49 23.72
N VAL H 169 21.34 10.97 24.97
CA VAL H 169 22.42 10.67 25.91
C VAL H 169 22.11 9.53 26.88
N GLY H 170 20.82 9.32 27.15
CA GLY H 170 20.34 8.14 27.89
C GLY H 170 20.52 8.15 29.40
N GLY H 171 21.48 8.91 29.90
CA GLY H 171 21.75 9.00 31.33
C GLY H 171 22.60 10.20 31.69
N SER H 172 22.62 10.54 32.97
CA SER H 172 23.40 11.69 33.45
C SER H 172 24.91 11.43 33.50
N ASP H 173 25.33 10.16 33.39
CA ASP H 173 26.75 9.80 33.36
C ASP H 173 27.35 9.80 31.96
N HIS H 174 26.52 10.01 30.93
CA HIS H 174 27.01 10.15 29.56
C HIS H 174 28.06 11.27 29.52
N PRO H 175 29.21 11.03 28.84
CA PRO H 175 30.32 11.99 28.85
C PRO H 175 29.95 13.40 28.36
N LYS H 176 28.89 13.50 27.58
CA LYS H 176 28.45 14.77 27.01
C LYS H 176 27.19 15.33 27.67
N PHE H 177 26.77 14.72 28.79
CA PHE H 177 25.55 15.14 29.49
C PHE H 177 25.62 16.58 30.01
N LYS H 178 26.76 16.94 30.61
CA LYS H 178 26.95 18.30 31.14
C LYS H 178 26.84 19.38 30.06
N GLU H 179 27.34 19.06 28.87
CA GLU H 179 27.28 19.98 27.73
C GLU H 179 25.85 20.14 27.21
N VAL H 180 25.13 19.03 27.03
CA VAL H 180 23.75 19.09 26.53
C VAL H 180 22.77 19.63 27.58
N GLN H 181 23.11 19.44 28.85
CA GLN H 181 22.31 19.92 29.97
C GLN H 181 22.20 21.45 29.99
N LYS H 182 23.26 22.13 29.59
CA LYS H 182 23.28 23.59 29.53
C LYS H 182 22.26 24.14 28.54
N LEU H 183 22.02 23.38 27.48
CA LEU H 183 21.06 23.75 26.43
C LEU H 183 19.61 23.69 26.92
N ILE H 184 19.35 22.80 27.87
CA ILE H 184 17.99 22.58 28.38
C ILE H 184 17.77 23.14 29.79
N LEU H 185 18.70 23.99 30.25
CA LEU H 185 18.59 24.64 31.57
C LEU H 185 17.24 25.29 31.82
N THR H 186 16.73 26.03 30.82
CA THR H 186 15.38 26.53 30.89
C THR H 186 14.54 25.76 29.88
N SER H 187 13.27 25.55 30.24
CA SER H 187 12.33 24.87 29.36
C SER H 187 12.21 25.60 28.04
N ALA H 188 12.01 24.84 26.97
CA ALA H 188 11.79 25.40 25.65
C ALA H 188 10.56 26.28 25.68
N PRO H 189 10.63 27.47 25.04
CA PRO H 189 9.51 28.41 25.05
C PRO H 189 8.21 27.80 24.52
N ASP H 190 7.10 28.18 25.15
CA ASP H 190 5.77 27.69 24.78
C ASP H 190 5.40 28.03 23.35
N THR H 191 4.78 27.08 22.66
CA THR H 191 4.31 27.29 21.29
C THR H 191 2.83 26.89 21.16
N GLY H 192 2.07 27.13 22.23
CA GLY H 192 0.61 26.98 22.20
C GLY H 192 0.11 25.60 21.84
N LEU H 193 0.86 24.58 22.26
CA LEU H 193 0.53 23.19 21.91
C LEU H 193 -0.33 22.50 22.96
N VAL H 194 -0.46 23.10 24.13
CA VAL H 194 -1.21 22.50 25.24
C VAL H 194 -2.55 23.20 25.46
N PRO H 195 -3.66 22.45 25.35
CA PRO H 195 -4.99 23.06 25.49
C PRO H 195 -5.18 23.66 26.88
N LEU H 196 -5.80 24.84 26.93
CA LEU H 196 -6.27 25.37 28.21
C LEU H 196 -7.23 24.36 28.85
N SER H 197 -7.11 24.20 30.15
CA SER H 197 -7.82 23.14 30.86
C SER H 197 -9.12 23.61 31.50
N LYS H 198 -9.96 22.65 31.89
CA LYS H 198 -11.17 22.95 32.65
C LYS H 198 -11.20 22.20 33.99
N LEU H 199 -12.06 22.66 34.89
CA LEU H 199 -12.23 22.07 36.22
C LEU H 199 -13.46 21.16 36.27
#